data_4NE0
#
_entry.id   4NE0
#
_cell.length_a   67.861
_cell.length_b   117.330
_cell.length_c   95.815
_cell.angle_alpha   90.00
_cell.angle_beta   91.33
_cell.angle_gamma   90.00
#
_symmetry.space_group_name_H-M   'P 1 21 1'
#
loop_
_entity.id
_entity.type
_entity.pdbx_description
1 polymer 'L-arginine beta-hydroxylase'
2 non-polymer 'FE (III) ION'
3 non-polymer 'SUCCINIC ACID'
4 non-polymer (2S,3S)-3-HYDROXYARGININE
5 water water
#
_entity_poly.entity_id   1
_entity_poly.type   'polypeptide(L)'
_entity_poly.pdbx_seq_one_letter_code
;MGSSHHHHHHSSGLVPRGSHMSNLTDQSTPSYSLTPAEASAVAELTLELAAAYGSFGDPVLLRDLPRLAARLPEGVQDFL
REFKLADRHGHTVIRGHDFDQRRIGPTPDHWRGRVRPGPEFPEELLLMLYSALLGEPFGWATQQDGHLVHDIFPIRSHEN
DQLGMGSKQLLTWHTEAAFHPYRSDYLILGALRNPDHVPTTVGELDLSSLSAEDIDVLFEPRYHIAPDESHLPKNNTIAT
EEEAARFATIQRMIDERPLGPLLYGSRLDPYMRLDPYFTSVPQDDTDARRAYDALFKVVDSGMREVVADQGDVLFIDNHR
AVHGRLPFQARYDGTDRWLKRVCVTSDLRRSREMRATSATRLLG
;
_entity_poly.pdbx_strand_id   A,B,C,D
#
loop_
_chem_comp.id
_chem_comp.type
_chem_comp.name
_chem_comp.formula
FE non-polymer 'FE (III) ION' 'Fe 3'
SIN non-polymer 'SUCCINIC ACID' 'C4 H6 O4'
#
# COMPACT_ATOMS: atom_id res chain seq x y z
N SER A 28 -30.99 4.66 34.66
CA SER A 28 -31.78 4.52 33.39
C SER A 28 -30.88 3.81 32.34
N THR A 29 -30.85 4.34 31.12
CA THR A 29 -30.08 3.71 30.04
C THR A 29 -28.76 4.42 29.86
N PRO A 30 -27.68 3.66 29.71
CA PRO A 30 -26.34 4.21 29.73
C PRO A 30 -26.09 5.09 28.52
N SER A 31 -25.22 6.09 28.71
CA SER A 31 -24.70 6.90 27.61
C SER A 31 -23.26 7.16 27.90
N TYR A 32 -22.57 7.71 26.92
CA TYR A 32 -21.18 8.06 27.06
C TYR A 32 -21.09 9.48 26.72
N SER A 33 -20.54 10.25 27.66
CA SER A 33 -20.24 11.63 27.41
C SER A 33 -18.75 11.81 27.10
N LEU A 34 -18.41 12.22 25.87
CA LEU A 34 -16.99 12.50 25.49
C LEU A 34 -16.36 13.69 26.27
N THR A 35 -15.15 13.50 26.81
CA THR A 35 -14.34 14.64 27.27
C THR A 35 -13.98 15.45 26.04
N PRO A 36 -13.63 16.74 26.25
CA PRO A 36 -13.19 17.56 25.13
C PRO A 36 -11.96 17.00 24.39
N ALA A 37 -11.04 16.35 25.10
CA ALA A 37 -9.96 15.59 24.46
C ALA A 37 -10.46 14.49 23.56
N GLU A 38 -11.44 13.71 24.03
CA GLU A 38 -11.97 12.66 23.21
C GLU A 38 -12.67 13.24 21.98
N ALA A 39 -13.49 14.28 22.21
CA ALA A 39 -14.20 14.95 21.09
C ALA A 39 -13.21 15.42 20.05
N SER A 40 -12.05 15.89 20.51
CA SER A 40 -11.07 16.47 19.62
C SER A 40 -10.33 15.40 18.82
N ALA A 41 -10.00 14.29 19.51
CA ALA A 41 -9.37 13.14 18.84
C ALA A 41 -10.32 12.54 17.77
N VAL A 42 -11.62 12.46 18.06
CA VAL A 42 -12.60 11.95 17.06
C VAL A 42 -12.68 12.84 15.79
N ALA A 43 -12.93 14.12 16.05
CA ALA A 43 -12.92 15.14 15.02
C ALA A 43 -11.66 15.12 14.12
N GLU A 44 -10.48 15.11 14.73
CA GLU A 44 -9.23 14.98 14.01
C GLU A 44 -9.15 13.74 13.15
N LEU A 45 -9.49 12.56 13.71
CA LEU A 45 -9.53 11.30 12.92
C LEU A 45 -10.44 11.47 11.68
N THR A 46 -11.60 11.98 11.94
CA THR A 46 -12.64 12.12 11.02
C THR A 46 -12.21 13.07 9.87
N LEU A 47 -11.54 14.17 10.20
CA LEU A 47 -11.02 15.04 9.12
C LEU A 47 -9.90 14.37 8.34
N GLU A 48 -9.00 13.66 9.03
CA GLU A 48 -7.90 12.96 8.32
C GLU A 48 -8.47 11.96 7.30
N LEU A 49 -9.45 11.16 7.72
CA LEU A 49 -10.07 10.21 6.82
C LEU A 49 -10.87 10.82 5.72
N ALA A 50 -11.53 11.96 5.96
CA ALA A 50 -12.26 12.58 4.88
C ALA A 50 -11.30 12.99 3.80
N ALA A 51 -10.10 13.39 4.19
CA ALA A 51 -9.18 13.94 3.22
C ALA A 51 -8.44 12.82 2.49
N ALA A 52 -8.19 11.68 3.15
CA ALA A 52 -7.44 10.56 2.58
C ALA A 52 -8.28 9.73 1.64
N TYR A 53 -9.57 9.63 1.88
CA TYR A 53 -10.49 8.83 1.05
C TYR A 53 -11.37 9.75 0.15
N GLY A 54 -11.75 9.29 -1.03
CA GLY A 54 -12.44 10.22 -1.98
C GLY A 54 -13.93 10.40 -1.70
N SER A 55 -14.63 9.27 -1.65
CA SER A 55 -16.07 9.25 -1.41
C SER A 55 -16.36 7.92 -0.76
N PHE A 56 -17.63 7.65 -0.51
CA PHE A 56 -18.07 6.33 -0.13
C PHE A 56 -18.12 5.35 -1.31
N GLY A 57 -18.04 5.90 -2.53
CA GLY A 57 -17.96 5.06 -3.72
C GLY A 57 -16.62 4.33 -3.85
N ASP A 58 -15.69 4.64 -2.95
CA ASP A 58 -14.39 3.99 -2.92
C ASP A 58 -14.47 2.67 -2.09
N PRO A 59 -14.23 1.51 -2.74
CA PRO A 59 -14.48 0.23 -2.08
C PRO A 59 -13.45 -0.03 -1.01
N VAL A 60 -12.32 0.67 -1.12
CA VAL A 60 -11.26 0.53 -0.14
C VAL A 60 -11.77 1.10 1.20
N LEU A 61 -12.59 2.13 1.15
CA LEU A 61 -13.09 2.73 2.40
C LEU A 61 -13.88 1.71 3.16
N LEU A 62 -14.78 1.04 2.42
CA LEU A 62 -15.70 0.08 2.99
C LEU A 62 -14.93 -1.06 3.57
N ARG A 63 -13.90 -1.50 2.85
CA ARG A 63 -13.05 -2.51 3.33
C ARG A 63 -12.33 -2.08 4.60
N ASP A 64 -11.82 -0.84 4.70
CA ASP A 64 -10.97 -0.49 5.86
C ASP A 64 -11.76 -0.10 7.13
N LEU A 65 -13.06 0.15 6.99
CA LEU A 65 -13.87 0.65 8.09
C LEU A 65 -13.58 0.07 9.51
N PRO A 66 -13.72 -1.25 9.72
CA PRO A 66 -13.50 -1.73 11.08
C PRO A 66 -12.08 -1.45 11.59
N ARG A 67 -11.07 -1.51 10.71
CA ARG A 67 -9.69 -1.22 11.12
C ARG A 67 -9.56 0.27 11.44
N LEU A 68 -10.22 1.09 10.66
CA LEU A 68 -10.22 2.52 10.96
C LEU A 68 -11.00 2.85 12.23
N ALA A 69 -12.10 2.15 12.48
CA ALA A 69 -12.91 2.41 13.70
C ALA A 69 -12.08 2.05 14.96
N ALA A 70 -11.03 1.23 14.80
CA ALA A 70 -10.14 0.92 15.93
C ALA A 70 -9.17 2.04 16.18
N ARG A 71 -9.22 3.17 15.45
CA ARG A 71 -8.41 4.32 15.87
C ARG A 71 -9.25 5.29 16.70
N LEU A 72 -10.54 5.03 16.86
CA LEU A 72 -11.38 5.82 17.79
C LEU A 72 -10.91 5.69 19.26
N PRO A 73 -11.21 6.68 20.12
CA PRO A 73 -10.83 6.54 21.57
C PRO A 73 -11.26 5.22 22.08
N GLU A 74 -10.38 4.58 22.83
CA GLU A 74 -10.67 3.21 23.27
C GLU A 74 -11.87 3.17 24.20
N GLY A 75 -12.09 4.25 24.98
CA GLY A 75 -13.26 4.22 25.89
C GLY A 75 -14.54 4.11 25.06
N VAL A 76 -14.62 4.87 23.98
CA VAL A 76 -15.79 4.82 23.03
C VAL A 76 -15.92 3.44 22.40
N GLN A 77 -14.82 2.85 21.89
CA GLN A 77 -14.92 1.44 21.41
C GLN A 77 -15.36 0.45 22.53
N ASP A 78 -14.80 0.51 23.76
CA ASP A 78 -15.24 -0.43 24.83
C ASP A 78 -16.72 -0.25 25.12
N PHE A 79 -17.15 0.99 25.18
CA PHE A 79 -18.55 1.29 25.48
C PHE A 79 -19.53 0.71 24.48
N LEU A 80 -19.29 0.91 23.18
CA LEU A 80 -20.20 0.33 22.16
C LEU A 80 -20.15 -1.18 22.19
N ARG A 81 -18.97 -1.72 22.37
CA ARG A 81 -18.84 -3.15 22.42
C ARG A 81 -19.65 -3.73 23.58
N GLU A 82 -19.60 -3.10 24.72
CA GLU A 82 -20.44 -3.55 25.88
C GLU A 82 -21.91 -3.45 25.61
N PHE A 83 -22.32 -2.33 25.03
CA PHE A 83 -23.70 -2.17 24.56
C PHE A 83 -24.11 -3.30 23.59
N LYS A 84 -23.31 -3.52 22.54
CA LYS A 84 -23.59 -4.63 21.62
C LYS A 84 -23.65 -5.98 22.32
N LEU A 85 -22.61 -6.31 23.07
CA LEU A 85 -22.58 -7.64 23.70
C LEU A 85 -23.64 -7.78 24.81
N ALA A 86 -23.96 -6.72 25.53
CA ALA A 86 -24.90 -6.86 26.70
C ALA A 86 -26.29 -7.27 26.20
N ASP A 87 -26.65 -6.80 25.01
CA ASP A 87 -27.95 -7.13 24.36
C ASP A 87 -29.07 -7.02 25.39
N ARG A 88 -29.16 -5.87 26.02
CA ARG A 88 -30.04 -5.55 27.16
C ARG A 88 -30.80 -4.24 26.92
N HIS A 89 -30.12 -3.12 26.83
CA HIS A 89 -30.76 -1.82 26.49
C HIS A 89 -31.07 -1.64 25.00
N GLY A 90 -32.17 -0.98 24.70
CA GLY A 90 -32.62 -0.77 23.33
C GLY A 90 -32.03 0.43 22.59
N HIS A 91 -31.26 1.23 23.32
CA HIS A 91 -30.63 2.41 22.74
C HIS A 91 -29.59 2.92 23.67
N THR A 92 -28.73 3.77 23.15
CA THR A 92 -27.64 4.42 23.87
C THR A 92 -27.26 5.61 23.00
N VAL A 93 -26.49 6.51 23.60
CA VAL A 93 -26.14 7.80 23.00
C VAL A 93 -24.75 8.11 23.35
N ILE A 94 -24.04 8.58 22.35
CA ILE A 94 -22.72 9.14 22.61
C ILE A 94 -22.80 10.65 22.38
N ARG A 95 -22.54 11.40 23.46
CA ARG A 95 -22.76 12.85 23.51
C ARG A 95 -21.41 13.58 23.49
N GLY A 96 -21.46 14.84 23.07
CA GLY A 96 -20.31 15.74 23.10
C GLY A 96 -19.36 15.72 21.91
N HIS A 97 -19.78 15.22 20.75
CA HIS A 97 -18.92 15.35 19.54
C HIS A 97 -18.74 16.78 19.17
N ASP A 98 -17.64 17.10 18.52
CA ASP A 98 -17.50 18.39 18.01
C ASP A 98 -17.84 18.34 16.50
N PHE A 99 -18.99 18.90 16.15
CA PHE A 99 -19.43 19.00 14.80
C PHE A 99 -19.35 20.47 14.40
N ASP A 100 -18.31 20.77 13.66
CA ASP A 100 -17.91 22.12 13.31
C ASP A 100 -18.94 22.75 12.40
N GLN A 101 -19.77 23.61 12.98
CA GLN A 101 -20.88 24.29 12.21
C GLN A 101 -20.47 25.10 10.99
N ARG A 102 -19.41 25.86 11.10
CA ARG A 102 -18.95 26.64 9.99
C ARG A 102 -18.51 25.79 8.80
N ARG A 103 -17.82 24.68 9.09
CA ARG A 103 -17.39 23.70 8.09
C ARG A 103 -18.61 22.95 7.49
N ILE A 104 -19.45 22.42 8.36
CA ILE A 104 -20.65 21.70 7.90
C ILE A 104 -21.53 22.49 6.92
N GLY A 105 -21.74 23.78 7.18
CA GLY A 105 -22.56 24.62 6.32
C GLY A 105 -24.08 24.53 6.52
N PRO A 106 -24.85 25.19 5.61
CA PRO A 106 -26.33 25.15 5.65
C PRO A 106 -26.97 23.75 5.42
N THR A 107 -28.05 23.48 6.13
CA THR A 107 -28.86 22.31 5.97
C THR A 107 -29.37 22.43 4.55
N PRO A 108 -29.30 21.37 3.77
CA PRO A 108 -29.66 21.55 2.34
C PRO A 108 -31.21 21.62 2.12
N ASP A 109 -31.61 22.11 0.95
CA ASP A 109 -33.00 22.15 0.53
C ASP A 109 -33.48 20.79 0.13
N HIS A 110 -32.57 19.98 -0.42
CA HIS A 110 -32.95 18.68 -0.89
C HIS A 110 -31.81 17.72 -0.85
N TRP A 111 -32.06 16.41 -0.77
CA TRP A 111 -30.96 15.46 -0.88
C TRP A 111 -30.58 15.28 -2.32
N ARG A 112 -31.50 15.50 -3.25
CA ARG A 112 -31.19 15.31 -4.65
C ARG A 112 -30.37 16.46 -5.18
N GLY A 113 -29.43 16.14 -6.04
CA GLY A 113 -28.60 17.16 -6.71
C GLY A 113 -27.37 17.69 -5.99
N ARG A 114 -27.13 17.32 -4.74
CA ARG A 114 -25.93 17.77 -3.98
C ARG A 114 -24.66 17.14 -4.50
N VAL A 115 -23.56 17.86 -4.37
CA VAL A 115 -22.25 17.27 -4.62
C VAL A 115 -21.95 16.30 -3.48
N ARG A 116 -21.49 15.13 -3.88
CA ARG A 116 -21.05 14.05 -3.02
C ARG A 116 -19.55 13.91 -3.10
N PRO A 117 -18.87 13.86 -1.94
CA PRO A 117 -19.47 14.04 -0.63
C PRO A 117 -19.61 15.51 -0.28
N GLY A 118 -20.54 15.85 0.60
CA GLY A 118 -20.65 17.26 1.02
C GLY A 118 -19.50 17.67 1.94
N PRO A 119 -19.56 18.88 2.46
CA PRO A 119 -18.53 19.28 3.44
C PRO A 119 -18.75 18.57 4.82
N GLU A 120 -19.92 17.95 5.01
CA GLU A 120 -20.16 17.15 6.20
C GLU A 120 -19.66 15.68 6.10
N PHE A 121 -18.90 15.35 5.04
CA PHE A 121 -18.26 14.05 4.87
C PHE A 121 -17.59 13.52 6.16
N PRO A 122 -16.87 14.37 6.93
CA PRO A 122 -16.30 13.79 8.18
C PRO A 122 -17.36 13.21 9.09
N GLU A 123 -18.52 13.84 9.20
CA GLU A 123 -19.61 13.31 10.08
C GLU A 123 -20.24 11.98 9.59
N GLU A 124 -20.28 11.82 8.30
CA GLU A 124 -20.81 10.66 7.62
C GLU A 124 -19.81 9.49 7.84
N LEU A 125 -18.53 9.83 7.76
CA LEU A 125 -17.46 8.88 8.05
C LEU A 125 -17.51 8.41 9.52
N LEU A 126 -17.71 9.37 10.42
CA LEU A 126 -18.00 9.05 11.80
C LEU A 126 -19.02 7.97 11.97
N LEU A 127 -20.20 8.19 11.42
CA LEU A 127 -21.26 7.21 11.49
C LEU A 127 -20.94 5.88 10.83
N MET A 128 -20.15 5.88 9.76
CA MET A 128 -19.71 4.65 9.15
C MET A 128 -18.73 3.87 10.04
N LEU A 129 -17.81 4.57 10.70
CA LEU A 129 -16.95 3.95 11.72
C LEU A 129 -17.76 3.34 12.83
N TYR A 130 -18.71 4.06 13.41
CA TYR A 130 -19.60 3.43 14.39
C TYR A 130 -20.34 2.22 13.87
N SER A 131 -20.81 2.29 12.62
CA SER A 131 -21.56 1.18 12.09
C SER A 131 -20.66 -0.03 11.98
N ALA A 132 -19.35 0.17 11.71
CA ALA A 132 -18.45 -0.98 11.62
C ALA A 132 -18.11 -1.58 13.01
N LEU A 133 -18.24 -0.80 14.07
CA LEU A 133 -18.09 -1.38 15.42
C LEU A 133 -19.29 -2.29 15.67
N LEU A 134 -20.47 -1.97 15.15
CA LEU A 134 -21.62 -2.76 15.47
C LEU A 134 -21.93 -3.83 14.47
N GLY A 135 -21.60 -3.68 13.17
CA GLY A 135 -21.78 -4.75 12.24
C GLY A 135 -21.35 -4.27 10.86
N GLU A 136 -22.30 -4.21 9.91
CA GLU A 136 -21.96 -3.71 8.55
C GLU A 136 -22.96 -2.67 8.10
N PRO A 137 -22.47 -1.53 7.65
CA PRO A 137 -23.47 -0.61 7.12
C PRO A 137 -24.13 -1.19 5.81
N PHE A 138 -25.42 -0.93 5.60
CA PHE A 138 -26.10 -1.31 4.36
C PHE A 138 -27.23 -0.29 4.18
N GLY A 139 -27.85 -0.33 3.00
CA GLY A 139 -28.93 0.59 2.69
C GLY A 139 -30.01 -0.02 1.79
N TRP A 140 -31.05 0.77 1.56
CA TRP A 140 -32.15 0.31 0.74
C TRP A 140 -32.01 0.99 -0.58
N ALA A 141 -31.91 0.24 -1.69
CA ALA A 141 -31.90 0.82 -3.05
C ALA A 141 -32.93 1.91 -3.33
N THR A 142 -34.09 1.85 -2.67
CA THR A 142 -35.18 2.81 -2.92
C THR A 142 -34.99 4.08 -2.09
N GLN A 143 -34.13 4.01 -1.07
CA GLN A 143 -33.98 5.13 -0.12
C GLN A 143 -32.80 6.09 -0.47
N GLN A 144 -33.17 7.27 -0.94
CA GLN A 144 -32.21 8.33 -1.31
C GLN A 144 -31.10 7.81 -2.21
N ASP A 145 -31.48 7.08 -3.25
CA ASP A 145 -30.50 6.57 -4.22
C ASP A 145 -29.51 5.56 -3.56
N GLY A 146 -29.85 5.02 -2.39
CA GLY A 146 -29.00 4.02 -1.76
C GLY A 146 -27.71 4.51 -1.08
N HIS A 147 -27.61 5.80 -0.86
CA HIS A 147 -26.55 6.38 -0.03
C HIS A 147 -26.53 5.64 1.28
N LEU A 148 -25.40 5.10 1.65
CA LEU A 148 -25.29 4.37 2.90
C LEU A 148 -25.64 5.24 4.10
N VAL A 149 -25.13 6.46 4.11
CA VAL A 149 -25.42 7.42 5.18
C VAL A 149 -26.42 8.32 4.53
N HIS A 150 -27.64 8.38 5.06
CA HIS A 150 -28.65 9.23 4.39
C HIS A 150 -29.03 10.41 5.24
N ASP A 151 -29.89 11.24 4.69
CA ASP A 151 -30.15 12.54 5.25
C ASP A 151 -31.51 12.57 5.90
N ILE A 152 -31.60 13.24 7.03
CA ILE A 152 -32.86 13.51 7.68
C ILE A 152 -32.91 15.06 7.92
N PHE A 153 -33.67 15.76 7.09
CA PHE A 153 -33.91 17.23 7.16
C PHE A 153 -35.22 17.56 6.41
N PRO A 154 -35.83 18.75 6.62
CA PRO A 154 -37.15 19.05 6.00
C PRO A 154 -37.05 19.48 4.58
N ILE A 155 -37.80 18.83 3.70
CA ILE A 155 -37.90 19.29 2.33
C ILE A 155 -39.28 19.90 2.22
N ARG A 156 -39.35 21.16 1.77
CA ARG A 156 -40.65 21.84 1.67
C ARG A 156 -41.63 20.95 0.91
N SER A 157 -41.24 20.49 -0.30
CA SER A 157 -42.08 19.58 -1.13
C SER A 157 -42.55 18.27 -0.49
N HIS A 158 -41.97 17.88 0.65
CA HIS A 158 -42.32 16.65 1.34
C HIS A 158 -42.98 17.00 2.63
N GLU A 159 -43.45 18.23 2.74
CA GLU A 159 -43.92 18.76 4.02
C GLU A 159 -45.10 17.97 4.59
N ASN A 160 -45.97 17.47 3.70
CA ASN A 160 -47.20 16.74 4.09
C ASN A 160 -47.11 15.23 4.30
N ASP A 161 -45.90 14.69 4.29
CA ASP A 161 -45.72 13.24 4.31
C ASP A 161 -45.26 12.75 5.67
N GLN A 162 -45.53 11.48 5.99
CA GLN A 162 -45.12 10.89 7.26
C GLN A 162 -43.85 10.05 7.09
N LEU A 163 -42.70 10.68 7.32
CA LEU A 163 -41.41 10.04 7.09
C LEU A 163 -40.24 10.83 7.69
N GLY A 164 -39.04 10.62 7.13
CA GLY A 164 -37.81 11.24 7.61
C GLY A 164 -37.74 12.70 7.23
N MET A 165 -37.80 12.97 5.91
CA MET A 165 -37.77 14.34 5.35
C MET A 165 -39.02 15.18 5.63
N GLY A 166 -39.94 14.66 6.45
CA GLY A 166 -41.16 15.35 6.85
C GLY A 166 -40.89 16.42 7.90
N SER A 167 -41.94 16.81 8.63
CA SER A 167 -41.84 17.90 9.63
C SER A 167 -43.11 18.10 10.46
N LYS A 168 -44.18 18.58 9.80
CA LYS A 168 -45.49 18.88 10.41
C LYS A 168 -46.19 17.65 10.98
N GLN A 169 -46.09 16.53 10.25
CA GLN A 169 -46.75 15.27 10.62
C GLN A 169 -45.94 14.56 11.70
N LEU A 170 -46.65 14.12 12.75
CA LEU A 170 -46.13 13.19 13.76
C LEU A 170 -45.65 11.94 13.06
N LEU A 171 -44.43 11.52 13.33
CA LEU A 171 -43.97 10.25 12.79
C LEU A 171 -44.14 9.26 13.94
N THR A 172 -45.23 8.46 13.90
CA THR A 172 -45.61 7.58 15.02
C THR A 172 -44.64 6.44 15.05
N TRP A 173 -44.50 5.84 16.20
CA TRP A 173 -43.39 4.94 16.43
C TRP A 173 -43.55 3.58 15.81
N HIS A 174 -42.41 2.90 15.61
CA HIS A 174 -42.33 1.63 14.89
C HIS A 174 -40.93 1.04 14.91
N THR A 175 -40.85 -0.26 14.85
CA THR A 175 -39.67 -0.96 14.42
C THR A 175 -39.39 -0.62 12.96
N GLU A 176 -38.14 -0.36 12.58
CA GLU A 176 -37.85 -0.18 11.11
C GLU A 176 -38.07 -1.46 10.34
N ALA A 177 -38.81 -1.37 9.23
CA ALA A 177 -39.06 -2.47 8.29
C ALA A 177 -39.45 -3.75 8.99
N ALA A 178 -40.37 -3.63 9.96
CA ALA A 178 -40.79 -4.71 10.83
C ALA A 178 -41.10 -6.01 10.11
N PHE A 179 -41.69 -5.90 8.93
CA PHE A 179 -42.12 -7.08 8.18
C PHE A 179 -40.95 -7.83 7.57
N HIS A 180 -39.81 -7.16 7.42
CA HIS A 180 -38.75 -7.65 6.50
C HIS A 180 -37.77 -8.54 7.22
N PRO A 181 -37.52 -9.72 6.68
CA PRO A 181 -36.64 -10.61 7.39
C PRO A 181 -35.18 -10.08 7.39
N TYR A 182 -34.82 -9.16 6.46
CA TYR A 182 -33.49 -8.56 6.54
C TYR A 182 -33.52 -7.10 7.02
N ARG A 183 -34.51 -6.75 7.88
CA ARG A 183 -34.56 -5.40 8.46
C ARG A 183 -33.22 -5.11 9.21
N SER A 184 -32.93 -3.83 9.42
CA SER A 184 -31.79 -3.39 10.25
C SER A 184 -31.75 -4.09 11.59
N ASP A 185 -30.54 -4.37 12.04
CA ASP A 185 -30.31 -4.80 13.42
C ASP A 185 -30.17 -3.56 14.32
N TYR A 186 -29.42 -2.55 13.84
CA TYR A 186 -29.27 -1.27 14.52
C TYR A 186 -29.45 -0.08 13.60
N LEU A 187 -29.78 1.06 14.21
CA LEU A 187 -29.83 2.28 13.46
C LEU A 187 -29.00 3.28 14.15
N ILE A 188 -28.21 4.01 13.38
CA ILE A 188 -27.36 5.02 13.99
C ILE A 188 -27.84 6.41 13.54
N LEU A 189 -28.20 7.29 14.49
CA LEU A 189 -28.62 8.63 14.14
C LEU A 189 -27.64 9.64 14.70
N GLY A 190 -27.09 10.44 13.80
CA GLY A 190 -26.13 11.47 14.11
C GLY A 190 -26.70 12.89 13.93
N ALA A 191 -26.84 13.66 15.03
CA ALA A 191 -27.41 15.00 14.91
C ALA A 191 -26.39 16.10 14.54
N LEU A 192 -26.36 16.54 13.27
CA LEU A 192 -25.52 17.65 12.86
C LEU A 192 -26.01 19.01 13.46
N ARG A 193 -27.32 19.20 13.51
CA ARG A 193 -27.88 20.31 14.28
C ARG A 193 -29.29 19.98 14.62
N ASN A 194 -29.76 20.64 15.67
CA ASN A 194 -31.13 20.48 16.12
C ASN A 194 -31.50 21.75 16.88
N PRO A 195 -31.54 22.93 16.17
CA PRO A 195 -31.61 24.22 16.89
C PRO A 195 -32.72 24.29 17.93
N ASP A 196 -33.83 23.60 17.65
CA ASP A 196 -35.01 23.64 18.50
C ASP A 196 -35.15 22.42 19.39
N HIS A 197 -34.12 21.59 19.48
CA HIS A 197 -34.18 20.48 20.44
C HIS A 197 -35.31 19.48 20.25
N VAL A 198 -35.67 19.21 19.00
CA VAL A 198 -36.80 18.32 18.70
C VAL A 198 -36.47 16.85 18.92
N PRO A 199 -37.20 16.19 19.83
CA PRO A 199 -36.81 14.85 20.24
C PRO A 199 -37.19 13.76 19.27
N THR A 200 -36.45 12.69 19.33
CA THR A 200 -36.77 11.40 18.68
C THR A 200 -37.53 10.60 19.77
N THR A 201 -38.60 9.91 19.40
CA THR A 201 -39.22 9.03 20.39
C THR A 201 -38.56 7.66 20.27
N VAL A 202 -38.20 7.10 21.40
CA VAL A 202 -37.77 5.74 21.42
C VAL A 202 -38.46 5.06 22.58
N GLY A 203 -38.90 3.83 22.36
CA GLY A 203 -39.54 3.06 23.42
C GLY A 203 -39.12 1.62 23.35
N GLU A 204 -38.94 1.07 24.54
CA GLU A 204 -38.64 -0.35 24.76
C GLU A 204 -39.82 -1.10 25.41
N LEU A 205 -39.63 -2.40 25.59
CA LEU A 205 -40.59 -3.29 26.17
C LEU A 205 -40.32 -3.50 27.69
N ASP A 206 -41.19 -3.04 28.56
CA ASP A 206 -41.17 -3.48 29.94
C ASP A 206 -41.96 -4.81 30.06
N LEU A 207 -41.25 -5.93 30.06
CA LEU A 207 -41.86 -7.24 30.12
C LEU A 207 -42.57 -7.53 31.46
N SER A 208 -42.18 -6.81 32.51
CA SER A 208 -42.79 -7.03 33.83
C SER A 208 -44.29 -6.67 33.76
N SER A 209 -44.63 -5.75 32.85
CA SER A 209 -46.00 -5.26 32.68
C SER A 209 -46.94 -6.22 31.95
N LEU A 210 -46.42 -7.29 31.33
CA LEU A 210 -47.27 -8.23 30.58
C LEU A 210 -47.51 -9.60 31.23
N SER A 211 -48.72 -10.14 31.13
CA SER A 211 -49.03 -11.46 31.70
C SER A 211 -48.28 -12.58 30.94
N ALA A 212 -47.95 -13.67 31.63
CA ALA A 212 -47.22 -14.78 30.99
C ALA A 212 -48.07 -15.35 29.86
N GLU A 213 -49.37 -15.22 30.05
CA GLU A 213 -50.31 -15.62 29.05
C GLU A 213 -50.13 -14.76 27.76
N ASP A 214 -50.05 -13.44 27.91
CA ASP A 214 -49.89 -12.57 26.74
C ASP A 214 -48.58 -12.78 25.99
N ILE A 215 -47.47 -12.81 26.69
CA ILE A 215 -46.20 -13.17 26.13
C ILE A 215 -46.23 -14.42 25.26
N ASP A 216 -46.82 -15.50 25.78
CA ASP A 216 -46.88 -16.77 25.08
C ASP A 216 -47.56 -16.52 23.75
N VAL A 217 -48.65 -15.74 23.77
CA VAL A 217 -49.44 -15.58 22.56
C VAL A 217 -48.55 -14.81 21.55
N LEU A 218 -47.84 -13.81 22.07
CA LEU A 218 -47.05 -12.91 21.24
C LEU A 218 -45.86 -13.63 20.57
N PHE A 219 -45.39 -14.72 21.19
CA PHE A 219 -44.32 -15.56 20.63
C PHE A 219 -44.73 -16.44 19.51
N GLU A 220 -46.03 -16.58 19.33
CA GLU A 220 -46.60 -17.50 18.34
C GLU A 220 -46.91 -16.85 16.96
N PRO A 221 -46.87 -17.62 15.85
CA PRO A 221 -47.12 -17.03 14.52
C PRO A 221 -48.60 -16.72 14.34
N ARG A 222 -49.04 -15.56 14.81
CA ARG A 222 -50.47 -15.26 14.76
C ARG A 222 -50.75 -13.93 14.09
N TYR A 223 -49.69 -13.18 13.77
CA TYR A 223 -49.85 -11.78 13.42
C TYR A 223 -49.36 -11.61 12.02
N HIS A 224 -50.02 -10.69 11.29
CA HIS A 224 -49.62 -10.39 9.95
C HIS A 224 -49.04 -9.02 9.91
N ILE A 225 -47.84 -8.93 9.37
CA ILE A 225 -47.21 -7.61 9.28
C ILE A 225 -47.00 -7.29 7.84
N ALA A 226 -47.59 -6.18 7.45
CA ALA A 226 -47.57 -5.78 6.08
C ALA A 226 -46.38 -4.86 5.72
N PRO A 227 -45.83 -5.03 4.50
CA PRO A 227 -44.85 -4.16 3.89
C PRO A 227 -45.26 -2.69 3.82
N ASP A 228 -44.34 -1.76 4.01
CA ASP A 228 -44.62 -0.41 3.57
C ASP A 228 -44.59 -0.41 2.03
N GLU A 229 -45.26 0.57 1.41
CA GLU A 229 -45.31 0.74 -0.05
C GLU A 229 -43.92 0.66 -0.66
N SER A 230 -42.96 1.31 0.03
CA SER A 230 -41.54 1.40 -0.33
C SER A 230 -40.90 0.02 -0.57
N HIS A 231 -41.43 -1.02 0.10
CA HIS A 231 -40.93 -2.36 -0.11
C HIS A 231 -41.76 -3.23 -1.03
N LEU A 232 -42.84 -2.70 -1.61
CA LEU A 232 -43.60 -3.53 -2.53
C LEU A 232 -42.78 -3.76 -3.81
N PRO A 233 -42.49 -5.04 -4.16
CA PRO A 233 -41.87 -5.45 -5.44
C PRO A 233 -42.48 -4.93 -6.76
N LYS A 234 -43.81 -4.89 -6.87
CA LYS A 234 -44.47 -4.30 -8.05
C LYS A 234 -44.21 -2.78 -8.17
N ASN A 235 -43.36 -2.25 -7.28
CA ASN A 235 -42.79 -0.90 -7.37
C ASN A 235 -41.81 -0.78 -8.53
N ASN A 236 -41.12 -1.88 -8.84
CA ASN A 236 -39.99 -1.87 -9.78
C ASN A 236 -40.10 -2.81 -11.01
N THR A 237 -38.97 -2.93 -11.73
CA THR A 237 -38.86 -3.44 -13.10
C THR A 237 -39.29 -4.91 -13.37
N ILE A 238 -40.58 -5.07 -13.72
CA ILE A 238 -41.29 -6.37 -13.84
C ILE A 238 -40.51 -7.53 -14.49
N ALA A 239 -39.77 -7.24 -15.57
CA ALA A 239 -39.04 -8.27 -16.34
C ALA A 239 -37.61 -8.56 -15.84
N THR A 240 -36.80 -9.16 -16.71
CA THR A 240 -35.40 -9.55 -16.42
C THR A 240 -35.22 -10.44 -15.18
N GLU A 241 -34.90 -11.71 -15.43
CA GLU A 241 -34.81 -12.75 -14.40
C GLU A 241 -34.20 -12.30 -13.06
N GLU A 242 -33.04 -11.65 -13.14
CA GLU A 242 -32.33 -11.12 -11.96
C GLU A 242 -33.28 -10.47 -10.92
N GLU A 243 -34.00 -9.45 -11.37
CA GLU A 243 -34.83 -8.62 -10.54
C GLU A 243 -36.10 -9.36 -10.13
N ALA A 244 -36.34 -10.50 -10.77
CA ALA A 244 -37.52 -11.32 -10.45
C ALA A 244 -37.13 -12.24 -9.32
N ALA A 245 -35.96 -12.86 -9.46
CA ALA A 245 -35.43 -13.70 -8.41
C ALA A 245 -35.15 -12.89 -7.14
N ARG A 246 -34.82 -11.60 -7.30
CA ARG A 246 -34.40 -10.78 -6.17
C ARG A 246 -35.58 -10.32 -5.28
N PHE A 247 -36.78 -10.29 -5.83
CA PHE A 247 -37.94 -9.89 -5.06
C PHE A 247 -38.83 -11.09 -4.75
N ALA A 248 -38.39 -12.26 -5.24
CA ALA A 248 -39.11 -13.49 -5.02
C ALA A 248 -39.47 -13.79 -3.58
N THR A 249 -38.61 -13.50 -2.60
CA THR A 249 -38.98 -13.80 -1.21
C THR A 249 -40.07 -12.83 -0.73
N ILE A 250 -39.96 -11.54 -1.05
CA ILE A 250 -40.98 -10.55 -0.61
C ILE A 250 -42.34 -10.81 -1.33
N GLN A 251 -42.28 -11.18 -2.61
CA GLN A 251 -43.48 -11.58 -3.35
C GLN A 251 -44.20 -12.72 -2.73
N ARG A 252 -43.47 -13.80 -2.47
CA ARG A 252 -44.05 -14.95 -1.79
C ARG A 252 -44.73 -14.51 -0.49
N MET A 253 -44.05 -13.68 0.30
CA MET A 253 -44.64 -13.17 1.55
C MET A 253 -45.95 -12.40 1.31
N ILE A 254 -46.00 -11.59 0.23
CA ILE A 254 -47.25 -10.88 -0.10
C ILE A 254 -48.36 -11.84 -0.53
N ASP A 255 -47.97 -12.83 -1.34
CA ASP A 255 -48.90 -13.80 -1.87
C ASP A 255 -49.40 -14.80 -0.86
N GLU A 256 -48.55 -15.17 0.10
CA GLU A 256 -48.94 -16.19 1.10
C GLU A 256 -49.44 -15.62 2.41
N ARG A 257 -49.14 -14.37 2.72
CA ARG A 257 -49.53 -13.75 4.00
C ARG A 257 -49.26 -14.65 5.24
N PRO A 258 -48.02 -15.18 5.40
CA PRO A 258 -47.73 -16.02 6.58
C PRO A 258 -47.86 -15.17 7.82
N LEU A 259 -48.34 -15.80 8.87
CA LEU A 259 -48.46 -15.11 10.12
C LEU A 259 -47.13 -15.29 10.82
N GLY A 260 -46.73 -14.32 11.64
CA GLY A 260 -45.46 -14.38 12.38
C GLY A 260 -45.70 -13.86 13.81
N PRO A 261 -44.68 -14.03 14.69
CA PRO A 261 -44.71 -13.55 16.09
C PRO A 261 -44.36 -12.06 16.15
N LEU A 262 -44.75 -11.42 17.26
CA LEU A 262 -44.31 -10.08 17.58
C LEU A 262 -43.11 -10.10 18.55
N LEU A 263 -42.96 -11.21 19.28
CA LEU A 263 -41.90 -11.36 20.26
C LEU A 263 -41.14 -12.59 19.93
N TYR A 264 -39.80 -12.55 20.03
CA TYR A 264 -38.96 -13.69 19.71
C TYR A 264 -37.61 -13.61 20.51
N GLY A 265 -36.69 -14.53 20.25
CA GLY A 265 -35.48 -14.60 21.09
C GLY A 265 -35.79 -15.28 22.42
N SER A 266 -35.39 -14.71 23.55
CA SER A 266 -35.61 -15.40 24.83
C SER A 266 -36.92 -14.98 25.49
N ARG A 267 -37.61 -15.90 26.15
CA ARG A 267 -38.88 -15.61 26.85
C ARG A 267 -38.72 -14.64 27.99
N LEU A 268 -37.55 -14.70 28.60
CA LEU A 268 -37.19 -13.88 29.72
C LEU A 268 -36.87 -12.43 29.38
N ASP A 269 -36.38 -12.18 28.15
CA ASP A 269 -35.96 -10.85 27.68
C ASP A 269 -36.14 -10.79 26.13
N PRO A 270 -37.38 -10.64 25.66
CA PRO A 270 -37.63 -10.97 24.26
C PRO A 270 -37.27 -9.86 23.35
N TYR A 271 -36.79 -10.16 22.13
CA TYR A 271 -36.85 -9.14 21.07
C TYR A 271 -38.33 -8.86 20.64
N MET A 272 -38.55 -7.74 19.96
CA MET A 272 -39.84 -7.43 19.42
C MET A 272 -39.77 -6.73 18.05
N ARG A 273 -40.85 -6.83 17.32
CA ARG A 273 -40.97 -6.05 16.12
C ARG A 273 -42.43 -5.62 16.07
N LEU A 274 -42.63 -4.32 16.08
CA LEU A 274 -43.97 -3.81 16.27
C LEU A 274 -44.06 -2.62 15.35
N ASP A 275 -44.99 -2.70 14.42
CA ASP A 275 -45.33 -1.58 13.59
C ASP A 275 -46.85 -1.46 13.63
N PRO A 276 -47.38 -0.69 14.57
CA PRO A 276 -48.84 -0.68 14.75
C PRO A 276 -49.62 -0.46 13.46
N TYR A 277 -49.14 0.43 12.61
CA TYR A 277 -49.91 0.78 11.42
C TYR A 277 -50.03 -0.36 10.39
N PHE A 278 -49.12 -1.33 10.40
CA PHE A 278 -49.10 -2.27 9.30
C PHE A 278 -49.31 -3.71 9.75
N THR A 279 -49.65 -3.81 11.03
CA THR A 279 -49.92 -5.08 11.69
C THR A 279 -51.42 -5.38 11.59
N SER A 280 -51.75 -6.59 11.15
CA SER A 280 -53.14 -7.04 11.16
C SER A 280 -53.21 -8.17 12.17
N VAL A 281 -53.94 -7.91 13.26
CA VAL A 281 -54.40 -9.02 14.13
C VAL A 281 -55.63 -9.72 13.46
N PRO A 282 -55.53 -10.98 13.04
CA PRO A 282 -56.69 -11.71 12.44
C PRO A 282 -58.00 -11.57 13.26
N GLN A 283 -59.13 -11.16 12.64
CA GLN A 283 -60.35 -10.78 13.42
C GLN A 283 -60.83 -11.81 14.51
N ASP A 284 -60.89 -13.08 14.15
CA ASP A 284 -61.33 -14.20 15.00
C ASP A 284 -60.33 -14.64 16.08
N ASP A 285 -59.08 -14.18 16.06
CA ASP A 285 -58.14 -14.60 17.10
C ASP A 285 -58.26 -13.66 18.23
N THR A 286 -59.12 -14.06 19.16
CA THR A 286 -59.41 -13.29 20.34
C THR A 286 -58.22 -13.20 21.26
N ASP A 287 -57.48 -14.27 21.36
CA ASP A 287 -56.31 -14.24 22.20
C ASP A 287 -55.23 -13.31 21.65
N ALA A 288 -55.14 -13.23 20.31
CA ALA A 288 -54.10 -12.40 19.65
C ALA A 288 -54.42 -10.98 19.86
N ARG A 289 -55.70 -10.63 19.74
CA ARG A 289 -56.14 -9.28 19.95
C ARG A 289 -55.90 -8.80 21.34
N ARG A 290 -56.31 -9.61 22.33
CA ARG A 290 -56.07 -9.27 23.74
C ARG A 290 -54.58 -8.99 24.01
N ALA A 291 -53.70 -9.90 23.56
CA ALA A 291 -52.26 -9.77 23.88
C ALA A 291 -51.63 -8.56 23.15
N TYR A 292 -52.09 -8.33 21.93
CA TYR A 292 -51.57 -7.23 21.12
C TYR A 292 -51.90 -5.85 21.76
N ASP A 293 -53.15 -5.69 22.19
CA ASP A 293 -53.52 -4.50 22.95
C ASP A 293 -52.69 -4.37 24.20
N ALA A 294 -52.45 -5.49 24.88
CA ALA A 294 -51.60 -5.41 26.06
C ALA A 294 -50.26 -4.85 25.65
N LEU A 295 -49.69 -5.46 24.62
CA LEU A 295 -48.34 -5.13 24.16
C LEU A 295 -48.26 -3.73 23.67
N PHE A 296 -49.23 -3.33 22.85
CA PHE A 296 -49.31 -1.95 22.34
C PHE A 296 -49.35 -0.94 23.44
N LYS A 297 -50.16 -1.21 24.47
CA LYS A 297 -50.31 -0.22 25.56
C LYS A 297 -49.05 -0.10 26.36
N VAL A 298 -48.35 -1.22 26.60
CA VAL A 298 -47.09 -1.15 27.37
C VAL A 298 -46.02 -0.32 26.65
N VAL A 299 -45.89 -0.52 25.33
CA VAL A 299 -44.88 0.15 24.59
C VAL A 299 -45.22 1.63 24.43
N ASP A 300 -46.50 1.93 24.25
CA ASP A 300 -46.93 3.31 24.10
C ASP A 300 -46.64 4.07 25.36
N SER A 301 -46.92 3.48 26.50
CA SER A 301 -46.83 4.29 27.70
C SER A 301 -45.39 4.33 28.16
N GLY A 302 -44.54 3.48 27.60
CA GLY A 302 -43.12 3.53 27.94
C GLY A 302 -42.31 4.47 27.06
N MET A 303 -42.95 5.06 26.03
CA MET A 303 -42.25 5.86 25.01
C MET A 303 -41.46 6.99 25.62
N ARG A 304 -40.16 7.10 25.27
CA ARG A 304 -39.34 8.20 25.83
C ARG A 304 -39.06 9.21 24.74
N GLU A 305 -38.89 10.45 25.14
CA GLU A 305 -38.41 11.49 24.29
C GLU A 305 -36.92 11.51 24.56
N VAL A 306 -36.12 11.40 23.49
CA VAL A 306 -34.68 11.41 23.60
C VAL A 306 -34.27 12.50 22.65
N VAL A 307 -33.54 13.49 23.16
CA VAL A 307 -33.14 14.62 22.31
C VAL A 307 -31.74 14.38 21.77
N ALA A 308 -31.65 14.25 20.47
CA ALA A 308 -30.33 14.11 19.88
C ALA A 308 -30.00 15.53 19.56
N ASP A 309 -29.30 16.22 20.47
CA ASP A 309 -28.75 17.55 20.16
C ASP A 309 -27.50 17.47 19.25
N GLN A 310 -27.12 18.61 18.71
CA GLN A 310 -25.87 18.78 17.98
C GLN A 310 -24.75 18.01 18.71
N GLY A 311 -24.08 17.12 17.96
CA GLY A 311 -22.96 16.42 18.51
C GLY A 311 -23.36 15.17 19.27
N ASP A 312 -24.64 14.82 19.25
CA ASP A 312 -25.06 13.55 19.73
C ASP A 312 -25.23 12.51 18.60
N VAL A 313 -24.86 11.27 18.91
CA VAL A 313 -25.15 10.18 18.09
C VAL A 313 -25.96 9.17 18.85
N LEU A 314 -27.15 8.89 18.33
CA LEU A 314 -28.13 7.94 18.92
C LEU A 314 -28.09 6.58 18.25
N PHE A 315 -27.96 5.53 19.08
CA PHE A 315 -27.90 4.21 18.58
C PHE A 315 -29.19 3.48 18.96
N ILE A 316 -29.93 3.01 17.95
CA ILE A 316 -31.14 2.25 18.21
C ILE A 316 -30.97 0.77 17.89
N ASP A 317 -31.29 -0.10 18.86
CA ASP A 317 -31.33 -1.55 18.64
C ASP A 317 -32.68 -1.88 18.05
N ASN A 318 -32.72 -2.23 16.75
CA ASN A 318 -33.99 -2.42 16.05
C ASN A 318 -34.75 -3.66 16.54
N HIS A 319 -34.12 -4.52 17.34
CA HIS A 319 -34.78 -5.68 17.93
C HIS A 319 -35.27 -5.42 19.32
N ARG A 320 -35.04 -4.24 19.88
CA ARG A 320 -35.41 -3.98 21.26
C ARG A 320 -36.06 -2.64 21.46
N ALA A 321 -36.12 -1.80 20.43
CA ALA A 321 -36.80 -0.58 20.62
C ALA A 321 -37.54 -0.17 19.35
N VAL A 322 -38.65 0.56 19.56
CA VAL A 322 -39.33 1.28 18.49
C VAL A 322 -38.87 2.73 18.52
N HIS A 323 -39.07 3.45 17.42
CA HIS A 323 -38.72 4.84 17.39
C HIS A 323 -39.62 5.59 16.48
N GLY A 324 -39.64 6.89 16.67
CA GLY A 324 -40.51 7.78 15.91
C GLY A 324 -39.97 9.18 16.09
N ARG A 325 -40.75 10.17 15.67
CA ARG A 325 -40.36 11.58 15.76
C ARG A 325 -41.58 12.50 15.91
N LEU A 326 -41.43 13.49 16.77
CA LEU A 326 -42.48 14.45 17.00
C LEU A 326 -42.54 15.48 15.86
N PRO A 327 -43.77 16.05 15.61
CA PRO A 327 -43.93 17.16 14.64
C PRO A 327 -43.14 18.42 15.04
N PHE A 328 -42.67 19.16 14.03
CA PHE A 328 -42.02 20.43 14.29
C PHE A 328 -42.26 21.35 13.10
N GLN A 329 -42.15 22.66 13.35
CA GLN A 329 -42.17 23.65 12.30
C GLN A 329 -40.78 23.81 11.70
N ALA A 330 -40.65 23.63 10.38
CA ALA A 330 -39.42 23.84 9.65
C ALA A 330 -39.34 25.26 9.11
N ARG A 331 -38.14 25.83 8.96
CA ARG A 331 -38.00 27.17 8.34
C ARG A 331 -37.58 27.19 6.86
N TYR A 332 -36.85 26.17 6.43
CA TYR A 332 -36.49 26.00 5.01
C TYR A 332 -35.47 27.02 4.56
N ASP A 333 -34.67 27.49 5.53
CA ASP A 333 -33.74 28.59 5.29
C ASP A 333 -32.30 28.15 5.50
N GLY A 334 -32.06 26.84 5.53
CA GLY A 334 -30.72 26.35 5.82
C GLY A 334 -30.35 26.24 7.29
N THR A 335 -31.27 26.45 8.20
CA THR A 335 -30.94 26.42 9.64
C THR A 335 -31.66 25.24 10.34
N ASP A 336 -32.35 24.43 9.55
CA ASP A 336 -33.21 23.38 10.11
C ASP A 336 -32.42 22.20 10.65
N ARG A 337 -33.06 21.44 11.52
CA ARG A 337 -32.56 20.19 12.08
C ARG A 337 -32.03 19.30 10.96
N TRP A 338 -30.92 18.64 11.24
CA TRP A 338 -30.26 17.89 10.20
C TRP A 338 -29.60 16.74 10.86
N LEU A 339 -30.12 15.52 10.63
CA LEU A 339 -29.56 14.28 11.18
C LEU A 339 -29.02 13.41 10.05
N LYS A 340 -28.04 12.56 10.34
CA LYS A 340 -27.58 11.58 9.35
C LYS A 340 -27.97 10.23 9.94
N ARG A 341 -28.13 9.29 9.07
CA ARG A 341 -28.63 7.97 9.43
C ARG A 341 -27.97 6.89 8.64
N VAL A 342 -27.64 5.84 9.40
CA VAL A 342 -27.07 4.67 8.83
C VAL A 342 -27.82 3.47 9.34
N CYS A 343 -28.21 2.62 8.40
CA CYS A 343 -28.70 1.27 8.70
C CYS A 343 -27.58 0.23 8.91
N VAL A 344 -27.69 -0.57 9.98
CA VAL A 344 -26.69 -1.62 10.29
C VAL A 344 -27.22 -3.07 10.29
N THR A 345 -26.54 -3.98 9.59
CA THR A 345 -26.88 -5.43 9.66
C THR A 345 -25.75 -6.17 10.37
N SER A 346 -26.12 -7.14 11.19
CA SER A 346 -25.11 -8.00 11.78
C SER A 346 -24.71 -9.11 10.77
N ASP A 347 -25.45 -9.30 9.67
CA ASP A 347 -25.10 -10.37 8.77
C ASP A 347 -25.48 -9.99 7.34
N LEU A 348 -24.56 -9.37 6.67
CA LEU A 348 -24.76 -8.91 5.28
C LEU A 348 -25.10 -10.06 4.31
N ARG A 349 -24.54 -11.24 4.55
CA ARG A 349 -24.75 -12.38 3.59
C ARG A 349 -26.17 -12.97 3.59
N ARG A 350 -26.80 -12.89 4.76
CA ARG A 350 -28.17 -13.30 4.90
C ARG A 350 -29.09 -12.72 3.82
N SER A 351 -28.82 -11.52 3.35
CA SER A 351 -29.73 -10.90 2.43
C SER A 351 -29.28 -11.09 1.01
N ARG A 352 -28.34 -11.99 0.75
CA ARG A 352 -27.78 -12.06 -0.62
C ARG A 352 -28.79 -12.15 -1.77
N GLU A 353 -29.84 -12.91 -1.54
CA GLU A 353 -30.91 -13.10 -2.48
C GLU A 353 -31.57 -11.79 -2.86
N MET A 354 -31.56 -10.78 -1.98
CA MET A 354 -32.19 -9.50 -2.29
C MET A 354 -31.22 -8.45 -2.79
N ARG A 355 -29.99 -8.86 -2.99
CA ARG A 355 -28.97 -7.92 -3.48
C ARG A 355 -28.52 -8.28 -4.86
N ALA A 356 -28.24 -7.29 -5.71
CA ALA A 356 -27.91 -7.51 -7.12
C ALA A 356 -26.61 -8.29 -7.30
N THR A 357 -25.63 -7.99 -6.44
CA THR A 357 -24.28 -8.56 -6.52
C THR A 357 -23.83 -8.93 -5.12
N SER A 358 -22.74 -9.69 -5.03
CA SER A 358 -22.12 -10.04 -3.75
C SER A 358 -21.66 -8.79 -3.04
N ALA A 359 -21.09 -7.86 -3.83
CA ALA A 359 -20.42 -6.63 -3.36
C ALA A 359 -21.38 -5.53 -2.89
N THR A 360 -22.51 -5.38 -3.58
CA THR A 360 -23.36 -4.28 -3.26
C THR A 360 -23.98 -4.45 -1.85
N ARG A 361 -24.06 -3.35 -1.12
CA ARG A 361 -24.69 -3.32 0.22
C ARG A 361 -26.14 -2.87 0.18
N LEU A 362 -26.70 -2.80 -1.03
CA LEU A 362 -28.08 -2.28 -1.18
C LEU A 362 -29.06 -3.38 -1.47
N LEU A 363 -30.12 -3.43 -0.68
CA LEU A 363 -31.26 -4.30 -0.98
C LEU A 363 -32.19 -3.60 -2.00
N GLY A 364 -32.45 -4.21 -3.15
CA GLY A 364 -33.59 -3.78 -4.03
C GLY A 364 -33.30 -3.68 -5.50
N THR B 29 -7.03 -20.04 -5.99
CA THR B 29 -7.50 -19.71 -4.60
C THR B 29 -6.47 -18.86 -3.85
N PRO B 30 -6.80 -17.57 -3.62
CA PRO B 30 -6.13 -16.57 -2.77
C PRO B 30 -5.58 -17.13 -1.48
N SER B 31 -4.28 -16.89 -1.24
CA SER B 31 -3.67 -17.08 0.08
C SER B 31 -2.73 -15.96 0.41
N TYR B 32 -2.36 -15.84 1.67
CA TYR B 32 -1.47 -14.77 2.08
C TYR B 32 -0.27 -15.40 2.76
N SER B 33 0.93 -15.09 2.28
CA SER B 33 2.15 -15.63 2.91
C SER B 33 2.78 -14.51 3.66
N LEU B 34 2.80 -14.67 4.99
CA LEU B 34 3.41 -13.72 5.90
C LEU B 34 4.91 -13.58 5.61
N THR B 35 5.44 -12.37 5.71
CA THR B 35 6.86 -12.19 5.82
C THR B 35 7.31 -12.63 7.20
N PRO B 36 8.61 -12.89 7.32
CA PRO B 36 9.11 -13.18 8.68
C PRO B 36 8.81 -12.01 9.66
N ALA B 37 8.86 -10.78 9.17
CA ALA B 37 8.54 -9.58 10.00
C ALA B 37 7.12 -9.64 10.53
N GLU B 38 6.19 -9.94 9.61
CA GLU B 38 4.76 -10.15 9.94
C GLU B 38 4.63 -11.33 10.87
N ALA B 39 5.27 -12.43 10.49
CA ALA B 39 5.20 -13.63 11.34
C ALA B 39 5.63 -13.35 12.80
N SER B 40 6.72 -12.61 12.95
CA SER B 40 7.25 -12.23 14.28
C SER B 40 6.34 -11.26 15.02
N ALA B 41 5.76 -10.31 14.28
CA ALA B 41 4.82 -9.36 14.87
C ALA B 41 3.60 -10.12 15.46
N VAL B 42 3.08 -11.07 14.68
CA VAL B 42 1.97 -11.93 15.12
C VAL B 42 2.35 -12.78 16.35
N ALA B 43 3.52 -13.43 16.33
CA ALA B 43 3.92 -14.31 17.48
C ALA B 43 3.97 -13.48 18.74
N GLU B 44 4.66 -12.34 18.61
CA GLU B 44 4.88 -11.43 19.72
C GLU B 44 3.54 -10.94 20.31
N LEU B 45 2.64 -10.45 19.45
CA LEU B 45 1.29 -10.09 19.88
C LEU B 45 0.56 -11.23 20.65
N THR B 46 0.55 -12.43 20.09
CA THR B 46 -0.16 -13.51 20.72
C THR B 46 0.51 -13.89 22.05
N LEU B 47 1.82 -13.77 22.15
CA LEU B 47 2.48 -14.01 23.45
C LEU B 47 2.17 -12.92 24.46
N GLU B 48 2.12 -11.68 24.01
CA GLU B 48 1.79 -10.58 24.91
C GLU B 48 0.33 -10.76 25.43
N LEU B 49 -0.59 -11.05 24.51
CA LEU B 49 -2.00 -11.26 24.89
C LEU B 49 -2.18 -12.44 25.88
N ALA B 50 -1.45 -13.53 25.63
CA ALA B 50 -1.52 -14.72 26.48
C ALA B 50 -1.07 -14.44 27.90
N ALA B 51 -0.06 -13.59 28.08
CA ALA B 51 0.42 -13.26 29.43
C ALA B 51 -0.58 -12.29 30.06
N ALA B 52 -1.25 -11.48 29.23
CA ALA B 52 -2.16 -10.40 29.71
C ALA B 52 -3.56 -10.81 30.23
N TYR B 53 -4.16 -11.82 29.60
CA TYR B 53 -5.46 -12.41 29.94
C TYR B 53 -5.31 -13.83 30.49
N GLY B 54 -6.17 -14.26 31.42
CA GLY B 54 -5.94 -15.58 32.08
C GLY B 54 -6.28 -16.79 31.18
N SER B 55 -7.49 -16.76 30.61
CA SER B 55 -8.10 -17.87 29.86
C SER B 55 -9.14 -17.22 28.94
N PHE B 56 -9.93 -18.05 28.24
CA PHE B 56 -11.07 -17.50 27.47
C PHE B 56 -12.33 -17.25 28.27
N GLY B 57 -12.31 -17.64 29.54
CA GLY B 57 -13.45 -17.39 30.42
C GLY B 57 -13.40 -15.96 30.93
N ASP B 58 -12.38 -15.25 30.50
CA ASP B 58 -12.22 -13.86 30.85
C ASP B 58 -13.16 -13.09 29.91
N PRO B 59 -14.28 -12.55 30.48
CA PRO B 59 -15.25 -11.79 29.65
C PRO B 59 -14.59 -10.55 29.01
N VAL B 60 -13.57 -10.00 29.66
CA VAL B 60 -12.91 -8.82 29.11
C VAL B 60 -12.11 -9.16 27.84
N LEU B 61 -11.52 -10.33 27.79
CA LEU B 61 -10.82 -10.76 26.58
C LEU B 61 -11.81 -10.87 25.43
N LEU B 62 -12.95 -11.47 25.74
CA LEU B 62 -13.99 -11.68 24.77
C LEU B 62 -14.54 -10.36 24.25
N ARG B 63 -14.72 -9.39 25.14
CA ARG B 63 -15.09 -8.05 24.75
C ARG B 63 -14.01 -7.40 23.84
N ASP B 64 -12.73 -7.55 24.24
CA ASP B 64 -11.60 -6.87 23.62
C ASP B 64 -11.17 -7.38 22.23
N LEU B 65 -11.67 -8.53 21.87
CA LEU B 65 -11.18 -9.29 20.75
C LEU B 65 -11.11 -8.48 19.38
N PRO B 66 -12.20 -7.76 18.95
CA PRO B 66 -12.08 -6.99 17.69
C PRO B 66 -11.03 -5.91 17.81
N ARG B 67 -10.96 -5.27 18.97
CA ARG B 67 -9.99 -4.22 19.10
C ARG B 67 -8.56 -4.80 19.11
N LEU B 68 -8.36 -5.89 19.81
CA LEU B 68 -7.08 -6.54 19.78
C LEU B 68 -6.70 -7.09 18.36
N ALA B 69 -7.66 -7.56 17.57
CA ALA B 69 -7.38 -8.08 16.21
C ALA B 69 -6.85 -6.98 15.31
N ALA B 70 -7.21 -5.74 15.66
CA ALA B 70 -6.74 -4.56 14.95
C ALA B 70 -5.28 -4.25 15.25
N ARG B 71 -4.67 -4.96 16.21
CA ARG B 71 -3.21 -4.85 16.35
C ARG B 71 -2.43 -5.81 15.48
N LEU B 72 -3.07 -6.72 14.80
CA LEU B 72 -2.37 -7.60 13.88
C LEU B 72 -1.83 -6.81 12.63
N PRO B 73 -0.83 -7.36 11.90
CA PRO B 73 -0.36 -6.59 10.75
C PRO B 73 -1.50 -6.21 9.80
N GLU B 74 -1.45 -4.98 9.33
CA GLU B 74 -2.48 -4.48 8.46
C GLU B 74 -2.77 -5.32 7.23
N GLY B 75 -1.75 -5.87 6.63
CA GLY B 75 -1.95 -6.58 5.35
C GLY B 75 -2.78 -7.83 5.52
N VAL B 76 -2.57 -8.50 6.66
CA VAL B 76 -3.36 -9.64 7.13
C VAL B 76 -4.83 -9.21 7.36
N GLN B 77 -5.09 -8.09 8.05
CA GLN B 77 -6.51 -7.69 8.25
C GLN B 77 -7.15 -7.39 6.90
N ASP B 78 -6.44 -6.66 6.04
CA ASP B 78 -7.05 -6.28 4.77
C ASP B 78 -7.36 -7.54 3.93
N PHE B 79 -6.47 -8.52 3.97
CA PHE B 79 -6.62 -9.73 3.22
C PHE B 79 -7.85 -10.47 3.67
N LEU B 80 -8.01 -10.68 4.98
CA LEU B 80 -9.17 -11.36 5.50
C LEU B 80 -10.44 -10.62 5.19
N ARG B 81 -10.39 -9.30 5.33
CA ARG B 81 -11.57 -8.54 5.03
C ARG B 81 -11.95 -8.64 3.54
N GLU B 82 -10.98 -8.58 2.64
CA GLU B 82 -11.30 -8.84 1.22
C GLU B 82 -11.96 -10.21 0.98
N PHE B 83 -11.49 -11.24 1.66
CA PHE B 83 -12.09 -12.58 1.54
C PHE B 83 -13.54 -12.55 2.00
N LYS B 84 -13.78 -12.06 3.23
CA LYS B 84 -15.14 -11.98 3.77
C LYS B 84 -16.08 -11.20 2.82
N LEU B 85 -15.65 -10.03 2.35
CA LEU B 85 -16.58 -9.16 1.59
C LEU B 85 -16.73 -9.63 0.17
N ALA B 86 -15.70 -10.23 -0.38
CA ALA B 86 -15.76 -10.73 -1.77
C ALA B 86 -16.81 -11.81 -1.88
N ASP B 87 -16.92 -12.64 -0.84
CA ASP B 87 -17.91 -13.72 -0.77
C ASP B 87 -17.93 -14.44 -2.12
N ARG B 88 -16.76 -14.93 -2.53
CA ARG B 88 -16.52 -15.49 -3.84
C ARG B 88 -15.82 -16.85 -3.70
N HIS B 89 -14.86 -16.94 -2.79
CA HIS B 89 -14.08 -18.15 -2.56
C HIS B 89 -14.55 -18.92 -1.38
N GLY B 90 -14.39 -20.24 -1.46
CA GLY B 90 -14.84 -21.21 -0.40
C GLY B 90 -13.86 -21.39 0.73
N HIS B 91 -12.63 -20.99 0.47
CA HIS B 91 -11.64 -21.07 1.53
C HIS B 91 -10.43 -20.22 1.23
N THR B 92 -9.67 -19.92 2.28
CA THR B 92 -8.44 -19.21 2.08
C THR B 92 -7.49 -19.61 3.18
N VAL B 93 -6.20 -19.31 2.95
CA VAL B 93 -5.15 -19.72 3.86
C VAL B 93 -4.20 -18.53 4.11
N ILE B 94 -3.91 -18.30 5.37
CA ILE B 94 -2.81 -17.45 5.73
C ILE B 94 -1.64 -18.33 6.16
N ARG B 95 -0.54 -18.20 5.43
CA ARG B 95 0.61 -19.12 5.55
C ARG B 95 1.80 -18.48 6.25
N GLY B 96 2.52 -19.28 7.01
CA GLY B 96 3.90 -19.03 7.40
C GLY B 96 3.94 -18.34 8.76
N HIS B 97 2.96 -18.65 9.65
CA HIS B 97 3.02 -18.19 11.04
C HIS B 97 4.13 -18.89 11.74
N ASP B 98 4.61 -18.28 12.82
CA ASP B 98 5.64 -18.91 13.61
C ASP B 98 5.02 -19.54 14.87
N PHE B 99 4.80 -20.84 14.79
CA PHE B 99 4.28 -21.65 15.85
C PHE B 99 5.46 -22.39 16.57
N ASP B 100 5.86 -21.81 17.70
CA ASP B 100 7.05 -22.25 18.43
C ASP B 100 6.82 -23.65 18.98
N GLN B 101 7.42 -24.61 18.29
CA GLN B 101 7.25 -26.03 18.61
C GLN B 101 7.70 -26.42 20.01
N ARG B 102 8.74 -25.81 20.57
CA ARG B 102 9.17 -26.22 21.91
C ARG B 102 8.13 -25.79 22.95
N ARG B 103 7.78 -24.52 22.90
CA ARG B 103 6.77 -23.93 23.79
C ARG B 103 5.46 -24.73 23.76
N ILE B 104 5.02 -25.09 22.56
CA ILE B 104 3.68 -25.63 22.33
C ILE B 104 3.58 -27.02 22.97
N GLY B 105 4.66 -27.78 22.85
CA GLY B 105 4.80 -29.01 23.59
C GLY B 105 4.33 -30.17 22.75
N PRO B 106 4.34 -31.37 23.37
CA PRO B 106 3.87 -32.56 22.67
C PRO B 106 2.32 -32.59 22.53
N THR B 107 1.83 -33.14 21.43
CA THR B 107 0.41 -33.38 21.20
C THR B 107 -0.17 -34.29 22.25
N PRO B 108 -1.13 -33.78 23.07
CA PRO B 108 -1.70 -34.58 24.19
C PRO B 108 -2.52 -35.83 23.75
N ASP B 109 -2.89 -36.66 24.74
CA ASP B 109 -3.73 -37.87 24.56
C ASP B 109 -5.22 -37.56 24.53
N HIS B 110 -5.66 -36.65 25.38
CA HIS B 110 -7.07 -36.25 25.37
C HIS B 110 -7.30 -34.77 25.57
N TRP B 111 -8.49 -34.29 25.18
CA TRP B 111 -8.89 -32.95 25.59
C TRP B 111 -9.46 -32.93 26.97
N ARG B 112 -10.25 -33.95 27.30
CA ARG B 112 -10.88 -34.02 28.61
C ARG B 112 -9.80 -34.34 29.63
N GLY B 113 -9.99 -33.85 30.85
CA GLY B 113 -8.98 -33.97 31.90
C GLY B 113 -7.94 -32.85 31.82
N ARG B 114 -7.46 -32.59 30.60
CA ARG B 114 -6.43 -31.57 30.31
C ARG B 114 -6.70 -30.15 30.81
N VAL B 115 -5.70 -29.53 31.44
CA VAL B 115 -5.89 -28.16 31.90
C VAL B 115 -5.89 -27.09 30.76
N ARG B 116 -6.80 -26.13 30.93
CA ARG B 116 -7.03 -25.05 29.98
C ARG B 116 -6.91 -23.69 30.69
N PRO B 117 -6.11 -22.74 30.13
CA PRO B 117 -5.37 -22.86 28.86
C PRO B 117 -4.04 -23.59 29.01
N GLY B 118 -3.64 -24.32 27.98
CA GLY B 118 -2.29 -24.87 27.91
C GLY B 118 -1.24 -23.92 27.31
N PRO B 119 0.01 -24.44 27.15
CA PRO B 119 1.11 -23.63 26.63
C PRO B 119 0.89 -23.23 25.15
N GLU B 120 -0.05 -23.89 24.47
CA GLU B 120 -0.46 -23.52 23.10
C GLU B 120 -1.50 -22.35 23.08
N PHE B 121 -1.74 -21.74 24.24
CA PHE B 121 -2.65 -20.63 24.38
C PHE B 121 -2.41 -19.50 23.36
N PRO B 122 -1.12 -19.17 23.09
CA PRO B 122 -0.89 -18.13 22.10
C PRO B 122 -1.55 -18.38 20.76
N GLU B 123 -1.60 -19.63 20.32
CA GLU B 123 -2.11 -19.97 19.02
C GLU B 123 -3.64 -19.99 19.03
N GLU B 124 -4.21 -20.34 20.18
CA GLU B 124 -5.67 -20.32 20.33
C GLU B 124 -6.11 -18.85 20.30
N LEU B 125 -5.39 -17.99 21.01
CA LEU B 125 -5.70 -16.58 20.98
C LEU B 125 -5.67 -16.05 19.53
N LEU B 126 -4.67 -16.45 18.77
CA LEU B 126 -4.57 -16.02 17.37
C LEU B 126 -5.87 -16.34 16.63
N LEU B 127 -6.33 -17.58 16.78
CA LEU B 127 -7.53 -17.98 16.12
C LEU B 127 -8.75 -17.18 16.57
N MET B 128 -8.79 -16.77 17.81
CA MET B 128 -9.89 -15.97 18.33
C MET B 128 -9.84 -14.56 17.75
N LEU B 129 -8.62 -14.08 17.52
CA LEU B 129 -8.46 -12.77 16.92
C LEU B 129 -8.92 -12.87 15.47
N TYR B 130 -8.56 -13.96 14.77
CA TYR B 130 -9.01 -14.06 13.38
C TYR B 130 -10.55 -14.13 13.33
N SER B 131 -11.13 -14.80 14.34
CA SER B 131 -12.55 -15.07 14.31
C SER B 131 -13.31 -13.73 14.51
N ALA B 132 -12.69 -12.79 15.22
CA ALA B 132 -13.29 -11.46 15.56
C ALA B 132 -13.19 -10.53 14.35
N LEU B 133 -12.27 -10.87 13.45
CA LEU B 133 -12.15 -10.20 12.20
C LEU B 133 -13.24 -10.70 11.26
N LEU B 134 -13.67 -11.95 11.38
CA LEU B 134 -14.69 -12.43 10.47
C LEU B 134 -16.10 -12.36 11.06
N GLY B 135 -16.25 -12.24 12.38
CA GLY B 135 -17.61 -12.21 12.96
C GLY B 135 -17.43 -12.47 14.47
N GLU B 136 -18.00 -13.54 14.99
CA GLU B 136 -17.88 -13.78 16.45
C GLU B 136 -17.60 -15.25 16.67
N PRO B 137 -16.65 -15.53 17.57
CA PRO B 137 -16.45 -16.92 17.98
C PRO B 137 -17.66 -17.41 18.82
N PHE B 138 -18.13 -18.63 18.53
CA PHE B 138 -19.08 -19.35 19.39
C PHE B 138 -18.73 -20.87 19.32
N GLY B 139 -19.32 -21.63 20.23
CA GLY B 139 -19.23 -23.08 20.13
C GLY B 139 -20.52 -23.79 20.48
N TRP B 140 -20.44 -25.11 20.55
CA TRP B 140 -21.53 -25.92 21.05
C TRP B 140 -21.27 -26.46 22.39
N ALA B 141 -22.19 -26.22 23.35
CA ALA B 141 -22.08 -26.71 24.76
C ALA B 141 -21.83 -28.22 24.96
N THR B 142 -22.08 -29.00 23.92
CA THR B 142 -21.82 -30.43 24.00
C THR B 142 -20.75 -30.90 23.00
N GLN B 143 -19.79 -30.04 22.72
CA GLN B 143 -18.57 -30.52 22.11
C GLN B 143 -17.43 -29.98 22.95
N GLN B 144 -16.64 -30.90 23.48
CA GLN B 144 -15.46 -30.63 24.29
C GLN B 144 -15.67 -29.66 25.43
N ASP B 145 -16.64 -29.94 26.28
CA ASP B 145 -16.99 -29.06 27.40
C ASP B 145 -17.34 -27.66 26.94
N GLY B 146 -17.61 -27.53 25.63
CA GLY B 146 -17.91 -26.22 25.02
C GLY B 146 -16.75 -25.26 25.09
N HIS B 147 -15.56 -25.74 24.76
CA HIS B 147 -14.41 -24.86 24.70
C HIS B 147 -14.57 -24.17 23.36
N LEU B 148 -14.47 -22.85 23.40
CA LEU B 148 -14.55 -22.06 22.20
C LEU B 148 -13.49 -22.50 21.19
N VAL B 149 -12.30 -22.87 21.66
CA VAL B 149 -11.30 -23.43 20.73
C VAL B 149 -11.18 -24.96 20.85
N HIS B 150 -11.64 -25.64 19.83
CA HIS B 150 -11.66 -27.10 19.81
C HIS B 150 -10.28 -27.60 19.43
N ASP B 151 -10.08 -28.88 19.74
CA ASP B 151 -8.84 -29.58 19.48
C ASP B 151 -9.12 -30.55 18.35
N ILE B 152 -8.17 -30.78 17.44
CA ILE B 152 -8.28 -31.87 16.47
C ILE B 152 -6.97 -32.65 16.48
N PHE B 153 -6.96 -33.82 17.11
CA PHE B 153 -5.76 -34.68 17.16
C PHE B 153 -6.16 -36.18 17.28
N PRO B 154 -5.25 -37.12 16.92
CA PRO B 154 -5.57 -38.54 17.12
C PRO B 154 -5.78 -38.89 18.58
N ILE B 155 -6.95 -39.44 18.89
CA ILE B 155 -7.17 -40.08 20.19
C ILE B 155 -7.29 -41.60 19.99
N ARG B 156 -6.59 -42.35 20.83
CA ARG B 156 -6.62 -43.83 20.85
C ARG B 156 -8.04 -44.33 21.05
N SER B 157 -8.58 -44.02 22.23
CA SER B 157 -9.97 -44.27 22.63
C SER B 157 -10.96 -44.09 21.46
N HIS B 158 -11.08 -42.87 20.94
CA HIS B 158 -12.09 -42.50 19.91
C HIS B 158 -11.71 -42.92 18.51
N GLU B 159 -10.60 -43.65 18.36
CA GLU B 159 -10.07 -44.07 17.05
C GLU B 159 -11.09 -44.43 15.97
N LEU B 170 -11.63 -41.65 7.26
CA LEU B 170 -12.96 -41.21 6.81
C LEU B 170 -13.21 -41.31 5.31
N LEU B 171 -13.06 -40.20 4.59
CA LEU B 171 -13.36 -40.07 3.13
C LEU B 171 -14.79 -39.62 2.80
N THR B 172 -15.37 -38.83 3.73
CA THR B 172 -16.64 -38.14 3.58
C THR B 172 -16.42 -36.64 3.58
N TRP B 173 -17.35 -35.89 3.01
CA TRP B 173 -17.32 -34.46 3.12
C TRP B 173 -18.63 -33.83 3.47
N HIS B 174 -18.57 -32.75 4.24
CA HIS B 174 -19.78 -32.09 4.75
C HIS B 174 -19.72 -30.58 5.02
N THR B 175 -20.89 -29.92 4.96
CA THR B 175 -21.14 -28.58 5.49
C THR B 175 -21.18 -28.79 6.95
N GLU B 176 -20.61 -27.89 7.76
CA GLU B 176 -20.70 -28.09 9.24
C GLU B 176 -22.13 -27.82 9.67
N ALA B 177 -22.60 -28.59 10.66
CA ALA B 177 -23.96 -28.60 11.17
C ALA B 177 -25.02 -28.19 10.14
N ALA B 178 -25.01 -28.86 8.98
CA ALA B 178 -25.81 -28.52 7.80
C ALA B 178 -27.29 -28.42 8.09
N PHE B 179 -27.75 -29.21 9.06
CA PHE B 179 -29.14 -29.25 9.49
C PHE B 179 -29.54 -27.94 10.17
N HIS B 180 -28.65 -27.46 11.03
CA HIS B 180 -28.91 -26.40 11.99
C HIS B 180 -28.99 -25.02 11.36
N PRO B 181 -29.99 -24.23 11.76
CA PRO B 181 -30.15 -22.89 11.17
C PRO B 181 -29.11 -21.92 11.75
N TYR B 182 -28.52 -22.23 12.88
CA TYR B 182 -27.46 -21.42 13.47
C TYR B 182 -26.09 -22.08 13.31
N ARG B 183 -25.90 -22.86 12.23
CA ARG B 183 -24.57 -23.42 11.93
C ARG B 183 -23.55 -22.26 11.71
N SER B 184 -22.27 -22.56 11.90
CA SER B 184 -21.14 -21.68 11.58
C SER B 184 -21.29 -21.00 10.25
N ASP B 185 -20.88 -19.75 10.18
CA ASP B 185 -20.77 -19.08 8.93
C ASP B 185 -19.39 -19.32 8.30
N TYR B 186 -18.38 -19.40 9.16
CA TYR B 186 -16.97 -19.73 8.80
C TYR B 186 -16.42 -20.69 9.82
N LEU B 187 -15.44 -21.45 9.31
CA LEU B 187 -14.57 -22.24 10.21
C LEU B 187 -13.15 -21.81 10.04
N ILE B 188 -12.48 -21.68 11.17
CA ILE B 188 -11.03 -21.43 11.18
C ILE B 188 -10.22 -22.64 11.71
N LEU B 189 -9.37 -23.18 10.85
CA LEU B 189 -8.52 -24.30 11.22
C LEU B 189 -7.03 -23.88 11.27
N GLY B 190 -6.43 -23.88 12.45
CA GLY B 190 -5.02 -23.56 12.61
C GLY B 190 -4.22 -24.86 12.84
N ALA B 191 -3.22 -25.08 12.01
CA ALA B 191 -2.39 -26.30 12.08
C ALA B 191 -1.16 -26.05 12.94
N LEU B 192 -1.25 -26.42 14.23
CA LEU B 192 -0.09 -26.35 15.13
C LEU B 192 1.07 -27.24 14.66
N ARG B 193 0.73 -28.36 14.03
CA ARG B 193 1.68 -29.35 13.43
C ARG B 193 0.92 -30.35 12.58
N ASN B 194 1.59 -30.80 11.52
CA ASN B 194 1.04 -31.74 10.55
C ASN B 194 2.23 -32.45 9.82
N PRO B 195 3.02 -33.22 10.56
CA PRO B 195 4.35 -33.67 10.07
C PRO B 195 4.29 -34.49 8.80
N ASP B 196 3.17 -35.18 8.59
CA ASP B 196 3.01 -36.05 7.44
C ASP B 196 2.16 -35.38 6.36
N HIS B 197 1.93 -34.08 6.50
CA HIS B 197 1.27 -33.35 5.43
C HIS B 197 -0.06 -33.96 5.10
N VAL B 198 -0.82 -34.38 6.11
CA VAL B 198 -2.13 -34.97 5.84
C VAL B 198 -3.13 -33.87 5.45
N PRO B 199 -3.79 -34.02 4.28
CA PRO B 199 -4.75 -33.06 3.75
C PRO B 199 -6.03 -32.86 4.55
N THR B 200 -6.61 -31.67 4.37
CA THR B 200 -8.05 -31.45 4.51
C THR B 200 -8.65 -31.46 3.09
N THR B 201 -9.87 -31.99 2.98
CA THR B 201 -10.67 -31.96 1.75
C THR B 201 -11.62 -30.76 1.83
N VAL B 202 -11.71 -30.04 0.73
CA VAL B 202 -12.64 -28.92 0.60
C VAL B 202 -13.16 -28.85 -0.83
N GLY B 203 -14.45 -28.59 -0.99
CA GLY B 203 -14.96 -28.46 -2.36
C GLY B 203 -16.08 -27.46 -2.41
N GLU B 204 -16.21 -26.85 -3.57
CA GLU B 204 -17.11 -25.75 -3.81
C GLU B 204 -18.11 -26.25 -4.87
N LEU B 205 -19.10 -25.43 -5.23
CA LEU B 205 -20.04 -25.74 -6.29
C LEU B 205 -19.59 -25.17 -7.65
N ASP B 206 -19.20 -26.03 -8.60
CA ASP B 206 -19.05 -25.52 -9.95
C ASP B 206 -20.43 -25.51 -10.59
N LEU B 207 -20.92 -24.31 -10.87
CA LEU B 207 -22.31 -24.11 -11.22
C LEU B 207 -22.56 -24.52 -12.68
N SER B 208 -21.63 -24.15 -13.57
CA SER B 208 -21.83 -24.31 -15.00
C SER B 208 -21.97 -25.77 -15.42
N SER B 209 -21.75 -26.70 -14.48
CA SER B 209 -21.96 -28.12 -14.75
C SER B 209 -23.36 -28.56 -14.33
N LEU B 210 -24.11 -27.66 -13.68
CA LEU B 210 -25.54 -27.84 -13.39
C LEU B 210 -26.40 -27.00 -14.35
N SER B 211 -27.56 -27.51 -14.76
CA SER B 211 -28.48 -26.72 -15.60
C SER B 211 -29.52 -26.01 -14.75
N ALA B 212 -30.08 -24.92 -15.31
CA ALA B 212 -30.99 -23.98 -14.61
C ALA B 212 -32.30 -24.61 -14.10
N GLU B 213 -32.61 -25.81 -14.56
CA GLU B 213 -33.74 -26.52 -14.02
C GLU B 213 -33.38 -27.11 -12.66
N ASP B 214 -32.22 -27.76 -12.62
CA ASP B 214 -31.78 -28.49 -11.42
C ASP B 214 -31.57 -27.54 -10.24
N ILE B 215 -30.94 -26.42 -10.55
CA ILE B 215 -30.70 -25.35 -9.59
C ILE B 215 -32.05 -24.92 -9.04
N ASP B 216 -32.98 -24.56 -9.93
CA ASP B 216 -34.31 -24.06 -9.49
C ASP B 216 -35.01 -25.05 -8.56
N VAL B 217 -34.80 -26.34 -8.79
CA VAL B 217 -35.45 -27.30 -7.94
C VAL B 217 -34.78 -27.25 -6.58
N LEU B 218 -33.47 -27.03 -6.57
CA LEU B 218 -32.67 -27.23 -5.35
C LEU B 218 -32.86 -26.09 -4.38
N PHE B 219 -33.23 -24.94 -4.96
CA PHE B 219 -33.61 -23.75 -4.20
C PHE B 219 -34.91 -23.89 -3.42
N GLU B 220 -35.62 -25.01 -3.54
CA GLU B 220 -36.94 -25.16 -2.88
C GLU B 220 -36.92 -26.09 -1.67
N PRO B 221 -37.89 -25.92 -0.73
CA PRO B 221 -37.83 -26.53 0.61
C PRO B 221 -38.33 -27.98 0.65
N ARG B 222 -37.68 -28.81 -0.17
CA ARG B 222 -38.10 -30.21 -0.37
C ARG B 222 -37.10 -31.28 0.14
N TYR B 223 -36.20 -30.93 1.09
CA TYR B 223 -35.24 -31.90 1.64
C TYR B 223 -35.14 -31.88 3.14
N HIS B 224 -34.99 -33.05 3.74
CA HIS B 224 -34.74 -33.17 5.19
C HIS B 224 -33.27 -33.36 5.42
N ILE B 225 -32.75 -32.74 6.48
CA ILE B 225 -31.38 -32.96 6.87
C ILE B 225 -31.39 -33.29 8.33
N ALA B 226 -30.82 -34.44 8.65
CA ALA B 226 -30.89 -34.99 9.98
C ALA B 226 -29.84 -34.38 10.87
N PRO B 227 -30.10 -34.30 12.20
CA PRO B 227 -29.13 -33.91 13.24
C PRO B 227 -27.88 -34.76 13.37
N ASP B 228 -27.41 -34.86 14.61
CA ASP B 228 -26.26 -35.65 15.03
C ASP B 228 -26.32 -35.86 16.55
N GLU B 229 -25.29 -36.46 17.16
CA GLU B 229 -25.22 -36.65 18.63
C GLU B 229 -25.16 -35.31 19.37
N SER B 230 -25.12 -34.23 18.57
CA SER B 230 -25.14 -32.85 19.04
C SER B 230 -26.47 -32.50 19.70
N MET B 253 -35.60 -28.48 23.79
CA MET B 253 -36.25 -27.18 23.58
C MET B 253 -36.73 -26.95 22.11
N ILE B 254 -36.22 -25.92 21.41
CA ILE B 254 -36.60 -25.67 19.99
C ILE B 254 -36.07 -26.75 19.04
N ASP B 255 -36.96 -27.32 18.22
CA ASP B 255 -36.71 -28.66 17.71
C ASP B 255 -36.81 -28.96 16.22
N GLU B 256 -37.05 -30.23 15.92
CA GLU B 256 -37.14 -30.71 14.55
C GLU B 256 -38.44 -30.27 13.93
N ARG B 257 -38.36 -29.93 12.65
CA ARG B 257 -39.52 -29.50 11.86
C ARG B 257 -39.25 -29.50 10.34
N PRO B 258 -39.34 -28.31 9.69
CA PRO B 258 -39.64 -28.26 8.24
C PRO B 258 -38.59 -28.85 7.28
N LEU B 259 -38.95 -28.90 6.01
CA LEU B 259 -38.10 -29.35 4.94
C LEU B 259 -37.41 -28.14 4.30
N GLY B 260 -36.08 -28.15 4.29
CA GLY B 260 -35.27 -27.01 3.83
C GLY B 260 -34.76 -27.10 2.39
N PRO B 261 -34.11 -26.02 1.90
CA PRO B 261 -33.55 -26.16 0.55
C PRO B 261 -32.10 -26.62 0.68
N LEU B 262 -31.43 -26.87 -0.44
CA LEU B 262 -30.02 -27.22 -0.37
C LEU B 262 -29.19 -26.06 -0.87
N LEU B 263 -29.71 -25.36 -1.86
CA LEU B 263 -29.08 -24.17 -2.41
C LEU B 263 -29.96 -22.95 -2.12
N TYR B 264 -29.33 -21.81 -1.87
CA TYR B 264 -30.02 -20.54 -1.49
C TYR B 264 -29.14 -19.31 -1.79
N GLY B 265 -29.63 -18.11 -1.42
CA GLY B 265 -28.92 -16.89 -1.78
C GLY B 265 -29.17 -16.58 -3.26
N SER B 266 -28.15 -16.14 -3.98
CA SER B 266 -28.31 -15.84 -5.40
C SER B 266 -28.37 -17.14 -6.20
N ARG B 267 -29.20 -17.13 -7.24
CA ARG B 267 -29.42 -18.33 -8.04
C ARG B 267 -28.35 -18.41 -9.11
N LEU B 268 -27.68 -17.30 -9.33
CA LEU B 268 -26.57 -17.24 -10.25
C LEU B 268 -25.27 -17.64 -9.57
N ASP B 269 -25.25 -17.59 -8.24
CA ASP B 269 -24.04 -17.90 -7.49
C ASP B 269 -24.36 -18.29 -6.05
N PRO B 270 -24.94 -19.47 -5.88
CA PRO B 270 -25.64 -19.94 -4.69
C PRO B 270 -24.75 -20.37 -3.59
N TYR B 271 -25.27 -20.30 -2.37
CA TYR B 271 -24.71 -20.95 -1.20
C TYR B 271 -25.33 -22.30 -1.16
N MET B 272 -24.82 -23.10 -0.24
CA MET B 272 -25.23 -24.48 -0.10
C MET B 272 -25.08 -24.94 1.36
N ARG B 273 -25.88 -25.91 1.74
CA ARG B 273 -25.69 -26.62 3.00
C ARG B 273 -25.92 -28.05 2.55
N LEU B 274 -24.95 -28.94 2.74
CA LEU B 274 -24.97 -30.21 2.02
C LEU B 274 -24.21 -31.16 2.85
N ASP B 275 -24.95 -32.06 3.49
CA ASP B 275 -24.37 -33.14 4.30
C ASP B 275 -24.91 -34.52 3.77
N PRO B 276 -24.26 -35.10 2.69
CA PRO B 276 -24.83 -36.25 1.96
C PRO B 276 -25.35 -37.36 2.87
N TYR B 277 -24.50 -37.84 3.78
CA TYR B 277 -24.84 -38.83 4.79
C TYR B 277 -26.15 -38.69 5.58
N PHE B 278 -26.55 -37.46 5.89
CA PHE B 278 -27.77 -37.23 6.69
C PHE B 278 -28.88 -36.53 5.92
N THR B 279 -28.73 -36.43 4.60
CA THR B 279 -29.72 -35.87 3.72
C THR B 279 -30.66 -36.99 3.26
N SER B 280 -31.98 -36.75 3.27
CA SER B 280 -32.96 -37.57 2.51
C SER B 280 -33.93 -36.75 1.60
N VAL B 281 -34.40 -37.38 0.52
CA VAL B 281 -35.36 -36.77 -0.41
C VAL B 281 -36.59 -37.70 -0.43
N PRO B 282 -37.81 -37.18 -0.20
CA PRO B 282 -39.04 -38.00 -0.33
C PRO B 282 -39.10 -38.75 -1.67
N GLN B 283 -39.26 -40.08 -1.60
CA GLN B 283 -39.27 -40.95 -2.80
C GLN B 283 -40.03 -40.31 -4.01
N ASP B 284 -41.21 -39.78 -3.70
CA ASP B 284 -42.15 -39.21 -4.65
C ASP B 284 -41.62 -37.99 -5.39
N ASP B 285 -40.55 -37.40 -4.89
CA ASP B 285 -40.06 -36.17 -5.49
C ASP B 285 -38.93 -36.45 -6.48
N THR B 286 -39.27 -36.78 -7.71
CA THR B 286 -38.24 -37.30 -8.63
C THR B 286 -37.53 -36.19 -9.40
N ASP B 287 -38.16 -35.04 -9.51
CA ASP B 287 -37.38 -33.89 -9.98
C ASP B 287 -36.25 -33.60 -8.98
N ALA B 288 -36.60 -33.65 -7.70
CA ALA B 288 -35.70 -33.37 -6.58
C ALA B 288 -34.52 -34.32 -6.46
N ARG B 289 -34.77 -35.62 -6.60
CA ARG B 289 -33.73 -36.61 -6.42
C ARG B 289 -32.76 -36.52 -7.60
N ARG B 290 -33.30 -36.30 -8.81
CA ARG B 290 -32.50 -36.04 -10.02
C ARG B 290 -31.56 -34.83 -9.93
N ALA B 291 -32.08 -33.70 -9.46
CA ALA B 291 -31.26 -32.50 -9.32
C ALA B 291 -30.34 -32.58 -8.07
N TYR B 292 -30.74 -33.33 -7.03
CA TYR B 292 -29.85 -33.71 -5.93
C TYR B 292 -28.64 -34.52 -6.43
N ASP B 293 -28.92 -35.62 -7.13
CA ASP B 293 -27.89 -36.41 -7.76
C ASP B 293 -26.97 -35.51 -8.53
N ALA B 294 -27.53 -34.61 -9.34
CA ALA B 294 -26.67 -33.75 -10.22
C ALA B 294 -25.81 -32.71 -9.41
N LEU B 295 -26.30 -32.30 -8.24
CA LEU B 295 -25.53 -31.47 -7.29
C LEU B 295 -24.36 -32.26 -6.65
N PHE B 296 -24.66 -33.41 -6.03
CA PHE B 296 -23.62 -34.30 -5.51
C PHE B 296 -22.47 -34.61 -6.49
N LYS B 297 -22.81 -34.95 -7.73
CA LYS B 297 -21.80 -35.39 -8.72
C LYS B 297 -20.79 -34.27 -8.93
N VAL B 298 -21.35 -33.09 -9.18
CA VAL B 298 -20.64 -31.83 -9.32
C VAL B 298 -19.69 -31.62 -8.15
N VAL B 299 -20.23 -31.77 -6.93
CA VAL B 299 -19.52 -31.42 -5.71
C VAL B 299 -18.41 -32.40 -5.38
N ASP B 300 -18.80 -33.66 -5.20
CA ASP B 300 -17.86 -34.77 -4.97
C ASP B 300 -16.72 -34.83 -5.97
N SER B 301 -17.03 -34.65 -7.24
CA SER B 301 -15.99 -34.69 -8.24
C SER B 301 -15.11 -33.42 -8.23
N GLY B 302 -15.59 -32.33 -7.64
CA GLY B 302 -14.76 -31.12 -7.48
C GLY B 302 -13.90 -31.09 -6.19
N MET B 303 -14.08 -32.01 -5.25
CA MET B 303 -13.27 -32.02 -4.00
C MET B 303 -11.74 -31.87 -4.22
N ARG B 304 -11.10 -30.96 -3.47
CA ARG B 304 -9.63 -30.78 -3.48
C ARG B 304 -9.00 -31.20 -2.17
N GLU B 305 -7.73 -31.55 -2.27
CA GLU B 305 -6.88 -31.80 -1.11
C GLU B 305 -6.13 -30.51 -0.76
N VAL B 306 -6.29 -30.08 0.48
CA VAL B 306 -5.69 -28.84 0.95
C VAL B 306 -4.89 -29.20 2.17
N VAL B 307 -3.59 -28.99 2.13
CA VAL B 307 -2.80 -29.42 3.28
C VAL B 307 -2.64 -28.21 4.18
N ALA B 308 -3.15 -28.30 5.39
CA ALA B 308 -2.88 -27.29 6.38
C ALA B 308 -1.57 -27.65 7.10
N ASP B 309 -0.44 -27.16 6.58
CA ASP B 309 0.87 -27.37 7.21
C ASP B 309 1.10 -26.54 8.46
N GLN B 310 2.08 -26.96 9.23
CA GLN B 310 2.48 -26.27 10.42
C GLN B 310 2.56 -24.77 10.09
N GLY B 311 1.92 -23.94 10.90
CA GLY B 311 1.95 -22.52 10.64
C GLY B 311 0.95 -21.98 9.64
N ASP B 312 0.17 -22.85 9.03
CA ASP B 312 -0.96 -22.45 8.19
C ASP B 312 -2.22 -22.21 9.04
N VAL B 313 -3.02 -21.21 8.68
CA VAL B 313 -4.41 -21.13 9.23
C VAL B 313 -5.37 -21.16 8.05
N LEU B 314 -6.21 -22.20 8.01
CA LEU B 314 -7.24 -22.40 6.98
C LEU B 314 -8.60 -21.82 7.36
N PHE B 315 -9.12 -20.95 6.49
CA PHE B 315 -10.43 -20.32 6.67
C PHE B 315 -11.41 -20.96 5.66
N ILE B 316 -12.46 -21.61 6.18
CA ILE B 316 -13.48 -22.24 5.32
C ILE B 316 -14.77 -21.47 5.45
N ASP B 317 -15.30 -21.06 4.31
CA ASP B 317 -16.57 -20.37 4.26
C ASP B 317 -17.64 -21.47 4.39
N ASN B 318 -18.35 -21.55 5.51
CA ASN B 318 -19.32 -22.67 5.66
C ASN B 318 -20.54 -22.68 4.69
N HIS B 319 -20.72 -21.59 3.95
CA HIS B 319 -21.79 -21.48 2.98
C HIS B 319 -21.33 -21.73 1.60
N ARG B 320 -20.03 -21.85 1.37
CA ARG B 320 -19.62 -22.03 -0.03
C ARG B 320 -18.79 -23.26 -0.29
N ALA B 321 -18.51 -23.97 0.79
CA ALA B 321 -17.60 -25.07 0.72
C ALA B 321 -17.90 -26.13 1.74
N VAL B 322 -17.76 -27.38 1.31
CA VAL B 322 -17.85 -28.50 2.23
C VAL B 322 -16.42 -28.89 2.58
N HIS B 323 -16.23 -29.56 3.71
CA HIS B 323 -14.93 -30.05 4.01
C HIS B 323 -15.01 -31.41 4.58
N GLY B 324 -13.89 -32.13 4.53
CA GLY B 324 -13.72 -33.38 5.24
C GLY B 324 -12.29 -33.62 5.58
N ARG B 325 -12.01 -34.80 6.13
CA ARG B 325 -10.63 -35.15 6.40
C ARG B 325 -10.26 -36.50 5.77
N LEU B 326 -8.96 -36.76 5.63
CA LEU B 326 -8.50 -37.97 4.98
C LEU B 326 -7.90 -38.84 6.04
N PRO B 327 -8.11 -40.15 5.93
CA PRO B 327 -7.58 -41.09 6.96
C PRO B 327 -6.05 -41.08 6.89
N PHE B 328 -5.42 -41.32 8.03
CA PHE B 328 -3.99 -41.27 8.15
C PHE B 328 -3.54 -42.17 9.28
N GLN B 329 -2.41 -42.84 9.07
CA GLN B 329 -1.84 -43.59 10.15
C GLN B 329 -1.27 -42.68 11.26
N ALA B 330 -1.88 -42.71 12.44
CA ALA B 330 -1.35 -42.03 13.64
C ALA B 330 -0.30 -42.88 14.42
N ARG B 331 0.47 -42.27 15.33
CA ARG B 331 1.40 -43.04 16.21
C ARG B 331 1.27 -42.77 17.71
N TYR B 332 0.46 -41.80 18.08
CA TYR B 332 0.09 -41.58 19.50
C TYR B 332 1.26 -41.31 20.47
N ASP B 333 2.35 -40.75 19.96
CA ASP B 333 3.58 -40.50 20.75
C ASP B 333 3.85 -39.04 21.16
N GLY B 334 2.82 -38.20 21.14
CA GLY B 334 2.99 -36.74 21.29
C GLY B 334 3.50 -35.96 20.06
N THR B 335 3.68 -36.62 18.92
CA THR B 335 4.22 -35.93 17.76
C THR B 335 3.24 -35.89 16.61
N ASP B 336 2.00 -36.34 16.84
CA ASP B 336 0.96 -36.32 15.79
C ASP B 336 0.38 -34.92 15.49
N ARG B 337 -0.02 -34.75 14.22
CA ARG B 337 -0.93 -33.71 13.73
C ARG B 337 -1.83 -33.12 14.81
N TRP B 338 -1.76 -31.81 15.01
CA TRP B 338 -2.62 -31.13 15.98
C TRP B 338 -3.13 -29.88 15.27
N LEU B 339 -4.44 -29.83 15.00
CA LEU B 339 -5.03 -28.59 14.55
C LEU B 339 -5.87 -27.97 15.67
N LYS B 340 -6.17 -26.68 15.52
CA LYS B 340 -7.15 -26.03 16.36
C LYS B 340 -8.30 -25.51 15.51
N ARG B 341 -9.43 -25.34 16.17
CA ARG B 341 -10.65 -25.03 15.43
C ARG B 341 -11.62 -24.17 16.21
N VAL B 342 -12.09 -23.16 15.51
CA VAL B 342 -13.00 -22.17 16.08
C VAL B 342 -14.12 -22.00 15.07
N CYS B 343 -15.32 -22.05 15.59
CA CYS B 343 -16.52 -21.80 14.81
C CYS B 343 -16.86 -20.34 14.84
N VAL B 344 -17.22 -19.78 13.68
CA VAL B 344 -17.47 -18.33 13.62
C VAL B 344 -18.90 -18.07 13.21
N THR B 345 -19.59 -17.18 13.95
CA THR B 345 -20.93 -16.72 13.56
C THR B 345 -20.92 -15.25 13.14
N SER B 346 -21.53 -14.90 12.01
CA SER B 346 -21.73 -13.54 11.62
C SER B 346 -22.73 -12.88 12.57
N ASP B 347 -23.74 -13.59 13.07
CA ASP B 347 -24.80 -12.96 13.93
C ASP B 347 -25.11 -13.77 15.19
N LEU B 348 -24.35 -13.49 16.23
CA LEU B 348 -24.55 -14.10 17.54
C LEU B 348 -25.97 -13.97 18.10
N ARG B 349 -26.58 -12.79 18.02
CA ARG B 349 -27.99 -12.61 18.46
C ARG B 349 -29.03 -13.54 17.80
N ARG B 350 -28.75 -13.97 16.58
CA ARG B 350 -29.73 -14.74 15.86
C ARG B 350 -30.01 -16.07 16.52
N SER B 351 -29.03 -16.56 17.29
CA SER B 351 -29.15 -17.80 18.02
C SER B 351 -29.65 -17.62 19.48
N ARG B 352 -30.10 -16.43 19.88
CA ARG B 352 -30.41 -16.18 21.30
C ARG B 352 -31.34 -17.28 21.90
N GLU B 353 -32.37 -17.68 21.15
CA GLU B 353 -33.27 -18.71 21.68
C GLU B 353 -32.64 -20.06 22.11
N MET B 354 -31.42 -20.37 21.68
CA MET B 354 -30.75 -21.65 22.00
C MET B 354 -29.57 -21.43 22.89
N ARG B 355 -29.48 -20.26 23.51
CA ARG B 355 -28.34 -19.95 24.37
C ARG B 355 -28.94 -19.57 25.70
N ALA B 356 -28.27 -19.96 26.79
CA ALA B 356 -28.86 -19.95 28.14
C ALA B 356 -28.94 -18.56 28.71
N THR B 357 -27.97 -17.73 28.33
CA THR B 357 -27.96 -16.31 28.73
C THR B 357 -27.64 -15.43 27.51
N SER B 358 -27.95 -14.16 27.64
CA SER B 358 -27.43 -13.09 26.78
C SER B 358 -25.94 -13.27 26.46
N ALA B 359 -25.14 -13.52 27.50
CA ALA B 359 -23.66 -13.46 27.40
C ALA B 359 -22.97 -14.71 26.84
N THR B 360 -23.55 -15.88 27.00
CA THR B 360 -22.85 -17.09 26.60
C THR B 360 -22.80 -17.22 25.08
N ARG B 361 -21.67 -17.70 24.57
CA ARG B 361 -21.44 -18.00 23.16
C ARG B 361 -21.62 -19.46 22.83
N LEU B 362 -22.10 -20.25 23.80
CA LEU B 362 -22.39 -21.70 23.53
C LEU B 362 -23.87 -21.98 23.21
N LEU B 363 -24.06 -22.68 22.12
CA LEU B 363 -25.37 -23.11 21.71
C LEU B 363 -25.71 -24.42 22.45
N GLY B 364 -26.84 -24.46 23.17
CA GLY B 364 -27.47 -25.73 23.61
C GLY B 364 -27.13 -26.21 25.02
N THR C 29 39.15 -8.23 -1.30
CA THR C 29 38.56 -6.85 -1.44
C THR C 29 39.62 -5.76 -1.23
N PRO C 30 39.98 -5.03 -2.29
CA PRO C 30 40.90 -3.91 -2.11
C PRO C 30 40.47 -3.01 -0.93
N SER C 31 41.47 -2.40 -0.29
CA SER C 31 41.22 -1.35 0.69
C SER C 31 42.42 -0.41 0.55
N TYR C 32 42.28 0.75 1.17
CA TYR C 32 43.31 1.79 1.15
C TYR C 32 43.60 2.19 2.60
N SER C 33 44.88 2.45 2.89
CA SER C 33 45.31 2.78 4.23
C SER C 33 46.09 4.08 4.18
N LEU C 34 45.52 5.16 4.68
CA LEU C 34 46.19 6.46 4.84
C LEU C 34 47.54 6.41 5.59
N THR C 35 48.53 7.14 5.08
CA THR C 35 49.75 7.38 5.81
C THR C 35 49.44 8.39 6.91
N PRO C 36 50.28 8.43 7.97
CA PRO C 36 50.09 9.48 9.01
C PRO C 36 49.97 10.92 8.39
N ALA C 37 50.73 11.24 7.33
CA ALA C 37 50.57 12.56 6.70
C ALA C 37 49.25 12.72 5.92
N GLU C 38 48.75 11.69 5.27
CA GLU C 38 47.40 11.77 4.67
C GLU C 38 46.34 11.93 5.77
N ALA C 39 46.37 11.10 6.81
CA ALA C 39 45.43 11.27 7.93
C ALA C 39 45.42 12.73 8.42
N SER C 40 46.61 13.25 8.69
CA SER C 40 46.76 14.63 9.10
C SER C 40 46.20 15.71 8.12
N ALA C 41 46.61 15.68 6.84
CA ALA C 41 45.99 16.58 5.87
C ALA C 41 44.42 16.44 5.94
N VAL C 42 43.93 15.20 5.98
CA VAL C 42 42.51 15.01 5.95
C VAL C 42 41.82 15.54 7.24
N ALA C 43 42.37 15.26 8.43
CA ALA C 43 41.76 15.82 9.67
C ALA C 43 41.77 17.34 9.62
N GLU C 44 42.88 17.87 9.10
CA GLU C 44 43.06 19.33 8.97
C GLU C 44 42.06 19.94 8.01
N LEU C 45 41.82 19.27 6.89
CA LEU C 45 40.86 19.85 5.96
C LEU C 45 39.48 19.85 6.65
N THR C 46 39.14 18.77 7.33
CA THR C 46 37.83 18.75 7.94
C THR C 46 37.58 19.82 9.01
N LEU C 47 38.57 20.05 9.87
CA LEU C 47 38.50 21.13 10.90
C LEU C 47 38.37 22.46 10.25
N GLU C 48 39.08 22.69 9.14
CA GLU C 48 38.89 23.97 8.42
C GLU C 48 37.47 24.10 7.86
N LEU C 49 36.91 23.01 7.39
CA LEU C 49 35.56 23.04 6.83
C LEU C 49 34.51 23.13 7.96
N ALA C 50 34.75 22.47 9.07
CA ALA C 50 33.82 22.70 10.17
C ALA C 50 33.75 24.18 10.58
N ALA C 51 34.82 24.96 10.35
CA ALA C 51 34.77 26.40 10.74
C ALA C 51 34.10 27.29 9.72
N ALA C 52 34.09 26.85 8.49
CA ALA C 52 33.63 27.66 7.37
C ALA C 52 32.13 27.46 7.05
N TYR C 53 31.58 26.29 7.40
CA TYR C 53 30.22 25.95 6.99
C TYR C 53 29.41 25.66 8.26
N GLY C 54 28.09 25.88 8.19
CA GLY C 54 27.22 25.94 9.38
C GLY C 54 26.60 24.64 9.83
N SER C 55 26.41 23.71 8.88
CA SER C 55 25.92 22.35 9.13
C SER C 55 26.00 21.60 7.81
N PHE C 56 25.96 20.29 7.87
CA PHE C 56 25.55 19.50 6.69
C PHE C 56 24.08 19.82 6.45
N GLY C 57 23.74 20.24 5.24
CA GLY C 57 22.40 20.72 4.96
C GLY C 57 22.50 22.14 4.49
N ASP C 58 23.57 22.80 4.93
CA ASP C 58 23.95 24.11 4.45
C ASP C 58 24.09 24.06 2.90
N PRO C 59 23.31 24.89 2.18
CA PRO C 59 23.28 24.95 0.72
C PRO C 59 24.61 25.31 0.06
N VAL C 60 25.38 26.20 0.71
CA VAL C 60 26.63 26.60 0.12
C VAL C 60 27.60 25.39 0.23
N LEU C 61 27.55 24.72 1.37
CA LEU C 61 28.31 23.48 1.50
C LEU C 61 28.00 22.41 0.42
N LEU C 62 26.72 22.07 0.31
CA LEU C 62 26.19 21.16 -0.69
C LEU C 62 26.61 21.57 -2.07
N ARG C 63 26.54 22.87 -2.40
CA ARG C 63 27.07 23.39 -3.66
C ARG C 63 28.57 23.13 -3.80
N ASP C 64 29.33 23.47 -2.76
CA ASP C 64 30.81 23.36 -2.78
C ASP C 64 31.40 21.96 -2.76
N LEU C 65 30.62 21.02 -2.28
CA LEU C 65 31.06 19.68 -1.92
C LEU C 65 31.96 18.95 -2.96
N PRO C 66 31.59 18.93 -4.27
CA PRO C 66 32.50 18.15 -5.15
C PRO C 66 33.88 18.76 -5.24
N ARG C 67 33.94 20.07 -5.30
CA ARG C 67 35.22 20.78 -5.40
C ARG C 67 36.05 20.66 -4.08
N LEU C 68 35.37 20.64 -2.96
CA LEU C 68 35.97 20.44 -1.66
C LEU C 68 36.50 19.02 -1.54
N ALA C 69 35.79 18.05 -2.13
CA ALA C 69 36.29 16.72 -2.03
C ALA C 69 37.61 16.60 -2.80
N ALA C 70 37.78 17.39 -3.85
CA ALA C 70 39.05 17.34 -4.64
C ALA C 70 40.24 17.94 -3.86
N ARG C 71 40.02 18.39 -2.63
CA ARG C 71 41.16 18.78 -1.79
C ARG C 71 41.62 17.59 -0.97
N LEU C 72 40.82 16.51 -0.91
CA LEU C 72 41.34 15.28 -0.30
C LEU C 72 42.63 14.80 -1.02
N PRO C 73 43.48 14.02 -0.33
CA PRO C 73 44.69 13.51 -1.05
C PRO C 73 44.34 12.84 -2.40
N GLU C 74 45.18 13.08 -3.39
CA GLU C 74 44.94 12.56 -4.74
C GLU C 74 44.72 11.03 -4.82
N GLY C 75 45.55 10.30 -4.09
CA GLY C 75 45.50 8.84 -4.08
C GLY C 75 44.15 8.29 -3.56
N VAL C 76 43.56 8.99 -2.58
CA VAL C 76 42.26 8.69 -2.06
C VAL C 76 41.16 8.92 -3.09
N GLN C 77 41.16 10.06 -3.76
CA GLN C 77 40.17 10.28 -4.86
C GLN C 77 40.27 9.20 -5.95
N ASP C 78 41.50 8.88 -6.36
CA ASP C 78 41.74 7.88 -7.42
C ASP C 78 41.25 6.55 -6.95
N PHE C 79 41.55 6.19 -5.70
CA PHE C 79 41.06 4.92 -5.18
C PHE C 79 39.54 4.73 -5.18
N LEU C 80 38.78 5.68 -4.57
CA LEU C 80 37.28 5.66 -4.65
C LEU C 80 36.74 5.76 -6.09
N ARG C 81 37.37 6.57 -6.92
CA ARG C 81 36.97 6.54 -8.33
C ARG C 81 37.15 5.11 -8.97
N GLU C 82 38.27 4.46 -8.73
CA GLU C 82 38.48 3.14 -9.29
C GLU C 82 37.40 2.22 -8.84
N PHE C 83 37.09 2.26 -7.54
CA PHE C 83 36.06 1.41 -7.01
C PHE C 83 34.69 1.70 -7.62
N LYS C 84 34.39 2.97 -7.82
CA LYS C 84 33.13 3.34 -8.40
C LYS C 84 33.09 2.88 -9.90
N LEU C 85 34.04 3.28 -10.71
CA LEU C 85 33.97 2.88 -12.14
C LEU C 85 34.11 1.37 -12.41
N ALA C 86 34.82 0.59 -11.56
CA ALA C 86 35.00 -0.86 -11.73
C ALA C 86 33.71 -1.58 -11.58
N ASP C 87 32.85 -1.06 -10.69
CA ASP C 87 31.51 -1.64 -10.51
C ASP C 87 31.68 -3.14 -10.36
N ARG C 88 32.59 -3.54 -9.48
CA ARG C 88 32.91 -4.97 -9.35
C ARG C 88 32.76 -5.40 -7.87
N HIS C 89 33.33 -4.70 -6.91
CA HIS C 89 33.34 -5.19 -5.49
C HIS C 89 32.22 -4.65 -4.72
N GLY C 90 31.76 -5.38 -3.71
CA GLY C 90 30.53 -4.99 -3.02
C GLY C 90 30.82 -3.91 -2.01
N HIS C 91 32.08 -3.83 -1.57
CA HIS C 91 32.44 -2.80 -0.60
C HIS C 91 33.90 -2.53 -0.69
N THR C 92 34.33 -1.38 -0.19
CA THR C 92 35.76 -1.21 0.09
C THR C 92 35.84 -0.39 1.38
N VAL C 93 37.07 -0.21 1.87
CA VAL C 93 37.40 0.47 3.13
C VAL C 93 38.55 1.45 2.91
N ILE C 94 38.42 2.65 3.46
CA ILE C 94 39.61 3.54 3.66
C ILE C 94 39.89 3.59 5.19
N ARG C 95 41.03 3.04 5.60
CA ARG C 95 41.47 2.95 7.04
C ARG C 95 42.47 4.02 7.46
N GLY C 96 42.55 4.26 8.77
CA GLY C 96 43.64 5.08 9.25
C GLY C 96 43.32 6.57 9.35
N HIS C 97 42.04 6.94 9.35
CA HIS C 97 41.73 8.33 9.61
C HIS C 97 42.06 8.63 11.08
N ASP C 98 42.44 9.86 11.30
CA ASP C 98 42.62 10.33 12.66
C ASP C 98 41.32 11.02 13.14
N PHE C 99 40.55 10.31 13.95
CA PHE C 99 39.28 10.79 14.47
C PHE C 99 39.51 11.07 15.97
N ASP C 100 39.58 12.34 16.30
CA ASP C 100 40.18 12.79 17.56
C ASP C 100 39.21 12.54 18.71
N GLN C 101 39.48 11.52 19.50
CA GLN C 101 38.47 11.01 20.43
C GLN C 101 38.03 12.01 21.50
N ARG C 102 38.91 12.89 21.95
CA ARG C 102 38.55 13.77 23.06
C ARG C 102 37.67 14.91 22.56
N ARG C 103 37.95 15.39 21.35
CA ARG C 103 37.07 16.38 20.69
C ARG C 103 35.75 15.76 20.30
N ILE C 104 35.76 14.52 19.78
CA ILE C 104 34.50 13.81 19.45
C ILE C 104 33.58 13.65 20.67
N GLY C 105 34.16 13.25 21.81
CA GLY C 105 33.38 13.20 23.06
C GLY C 105 32.60 11.91 23.28
N PRO C 106 31.66 11.90 24.23
CA PRO C 106 31.10 10.58 24.52
C PRO C 106 30.00 10.19 23.51
N THR C 107 29.81 8.90 23.30
CA THR C 107 28.69 8.42 22.49
C THR C 107 27.38 8.86 23.14
N PRO C 108 26.55 9.61 22.39
CA PRO C 108 25.31 10.16 22.94
C PRO C 108 24.28 9.10 23.38
N ASP C 109 23.22 9.52 24.09
CA ASP C 109 22.14 8.62 24.50
C ASP C 109 21.02 8.54 23.49
N HIS C 110 20.87 9.58 22.70
CA HIS C 110 19.84 9.56 21.70
C HIS C 110 20.31 10.49 20.66
N TRP C 111 19.72 10.40 19.47
CA TRP C 111 20.09 11.33 18.44
C TRP C 111 19.27 12.59 18.49
N ARG C 112 18.07 12.54 19.07
CA ARG C 112 17.22 13.70 18.99
C ARG C 112 17.70 14.67 20.05
N GLY C 113 17.52 15.96 19.81
CA GLY C 113 17.72 16.96 20.88
C GLY C 113 19.12 17.45 21.25
N ARG C 114 20.13 16.61 21.03
CA ARG C 114 21.53 17.09 21.08
C ARG C 114 21.82 18.11 19.95
N VAL C 115 22.81 18.99 20.21
CA VAL C 115 23.13 20.15 19.35
C VAL C 115 23.82 19.75 18.03
N ARG C 116 23.31 20.32 16.95
CA ARG C 116 23.68 19.92 15.60
C ARG C 116 24.02 21.22 14.88
N PRO C 117 25.22 21.33 14.25
CA PRO C 117 26.33 20.35 14.26
C PRO C 117 27.09 20.23 15.59
N GLY C 118 27.33 18.99 16.01
CA GLY C 118 28.06 18.66 17.24
C GLY C 118 29.57 18.76 17.10
N PRO C 119 30.29 18.34 18.16
CA PRO C 119 31.75 18.37 18.12
C PRO C 119 32.37 17.38 17.09
N GLU C 120 31.57 16.39 16.66
CA GLU C 120 31.99 15.49 15.55
C GLU C 120 31.62 16.01 14.14
N PHE C 121 31.27 17.28 14.07
CA PHE C 121 30.99 17.88 12.79
C PHE C 121 32.11 17.58 11.76
N PRO C 122 33.40 17.68 12.15
CA PRO C 122 34.43 17.38 11.17
C PRO C 122 34.24 16.01 10.49
N GLU C 123 34.02 14.96 11.27
CA GLU C 123 33.83 13.61 10.75
C GLU C 123 32.61 13.52 9.81
N GLU C 124 31.56 14.26 10.17
CA GLU C 124 30.36 14.30 9.37
C GLU C 124 30.63 14.90 7.94
N LEU C 125 31.40 16.00 7.91
CA LEU C 125 31.79 16.65 6.68
C LEU C 125 32.65 15.73 5.85
N LEU C 126 33.56 15.02 6.51
CA LEU C 126 34.39 14.01 5.86
C LEU C 126 33.47 13.08 5.05
N LEU C 127 32.41 12.59 5.69
CA LEU C 127 31.51 11.66 5.01
C LEU C 127 30.76 12.33 3.86
N MET C 128 30.51 13.64 4.03
CA MET C 128 29.88 14.38 3.01
C MET C 128 30.81 14.49 1.79
N LEU C 129 32.08 14.87 2.03
CA LEU C 129 33.11 14.91 1.02
C LEU C 129 33.13 13.59 0.23
N TYR C 130 33.28 12.50 0.94
CA TYR C 130 33.24 11.20 0.30
C TYR C 130 32.01 10.94 -0.55
N SER C 131 30.84 11.42 -0.08
CA SER C 131 29.63 11.15 -0.77
C SER C 131 29.60 11.87 -2.09
N ALA C 132 30.31 12.99 -2.20
CA ALA C 132 30.27 13.76 -3.44
C ALA C 132 31.28 13.16 -4.44
N LEU C 133 32.17 12.30 -3.96
CA LEU C 133 33.05 11.57 -4.90
C LEU C 133 32.27 10.44 -5.59
N LEU C 134 31.31 9.82 -4.89
CA LEU C 134 30.56 8.73 -5.46
C LEU C 134 29.24 9.18 -6.09
N GLY C 135 28.70 10.35 -5.72
CA GLY C 135 27.34 10.67 -6.08
C GLY C 135 26.79 11.94 -5.42
N GLU C 136 25.56 11.91 -4.92
CA GLU C 136 24.97 13.00 -4.11
C GLU C 136 24.47 12.45 -2.74
N PRO C 137 24.81 13.15 -1.66
CA PRO C 137 24.18 12.77 -0.38
C PRO C 137 22.69 13.09 -0.44
N PHE C 138 21.90 12.17 0.06
CA PHE C 138 20.50 12.50 0.26
C PHE C 138 20.04 11.83 1.56
N GLY C 139 18.80 12.13 1.95
CA GLY C 139 18.22 11.50 3.13
C GLY C 139 16.74 11.20 3.02
N TRP C 140 16.26 10.57 4.07
CA TRP C 140 14.88 10.21 4.18
C TRP C 140 14.27 11.01 5.28
N ALA C 141 13.17 11.68 4.97
CA ALA C 141 12.45 12.47 6.01
C ALA C 141 12.09 11.59 7.24
N THR C 142 11.69 10.33 7.04
CA THR C 142 11.46 9.35 8.14
C THR C 142 12.67 8.94 9.02
N GLN C 143 13.89 9.11 8.53
CA GLN C 143 15.08 8.70 9.30
C GLN C 143 15.77 9.86 10.03
N GLN C 144 15.75 9.78 11.37
CA GLN C 144 16.33 10.83 12.23
C GLN C 144 16.11 12.24 11.68
N ASP C 145 14.84 12.56 11.44
CA ASP C 145 14.43 13.92 11.06
C ASP C 145 15.12 14.41 9.81
N GLY C 146 15.51 13.48 8.95
CA GLY C 146 16.12 13.86 7.70
C GLY C 146 17.53 14.39 7.76
N HIS C 147 18.25 14.10 8.84
CA HIS C 147 19.72 14.42 8.92
C HIS C 147 20.50 13.69 7.81
N LEU C 148 21.14 14.44 6.92
CA LEU C 148 21.90 13.84 5.78
C LEU C 148 22.97 12.83 6.29
N VAL C 149 23.63 13.17 7.40
CA VAL C 149 24.54 12.27 8.07
C VAL C 149 23.84 11.81 9.37
N HIS C 150 23.61 10.53 9.52
CA HIS C 150 22.85 10.09 10.64
C HIS C 150 23.73 9.26 11.48
N ASP C 151 23.19 8.84 12.62
CA ASP C 151 23.94 8.16 13.68
C ASP C 151 23.57 6.75 13.80
N ILE C 152 24.55 5.91 14.10
CA ILE C 152 24.34 4.53 14.42
C ILE C 152 25.09 4.30 15.74
N PHE C 153 24.33 4.23 16.81
CA PHE C 153 24.86 3.92 18.13
C PHE C 153 23.72 3.31 18.93
N PRO C 154 24.06 2.49 19.94
CA PRO C 154 22.99 1.80 20.67
C PRO C 154 22.11 2.73 21.56
N ILE C 155 20.79 2.56 21.44
CA ILE C 155 19.82 3.22 22.30
C ILE C 155 19.12 2.15 23.18
N ARG C 156 18.91 2.43 24.47
CA ARG C 156 18.23 1.43 25.35
C ARG C 156 16.85 0.94 24.83
N SER C 157 15.96 1.88 24.50
CA SER C 157 14.62 1.52 23.96
C SER C 157 14.61 0.78 22.60
N HIS C 158 15.78 0.64 21.97
CA HIS C 158 15.86 -0.13 20.74
C HIS C 158 16.65 -1.39 20.85
N GLU C 159 17.05 -1.73 22.09
CA GLU C 159 17.78 -2.97 22.39
C GLU C 159 17.45 -4.15 21.48
N ASN C 160 16.16 -4.45 21.37
CA ASN C 160 15.73 -5.62 20.66
C ASN C 160 15.19 -5.41 19.27
N ASP C 161 15.40 -4.23 18.70
CA ASP C 161 14.87 -3.98 17.34
C ASP C 161 15.89 -4.24 16.23
N GLN C 162 15.43 -4.80 15.11
CA GLN C 162 16.19 -4.78 13.87
C GLN C 162 16.20 -3.35 13.28
N LEU C 163 16.95 -2.47 13.96
CA LEU C 163 17.19 -1.09 13.51
C LEU C 163 18.65 -0.79 13.78
N GLY C 164 19.18 0.20 13.05
CA GLY C 164 20.54 0.64 13.27
C GLY C 164 20.88 0.87 14.74
N MET C 165 19.89 1.27 15.56
CA MET C 165 20.12 1.68 16.93
C MET C 165 19.98 0.50 17.92
N GLY C 166 19.95 -0.70 17.35
CA GLY C 166 19.93 -1.95 18.10
C GLY C 166 21.26 -2.37 18.71
N SER C 167 21.29 -3.54 19.32
CA SER C 167 22.50 -4.16 19.89
C SER C 167 22.29 -5.65 19.91
N LYS C 168 21.40 -6.05 20.84
CA LYS C 168 21.23 -7.45 21.27
C LYS C 168 20.79 -8.43 20.16
N GLN C 169 20.04 -7.95 19.19
CA GLN C 169 19.52 -8.83 18.13
C GLN C 169 20.25 -8.69 16.79
N LEU C 170 20.52 -9.81 16.17
CA LEU C 170 21.05 -9.87 14.82
C LEU C 170 20.34 -8.84 13.92
N LEU C 171 21.09 -7.91 13.36
CA LEU C 171 20.55 -7.10 12.25
C LEU C 171 20.66 -7.94 10.98
N THR C 172 19.54 -8.54 10.54
CA THR C 172 19.59 -9.49 9.43
C THR C 172 19.96 -8.77 8.13
N TRP C 173 20.80 -9.39 7.33
CA TRP C 173 21.29 -8.69 6.18
C TRP C 173 20.22 -8.28 5.19
N HIS C 174 20.50 -7.19 4.47
CA HIS C 174 19.57 -6.66 3.54
C HIS C 174 20.23 -5.64 2.67
N THR C 175 19.61 -5.37 1.52
CA THR C 175 19.89 -4.20 0.73
C THR C 175 19.21 -3.03 1.42
N GLU C 176 19.85 -1.88 1.48
CA GLU C 176 19.22 -0.73 2.10
C GLU C 176 17.96 -0.27 1.32
N ALA C 177 16.87 -0.01 2.04
CA ALA C 177 15.58 0.46 1.44
C ALA C 177 15.13 -0.39 0.22
N ALA C 178 15.21 -1.70 0.39
CA ALA C 178 15.01 -2.65 -0.68
C ALA C 178 13.75 -2.43 -1.47
N PHE C 179 12.67 -2.13 -0.75
CA PHE C 179 11.35 -1.97 -1.38
C PHE C 179 11.31 -0.82 -2.36
N HIS C 180 12.19 0.18 -2.17
CA HIS C 180 11.93 1.52 -2.71
C HIS C 180 12.69 1.72 -4.02
N PRO C 181 12.08 2.28 -5.08
CA PRO C 181 12.88 2.48 -6.31
C PRO C 181 13.95 3.59 -6.13
N TYR C 182 13.88 4.45 -5.11
CA TYR C 182 14.92 5.49 -5.00
C TYR C 182 15.93 5.23 -3.87
N ARG C 183 16.08 3.97 -3.48
CA ARG C 183 17.09 3.57 -2.46
C ARG C 183 18.50 4.02 -2.87
N SER C 184 19.41 4.12 -1.90
CA SER C 184 20.83 4.43 -2.10
C SER C 184 21.45 3.56 -3.22
N ASP C 185 22.34 4.16 -3.97
CA ASP C 185 23.30 3.46 -4.78
C ASP C 185 24.48 3.02 -3.98
N TYR C 186 24.89 3.86 -3.02
CA TYR C 186 26.01 3.52 -2.13
C TYR C 186 25.66 3.93 -0.71
N LEU C 187 26.36 3.34 0.24
CA LEU C 187 26.16 3.70 1.61
C LEU C 187 27.54 3.96 2.19
N ILE C 188 27.70 5.07 2.93
CA ILE C 188 28.97 5.38 3.53
C ILE C 188 28.87 5.30 5.10
N LEU C 189 29.74 4.51 5.72
CA LEU C 189 29.69 4.27 7.16
C LEU C 189 31.02 4.67 7.74
N GLY C 190 31.07 5.73 8.57
CA GLY C 190 32.32 6.10 9.23
C GLY C 190 32.30 5.65 10.68
N ALA C 191 33.30 4.88 11.09
CA ALA C 191 33.32 4.38 12.47
C ALA C 191 34.04 5.33 13.46
N LEU C 192 33.26 6.05 14.28
CA LEU C 192 33.90 6.97 15.23
C LEU C 192 34.63 6.17 16.28
N ARG C 193 34.07 5.05 16.65
CA ARG C 193 34.66 4.17 17.64
C ARG C 193 33.90 2.85 17.52
N ASN C 194 34.61 1.78 17.75
CA ASN C 194 34.04 0.44 17.80
C ASN C 194 34.97 -0.44 18.73
N PRO C 195 34.93 -0.17 20.09
CA PRO C 195 35.93 -0.77 21.01
C PRO C 195 35.90 -2.29 21.06
N ASP C 196 34.72 -2.88 20.99
CA ASP C 196 34.65 -4.32 20.96
C ASP C 196 34.65 -4.92 19.56
N HIS C 197 35.10 -4.16 18.55
CA HIS C 197 35.25 -4.69 17.19
C HIS C 197 34.02 -5.47 16.68
N VAL C 198 32.83 -4.90 16.90
CA VAL C 198 31.59 -5.50 16.42
C VAL C 198 31.59 -5.50 14.85
N PRO C 199 31.33 -6.66 14.22
CA PRO C 199 31.40 -6.69 12.76
C PRO C 199 30.16 -6.13 12.07
N THR C 200 30.36 -5.49 10.93
CA THR C 200 29.28 -5.20 9.99
C THR C 200 29.31 -6.41 9.05
N THR C 201 28.16 -6.91 8.59
CA THR C 201 28.15 -8.06 7.69
C THR C 201 27.87 -7.51 6.31
N VAL C 202 28.59 -8.06 5.32
CA VAL C 202 28.54 -7.62 3.95
C VAL C 202 28.60 -8.90 3.10
N GLY C 203 27.66 -9.02 2.17
CA GLY C 203 27.53 -10.19 1.36
C GLY C 203 27.42 -9.73 -0.07
N GLU C 204 28.17 -10.37 -0.96
CA GLU C 204 27.99 -10.22 -2.43
C GLU C 204 27.24 -11.37 -3.04
N LEU C 205 26.96 -11.25 -4.33
CA LEU C 205 26.27 -12.22 -5.12
C LEU C 205 27.33 -13.08 -5.76
N ASP C 206 27.32 -14.37 -5.49
CA ASP C 206 28.18 -15.29 -6.24
C ASP C 206 27.31 -16.22 -7.09
N LEU C 207 27.69 -16.40 -8.35
CA LEU C 207 26.93 -17.15 -9.33
C LEU C 207 27.42 -18.63 -9.54
N SER C 208 28.37 -19.09 -8.76
CA SER C 208 28.92 -20.43 -9.01
C SER C 208 27.98 -21.62 -8.65
N SER C 209 26.80 -21.38 -8.05
CA SER C 209 25.71 -22.36 -7.98
C SER C 209 24.34 -22.02 -8.63
N LEU C 210 24.31 -20.96 -9.45
CA LEU C 210 23.10 -20.45 -10.04
C LEU C 210 23.20 -20.47 -11.53
N SER C 211 22.09 -20.86 -12.14
CA SER C 211 21.99 -21.09 -13.58
C SER C 211 21.40 -19.88 -14.27
N ALA C 212 21.56 -19.83 -15.58
CA ALA C 212 20.93 -18.81 -16.39
C ALA C 212 19.40 -18.77 -16.17
N GLU C 213 18.79 -19.97 -16.10
CA GLU C 213 17.37 -20.17 -15.75
C GLU C 213 16.93 -19.54 -14.39
N ASP C 214 17.69 -19.79 -13.34
CA ASP C 214 17.40 -19.28 -11.98
C ASP C 214 17.44 -17.77 -12.01
N ILE C 215 18.48 -17.26 -12.70
CA ILE C 215 18.71 -15.81 -12.86
C ILE C 215 17.50 -15.22 -13.57
N ASP C 216 17.06 -15.84 -14.69
CA ASP C 216 15.90 -15.34 -15.45
C ASP C 216 14.69 -15.27 -14.53
N VAL C 217 14.46 -16.30 -13.73
CA VAL C 217 13.29 -16.31 -12.85
C VAL C 217 13.45 -15.19 -11.78
N LEU C 218 14.66 -14.96 -11.34
CA LEU C 218 14.91 -13.90 -10.33
C LEU C 218 14.79 -12.48 -10.90
N PHE C 219 14.95 -12.32 -12.23
CA PHE C 219 14.77 -11.04 -12.96
C PHE C 219 13.29 -10.64 -13.19
N GLU C 220 12.36 -11.52 -12.86
CA GLU C 220 10.94 -11.30 -13.10
C GLU C 220 10.20 -10.74 -11.89
N PRO C 221 9.15 -9.90 -12.12
CA PRO C 221 8.38 -9.30 -11.02
C PRO C 221 7.58 -10.32 -10.23
N ARG C 222 8.23 -11.13 -9.38
CA ARG C 222 7.50 -12.27 -8.81
C ARG C 222 7.49 -12.37 -7.27
N TYR C 223 8.05 -11.35 -6.60
CA TYR C 223 8.45 -11.40 -5.18
C TYR C 223 7.96 -10.12 -4.54
N HIS C 224 7.47 -10.25 -3.32
CA HIS C 224 7.00 -9.15 -2.53
C HIS C 224 8.04 -8.76 -1.53
N ILE C 225 8.50 -7.50 -1.55
CA ILE C 225 9.35 -6.98 -0.46
C ILE C 225 8.63 -5.77 0.14
N ALA C 226 8.33 -5.83 1.42
CA ALA C 226 7.61 -4.74 2.10
C ALA C 226 8.58 -3.73 2.71
N PRO C 227 8.10 -2.51 3.01
CA PRO C 227 8.99 -1.56 3.70
C PRO C 227 9.21 -1.93 5.12
N ASP C 228 10.43 -1.76 5.61
CA ASP C 228 10.65 -2.01 7.01
C ASP C 228 9.91 -0.96 7.84
N GLU C 229 9.88 -1.13 9.15
CA GLU C 229 9.15 -0.23 10.05
C GLU C 229 9.65 1.24 9.98
N SER C 230 10.95 1.45 9.76
CA SER C 230 11.55 2.80 9.77
C SER C 230 11.20 3.63 8.50
N HIS C 231 10.06 3.28 7.92
CA HIS C 231 9.36 4.13 6.98
C HIS C 231 7.88 4.03 7.34
N LEU C 232 7.61 3.79 8.63
CA LEU C 232 6.27 3.90 9.25
C LEU C 232 6.17 5.26 9.99
N PRO C 233 5.65 6.33 9.32
CA PRO C 233 5.45 7.59 10.07
C PRO C 233 4.32 7.50 11.13
N ALA C 248 2.05 16.67 -0.18
CA ALA C 248 0.77 15.98 -0.02
C ALA C 248 1.01 14.50 0.33
N THR C 249 0.52 13.60 -0.54
CA THR C 249 1.07 12.24 -0.77
C THR C 249 2.22 11.95 0.22
N ILE C 250 2.25 10.80 0.92
CA ILE C 250 1.43 9.59 0.77
C ILE C 250 2.28 8.52 0.04
N GLN C 251 2.97 8.92 -1.06
CA GLN C 251 3.66 8.00 -2.00
C GLN C 251 2.77 6.86 -2.52
N ARG C 252 2.17 6.11 -1.56
CA ARG C 252 1.06 5.09 -1.63
C ARG C 252 1.47 3.66 -1.24
N MET C 253 2.74 3.37 -1.52
CA MET C 253 3.48 2.12 -1.23
C MET C 253 2.73 0.86 -0.74
N ILE C 254 2.43 0.84 0.56
CA ILE C 254 2.03 -0.34 1.34
C ILE C 254 0.82 -1.14 0.85
N ASP C 255 -0.27 -0.43 0.53
CA ASP C 255 -1.56 -1.08 0.28
C ASP C 255 -1.57 -1.76 -1.07
N GLU C 256 -0.74 -1.20 -1.95
CA GLU C 256 -0.49 -1.72 -3.29
C GLU C 256 0.05 -3.17 -3.25
N ARG C 257 1.25 -3.36 -2.69
CA ARG C 257 1.87 -4.69 -2.53
C ARG C 257 2.37 -5.37 -3.81
N PRO C 258 2.94 -4.60 -4.79
CA PRO C 258 3.15 -5.25 -6.09
C PRO C 258 4.35 -6.21 -6.04
N LEU C 259 4.40 -7.08 -7.02
CA LEU C 259 5.52 -7.96 -7.14
C LEU C 259 6.58 -7.20 -7.90
N GLY C 260 7.84 -7.51 -7.56
CA GLY C 260 9.01 -6.92 -8.18
C GLY C 260 10.12 -7.98 -8.32
N PRO C 261 11.14 -7.71 -9.15
CA PRO C 261 12.28 -8.59 -9.35
C PRO C 261 13.25 -8.56 -8.18
N LEU C 262 14.07 -9.59 -8.08
CA LEU C 262 15.06 -9.62 -7.02
C LEU C 262 16.44 -9.35 -7.56
N LEU C 263 16.67 -9.65 -8.86
CA LEU C 263 17.91 -9.32 -9.50
C LEU C 263 17.59 -8.41 -10.70
N TYR C 264 18.56 -7.61 -11.13
CA TYR C 264 18.30 -6.59 -12.16
C TYR C 264 19.60 -6.13 -12.81
N GLY C 265 19.55 -5.36 -13.91
CA GLY C 265 20.77 -4.97 -14.54
C GLY C 265 21.09 -6.00 -15.58
N SER C 266 22.35 -6.46 -15.62
CA SER C 266 22.69 -7.48 -16.57
C SER C 266 22.58 -8.90 -16.01
N ARG C 267 21.98 -9.80 -16.81
CA ARG C 267 21.78 -11.21 -16.46
C ARG C 267 23.09 -11.92 -16.26
N LEU C 268 24.09 -11.37 -16.90
CA LEU C 268 25.42 -11.87 -16.84
C LEU C 268 26.18 -11.47 -15.57
N ASP C 269 25.75 -10.41 -14.90
CA ASP C 269 26.44 -9.93 -13.69
C ASP C 269 25.46 -9.02 -12.84
N PRO C 270 24.46 -9.61 -12.31
CA PRO C 270 23.29 -8.86 -11.89
C PRO C 270 23.57 -8.02 -10.66
N TYR C 271 22.77 -7.00 -10.49
CA TYR C 271 22.65 -6.23 -9.31
C TYR C 271 21.58 -6.91 -8.46
N MET C 272 21.59 -6.67 -7.16
CA MET C 272 20.55 -7.28 -6.34
C MET C 272 19.79 -6.31 -5.46
N ARG C 273 18.56 -6.72 -5.13
CA ARG C 273 17.77 -6.09 -4.12
C ARG C 273 17.03 -7.14 -3.31
N LEU C 274 17.40 -7.22 -2.04
CA LEU C 274 17.00 -8.31 -1.16
C LEU C 274 16.71 -7.79 0.20
N ASP C 275 15.65 -8.25 0.85
CA ASP C 275 15.47 -7.88 2.26
C ASP C 275 14.67 -9.04 2.81
N PRO C 276 15.37 -10.12 3.12
CA PRO C 276 14.67 -11.33 3.41
C PRO C 276 13.66 -11.21 4.57
N TYR C 277 13.94 -10.40 5.58
CA TYR C 277 13.00 -10.30 6.71
C TYR C 277 11.70 -9.61 6.30
N PHE C 278 11.74 -8.88 5.17
CA PHE C 278 10.56 -8.18 4.69
C PHE C 278 10.00 -8.72 3.38
N THR C 279 10.29 -10.01 3.13
CA THR C 279 9.98 -10.64 1.81
C THR C 279 9.00 -11.78 1.93
N SER C 280 8.04 -11.84 1.02
CA SER C 280 7.27 -13.07 0.82
C SER C 280 7.16 -13.40 -0.65
N VAL C 281 6.78 -14.64 -0.94
CA VAL C 281 6.57 -15.12 -2.31
C VAL C 281 5.20 -15.81 -2.37
N PRO C 282 4.35 -15.43 -3.33
CA PRO C 282 3.00 -16.04 -3.44
C PRO C 282 3.12 -17.58 -3.48
N GLN C 283 2.36 -18.25 -2.61
CA GLN C 283 2.40 -19.72 -2.46
C GLN C 283 2.36 -20.56 -3.78
N ASP C 284 1.55 -20.17 -4.75
CA ASP C 284 1.41 -20.89 -6.03
C ASP C 284 2.63 -20.74 -6.94
N ASP C 285 3.41 -19.66 -6.76
CA ASP C 285 4.51 -19.47 -7.68
C ASP C 285 5.68 -20.31 -7.19
N THR C 286 5.57 -21.63 -7.38
CA THR C 286 6.60 -22.59 -6.97
C THR C 286 8.02 -22.36 -7.49
N ASP C 287 8.16 -21.98 -8.77
CA ASP C 287 9.49 -21.71 -9.29
C ASP C 287 10.10 -20.51 -8.61
N ALA C 288 9.29 -19.49 -8.35
CA ALA C 288 9.83 -18.24 -7.85
C ALA C 288 10.29 -18.50 -6.43
N ARG C 289 9.60 -19.38 -5.71
CA ARG C 289 10.00 -19.68 -4.32
C ARG C 289 11.27 -20.51 -4.28
N ARG C 290 11.35 -21.50 -5.16
CA ARG C 290 12.59 -22.28 -5.30
C ARG C 290 13.77 -21.36 -5.62
N ALA C 291 13.60 -20.40 -6.53
CA ALA C 291 14.67 -19.53 -6.93
C ALA C 291 15.05 -18.54 -5.81
N TYR C 292 14.05 -18.03 -5.14
CA TYR C 292 14.35 -17.18 -4.01
C TYR C 292 15.14 -17.92 -2.93
N ASP C 293 14.74 -19.14 -2.59
CA ASP C 293 15.35 -19.87 -1.51
C ASP C 293 16.78 -20.17 -1.86
N ALA C 294 17.05 -20.47 -3.15
CA ALA C 294 18.41 -20.70 -3.64
C ALA C 294 19.25 -19.38 -3.43
N LEU C 295 18.72 -18.28 -3.90
CA LEU C 295 19.38 -16.96 -3.79
C LEU C 295 19.61 -16.58 -2.31
N PHE C 296 18.61 -16.72 -1.46
CA PHE C 296 18.87 -16.50 -0.03
C PHE C 296 20.04 -17.34 0.47
N LYS C 297 20.08 -18.61 0.09
CA LYS C 297 21.17 -19.52 0.55
C LYS C 297 22.55 -19.16 -0.04
N VAL C 298 22.58 -18.81 -1.34
CA VAL C 298 23.80 -18.36 -1.92
C VAL C 298 24.35 -17.14 -1.14
N VAL C 299 23.50 -16.14 -0.94
CA VAL C 299 23.95 -14.89 -0.31
C VAL C 299 24.26 -15.11 1.17
N ASP C 300 23.43 -15.88 1.86
CA ASP C 300 23.70 -16.16 3.27
C ASP C 300 25.04 -16.89 3.46
N SER C 301 25.39 -17.81 2.57
CA SER C 301 26.69 -18.55 2.71
C SER C 301 27.95 -17.73 2.35
N GLY C 302 27.78 -16.68 1.54
CA GLY C 302 28.92 -15.81 1.19
C GLY C 302 29.14 -14.59 2.07
N MET C 303 28.31 -14.39 3.08
CA MET C 303 28.42 -13.22 3.92
C MET C 303 29.81 -13.19 4.51
N ARG C 304 30.39 -11.99 4.65
CA ARG C 304 31.62 -11.86 5.41
C ARG C 304 31.39 -10.87 6.54
N GLU C 305 32.23 -10.96 7.55
CA GLU C 305 32.25 -9.98 8.62
C GLU C 305 33.32 -8.96 8.31
N VAL C 306 32.96 -7.69 8.33
CA VAL C 306 33.88 -6.58 8.03
C VAL C 306 33.80 -5.68 9.28
N VAL C 307 34.92 -5.46 9.96
CA VAL C 307 34.91 -4.68 11.25
C VAL C 307 35.33 -3.27 10.87
N ALA C 308 34.49 -2.27 11.13
CA ALA C 308 34.87 -0.93 10.85
C ALA C 308 35.42 -0.51 12.19
N ASP C 309 36.73 -0.40 12.25
CA ASP C 309 37.37 0.04 13.44
C ASP C 309 37.43 1.53 13.43
N GLN C 310 37.78 2.09 14.60
CA GLN C 310 37.91 3.53 14.75
C GLN C 310 38.79 4.08 13.64
N GLY C 311 38.37 5.14 12.97
CA GLY C 311 39.19 5.66 11.87
C GLY C 311 38.87 5.03 10.48
N ASP C 312 38.04 3.98 10.43
CA ASP C 312 37.74 3.30 9.16
C ASP C 312 36.51 3.94 8.61
N VAL C 313 36.55 4.14 7.28
CA VAL C 313 35.32 4.50 6.54
C VAL C 313 34.98 3.39 5.55
N LEU C 314 33.83 2.71 5.77
CA LEU C 314 33.31 1.63 4.92
C LEU C 314 32.32 2.16 3.87
N PHE C 315 32.59 1.83 2.61
CA PHE C 315 31.75 2.18 1.47
C PHE C 315 31.05 0.91 1.05
N ILE C 316 29.73 0.89 1.03
CA ILE C 316 29.02 -0.29 0.61
C ILE C 316 28.25 0.06 -0.66
N ASP C 317 28.46 -0.73 -1.71
CA ASP C 317 27.73 -0.61 -3.01
C ASP C 317 26.33 -1.25 -2.83
N ASN C 318 25.29 -0.44 -2.77
CA ASN C 318 23.96 -0.97 -2.46
C ASN C 318 23.29 -1.76 -3.57
N HIS C 319 23.87 -1.78 -4.79
CA HIS C 319 23.52 -2.74 -5.90
C HIS C 319 24.27 -4.11 -5.80
N ARG C 320 25.44 -4.11 -5.21
CA ARG C 320 26.25 -5.34 -5.26
C ARG C 320 26.45 -5.98 -3.93
N ALA C 321 25.91 -5.39 -2.86
CA ALA C 321 26.09 -5.99 -1.52
C ALA C 321 24.88 -5.78 -0.68
N VAL C 322 24.62 -6.77 0.18
CA VAL C 322 23.72 -6.60 1.29
C VAL C 322 24.53 -6.39 2.53
N HIS C 323 23.88 -5.92 3.60
CA HIS C 323 24.68 -5.68 4.77
C HIS C 323 23.89 -5.87 6.04
N GLY C 324 24.56 -6.17 7.13
CA GLY C 324 23.87 -6.34 8.37
C GLY C 324 24.83 -6.06 9.49
N ARG C 325 24.53 -6.56 10.68
CA ARG C 325 25.38 -6.33 11.87
C ARG C 325 25.09 -7.39 12.94
N LEU C 326 26.16 -7.98 13.47
CA LEU C 326 26.06 -9.05 14.47
C LEU C 326 25.53 -8.51 15.80
N PRO C 327 24.90 -9.38 16.61
CA PRO C 327 24.42 -8.95 17.95
C PRO C 327 25.61 -8.57 18.79
N PHE C 328 25.45 -7.54 19.59
CA PHE C 328 26.48 -7.17 20.57
C PHE C 328 25.82 -6.67 21.87
N GLN C 329 26.58 -6.72 22.96
CA GLN C 329 26.19 -6.16 24.25
C GLN C 329 26.69 -4.72 24.36
N ALA C 330 25.78 -3.79 24.61
CA ALA C 330 26.15 -2.37 24.72
C ALA C 330 26.27 -1.89 26.18
N ARG C 331 27.16 -0.95 26.45
CA ARG C 331 27.46 -0.51 27.81
C ARG C 331 26.55 0.61 28.24
N TYR C 332 25.88 1.25 27.28
CA TYR C 332 25.03 2.45 27.49
C TYR C 332 25.61 3.55 28.39
N ASP C 333 26.92 3.72 28.36
CA ASP C 333 27.62 4.57 29.32
C ASP C 333 28.51 5.61 28.62
N GLY C 334 28.14 6.01 27.41
CA GLY C 334 28.90 7.00 26.63
C GLY C 334 30.16 6.47 25.95
N THR C 335 30.40 5.16 26.01
CA THR C 335 31.61 4.57 25.42
C THR C 335 31.31 3.63 24.26
N ASP C 336 30.03 3.45 23.92
CA ASP C 336 29.65 2.49 22.91
C ASP C 336 30.05 2.82 21.46
N ARG C 337 30.11 1.76 20.65
CA ARG C 337 30.21 1.83 19.21
C ARG C 337 29.43 2.99 18.66
N TRP C 338 30.08 3.81 17.89
CA TRP C 338 29.36 4.88 17.22
C TRP C 338 29.80 5.04 15.77
N LEU C 339 28.87 4.94 14.84
CA LEU C 339 29.20 5.22 13.44
C LEU C 339 28.36 6.32 12.91
N LYS C 340 28.84 6.97 11.86
CA LYS C 340 28.02 7.91 11.08
C LYS C 340 27.71 7.29 9.74
N ARG C 341 26.56 7.63 9.18
CA ARG C 341 26.15 7.01 7.93
C ARG C 341 25.56 8.07 7.04
N VAL C 342 25.95 8.03 5.77
CA VAL C 342 25.35 8.90 4.74
C VAL C 342 24.88 8.02 3.59
N CYS C 343 23.65 8.29 3.15
CA CYS C 343 23.07 7.76 1.93
C CYS C 343 23.46 8.48 0.63
N VAL C 344 23.91 7.73 -0.39
CA VAL C 344 24.37 8.38 -1.63
C VAL C 344 23.52 7.95 -2.81
N THR C 345 23.05 8.93 -3.59
CA THR C 345 22.35 8.60 -4.85
C THR C 345 23.20 8.95 -6.07
N SER C 346 23.11 8.16 -7.12
CA SER C 346 23.83 8.51 -8.37
C SER C 346 23.07 9.52 -9.19
N ASP C 347 21.77 9.59 -8.95
CA ASP C 347 20.88 10.46 -9.71
C ASP C 347 19.73 11.03 -8.82
N LEU C 348 19.97 12.21 -8.29
CA LEU C 348 19.03 12.95 -7.40
C LEU C 348 17.76 13.33 -8.11
N ARG C 349 17.87 13.72 -9.38
CA ARG C 349 16.69 14.07 -10.18
C ARG C 349 15.69 12.95 -10.34
N ARG C 350 16.14 11.72 -10.28
CA ARG C 350 15.25 10.61 -10.57
C ARG C 350 14.23 10.44 -9.44
N SER C 351 14.55 10.94 -8.23
CA SER C 351 13.59 10.93 -7.11
C SER C 351 12.78 12.21 -7.04
N ARG C 352 12.85 13.02 -8.09
CA ARG C 352 12.16 14.30 -8.05
C ARG C 352 10.67 14.26 -7.59
N GLU C 353 9.88 13.30 -8.06
CA GLU C 353 8.46 13.26 -7.67
C GLU C 353 8.26 12.95 -6.16
N MET C 354 9.24 12.37 -5.49
CA MET C 354 9.02 12.16 -4.06
C MET C 354 9.73 13.17 -3.23
N ARG C 355 10.15 14.27 -3.85
CA ARG C 355 10.82 15.34 -3.08
C ARG C 355 10.00 16.64 -3.20
N ALA C 356 9.95 17.40 -2.11
CA ALA C 356 9.08 18.60 -2.03
C ALA C 356 9.43 19.68 -3.05
N THR C 357 10.71 19.92 -3.26
CA THR C 357 11.16 20.94 -4.19
C THR C 357 12.35 20.33 -4.95
N SER C 358 12.84 21.02 -5.96
CA SER C 358 13.93 20.55 -6.78
C SER C 358 15.15 20.51 -5.90
N ALA C 359 15.18 21.44 -4.94
CA ALA C 359 16.38 21.69 -4.21
C ALA C 359 16.52 20.79 -2.98
N THR C 360 15.45 20.18 -2.52
CA THR C 360 15.59 19.42 -1.27
C THR C 360 16.17 18.01 -1.53
N ARG C 361 16.93 17.48 -0.56
CA ARG C 361 17.60 16.20 -0.65
C ARG C 361 17.00 15.11 0.23
N LEU C 362 15.82 15.37 0.77
CA LEU C 362 15.12 14.39 1.56
C LEU C 362 13.98 13.80 0.75
N LEU C 363 13.87 12.48 0.78
CA LEU C 363 12.73 11.79 0.20
C LEU C 363 11.62 11.69 1.26
N GLY C 364 10.40 12.06 0.89
CA GLY C 364 9.24 11.94 1.81
C GLY C 364 8.51 13.27 2.00
N THR D 29 17.81 33.82 -19.22
CA THR D 29 18.59 32.54 -19.03
C THR D 29 20.05 32.77 -18.61
N PRO D 30 20.40 32.45 -17.33
CA PRO D 30 21.75 32.74 -16.85
C PRO D 30 22.82 32.22 -17.81
N SER D 31 23.87 33.01 -17.96
CA SER D 31 25.09 32.67 -18.67
C SER D 31 26.35 33.19 -17.91
N TYR D 32 27.47 32.57 -18.21
CA TYR D 32 28.72 32.96 -17.62
C TYR D 32 29.63 33.33 -18.75
N SER D 33 30.30 34.48 -18.61
CA SER D 33 31.29 34.94 -19.57
C SER D 33 32.62 34.90 -18.92
N LEU D 34 33.52 34.13 -19.50
CA LEU D 34 34.88 34.03 -18.97
C LEU D 34 35.60 35.38 -19.10
N THR D 35 36.31 35.79 -18.05
CA THR D 35 37.27 36.89 -18.13
C THR D 35 38.42 36.38 -19.00
N PRO D 36 39.23 37.30 -19.57
CA PRO D 36 40.36 36.89 -20.43
C PRO D 36 41.45 36.09 -19.71
N ALA D 37 41.54 36.27 -18.39
CA ALA D 37 42.44 35.47 -17.54
C ALA D 37 41.90 34.03 -17.40
N GLU D 38 40.61 33.91 -17.03
CA GLU D 38 39.88 32.62 -17.02
C GLU D 38 40.06 31.77 -18.29
N ALA D 39 39.79 32.36 -19.45
CA ALA D 39 39.96 31.68 -20.74
C ALA D 39 41.37 31.19 -20.97
N SER D 40 42.33 32.08 -20.71
CA SER D 40 43.74 31.75 -20.65
C SER D 40 44.07 30.54 -19.79
N ALA D 41 43.63 30.54 -18.53
CA ALA D 41 43.84 29.36 -17.67
C ALA D 41 43.17 28.11 -18.28
N VAL D 42 41.93 28.26 -18.74
CA VAL D 42 41.23 27.11 -19.34
C VAL D 42 41.98 26.51 -20.54
N ALA D 43 42.35 27.37 -21.50
CA ALA D 43 43.16 26.96 -22.65
C ALA D 43 44.40 26.21 -22.18
N GLU D 44 45.17 26.78 -21.24
CA GLU D 44 46.46 26.14 -20.88
C GLU D 44 46.24 24.82 -20.10
N LEU D 45 45.13 24.75 -19.37
CA LEU D 45 44.80 23.51 -18.66
C LEU D 45 44.54 22.46 -19.73
N THR D 46 43.81 22.86 -20.72
CA THR D 46 43.47 22.00 -21.84
C THR D 46 44.70 21.44 -22.65
N LEU D 47 45.66 22.31 -22.99
CA LEU D 47 46.88 21.89 -23.75
C LEU D 47 47.76 21.01 -22.91
N GLU D 48 47.87 21.35 -21.63
CA GLU D 48 48.61 20.51 -20.70
C GLU D 48 48.08 19.06 -20.70
N LEU D 49 46.76 18.92 -20.63
CA LEU D 49 46.11 17.66 -20.49
C LEU D 49 46.20 16.89 -21.79
N ALA D 50 45.98 17.59 -22.90
CA ALA D 50 46.21 17.01 -24.24
C ALA D 50 47.64 16.46 -24.38
N ALA D 51 48.60 17.22 -23.87
CA ALA D 51 49.98 16.77 -23.92
C ALA D 51 50.19 15.51 -23.03
N ALA D 52 49.46 15.39 -21.91
CA ALA D 52 49.80 14.35 -20.89
C ALA D 52 49.09 13.00 -21.07
N TYR D 53 47.97 13.02 -21.79
CA TYR D 53 47.24 11.78 -22.04
C TYR D 53 47.18 11.52 -23.55
N GLY D 54 46.96 10.26 -23.92
CA GLY D 54 47.04 9.85 -25.34
C GLY D 54 45.78 10.03 -26.15
N SER D 55 44.64 9.63 -25.58
CA SER D 55 43.33 9.66 -26.22
C SER D 55 42.29 9.49 -25.13
N PHE D 56 41.02 9.33 -25.52
CA PHE D 56 40.00 8.90 -24.55
C PHE D 56 39.98 7.38 -24.34
N GLY D 57 40.74 6.66 -25.17
CA GLY D 57 40.93 5.20 -25.02
C GLY D 57 41.67 4.92 -23.72
N ASP D 58 42.34 5.96 -23.21
CA ASP D 58 43.09 5.87 -21.97
C ASP D 58 42.12 5.84 -20.77
N PRO D 59 42.00 4.67 -20.14
CA PRO D 59 41.11 4.49 -19.01
C PRO D 59 41.55 5.38 -17.86
N VAL D 60 42.85 5.70 -17.79
CA VAL D 60 43.32 6.60 -16.71
C VAL D 60 42.77 8.03 -16.83
N LEU D 61 42.67 8.55 -18.04
CA LEU D 61 42.02 9.85 -18.24
C LEU D 61 40.57 9.89 -17.75
N LEU D 62 39.82 8.87 -18.16
CA LEU D 62 38.44 8.71 -17.73
C LEU D 62 38.39 8.61 -16.22
N ARG D 63 39.32 7.86 -15.64
CA ARG D 63 39.43 7.89 -14.21
C ARG D 63 39.57 9.30 -13.65
N ASP D 64 40.52 10.06 -14.19
CA ASP D 64 41.00 11.31 -13.59
C ASP D 64 40.07 12.45 -13.81
N LEU D 65 39.19 12.33 -14.82
CA LEU D 65 38.25 13.41 -15.19
C LEU D 65 37.67 14.27 -14.08
N PRO D 66 36.92 13.69 -13.10
CA PRO D 66 36.38 14.67 -12.08
C PRO D 66 37.48 15.45 -11.32
N ARG D 67 38.57 14.82 -10.96
CA ARG D 67 39.64 15.53 -10.28
C ARG D 67 40.30 16.63 -11.19
N LEU D 68 40.64 16.27 -12.42
CA LEU D 68 41.16 17.22 -13.38
C LEU D 68 40.22 18.37 -13.54
N ALA D 69 38.91 18.09 -13.57
CA ALA D 69 37.85 19.14 -13.67
C ALA D 69 37.90 20.18 -12.55
N ALA D 70 38.40 19.76 -11.38
CA ALA D 70 38.47 20.69 -10.26
C ALA D 70 39.62 21.69 -10.45
N ARG D 71 40.40 21.54 -11.51
CA ARG D 71 41.45 22.52 -11.79
C ARG D 71 40.94 23.67 -12.68
N LEU D 72 39.70 23.58 -13.16
CA LEU D 72 39.09 24.68 -13.90
C LEU D 72 38.89 25.84 -12.96
N PRO D 73 38.68 27.07 -13.48
CA PRO D 73 38.45 28.19 -12.56
C PRO D 73 37.29 27.89 -11.64
N GLU D 74 37.43 28.24 -10.37
CA GLU D 74 36.42 28.02 -9.37
C GLU D 74 35.06 28.62 -9.75
N GLY D 75 35.07 29.81 -10.36
CA GLY D 75 33.80 30.46 -10.70
C GLY D 75 32.98 29.62 -11.69
N VAL D 76 33.65 29.05 -12.68
CA VAL D 76 33.07 28.10 -13.63
C VAL D 76 32.49 26.90 -12.86
N GLN D 77 33.30 26.26 -12.02
CA GLN D 77 32.83 25.06 -11.29
C GLN D 77 31.56 25.34 -10.52
N ASP D 78 31.51 26.46 -9.80
CA ASP D 78 30.29 26.78 -9.02
C ASP D 78 29.18 27.15 -9.97
N PHE D 79 29.47 27.91 -11.02
CA PHE D 79 28.40 28.26 -11.97
C PHE D 79 27.70 26.98 -12.52
N LEU D 80 28.47 25.97 -12.95
CA LEU D 80 27.84 24.74 -13.44
C LEU D 80 27.14 23.99 -12.35
N ARG D 81 27.75 23.94 -11.17
CA ARG D 81 27.12 23.26 -10.06
C ARG D 81 25.78 23.91 -9.74
N GLU D 82 25.74 25.22 -9.77
CA GLU D 82 24.47 25.92 -9.53
C GLU D 82 23.41 25.58 -10.53
N PHE D 83 23.78 25.50 -11.82
CA PHE D 83 22.80 25.20 -12.86
C PHE D 83 22.28 23.77 -12.65
N LYS D 84 23.20 22.86 -12.37
CA LYS D 84 22.83 21.47 -12.13
C LYS D 84 21.90 21.31 -10.91
N LEU D 85 22.25 21.88 -9.75
CA LEU D 85 21.47 21.62 -8.54
C LEU D 85 20.13 22.39 -8.56
N ALA D 86 20.06 23.50 -9.28
CA ALA D 86 18.79 24.28 -9.45
C ALA D 86 17.74 23.49 -10.21
N ASP D 87 18.18 22.65 -11.15
CA ASP D 87 17.24 21.86 -11.84
C ASP D 87 16.02 22.71 -12.21
N ARG D 88 16.26 23.86 -12.83
CA ARG D 88 15.28 24.93 -13.07
C ARG D 88 15.31 25.34 -14.57
N HIS D 89 16.49 25.62 -15.11
CA HIS D 89 16.60 26.15 -16.47
C HIS D 89 16.97 25.10 -17.46
N GLY D 90 16.45 25.22 -18.67
CA GLY D 90 16.63 24.17 -19.66
C GLY D 90 17.99 24.11 -20.34
N HIS D 91 18.73 25.21 -20.28
CA HIS D 91 20.08 25.26 -20.87
C HIS D 91 20.85 26.36 -20.23
N THR D 92 22.16 26.35 -20.40
CA THR D 92 22.99 27.52 -20.07
C THR D 92 24.20 27.58 -21.00
N VAL D 93 24.91 28.71 -20.97
CA VAL D 93 26.09 28.87 -21.82
C VAL D 93 27.26 29.41 -20.99
N ILE D 94 28.45 28.90 -21.32
CA ILE D 94 29.74 29.47 -20.91
C ILE D 94 30.44 30.04 -22.16
N ARG D 95 30.48 31.38 -22.19
CA ARG D 95 31.00 32.16 -23.33
C ARG D 95 32.46 32.55 -23.19
N GLY D 96 33.10 32.65 -24.33
CA GLY D 96 34.38 33.35 -24.43
C GLY D 96 35.58 32.49 -24.11
N HIS D 97 35.53 31.24 -24.54
CA HIS D 97 36.72 30.37 -24.46
C HIS D 97 37.69 30.76 -25.52
N ASP D 98 38.93 30.38 -25.33
CA ASP D 98 39.98 30.48 -26.32
C ASP D 98 40.10 29.25 -27.22
N PHE D 99 39.49 29.29 -28.38
CA PHE D 99 39.64 28.14 -29.25
C PHE D 99 40.58 28.50 -30.39
N ASP D 100 41.88 28.23 -30.18
CA ASP D 100 42.93 28.53 -31.16
C ASP D 100 42.59 27.94 -32.56
N GLN D 101 42.15 28.81 -33.47
CA GLN D 101 41.76 28.39 -34.80
C GLN D 101 42.91 27.80 -35.64
N ARG D 102 44.12 28.27 -35.44
CA ARG D 102 45.22 27.77 -36.26
C ARG D 102 45.53 26.33 -35.88
N ARG D 103 45.50 26.04 -34.58
CA ARG D 103 45.77 24.69 -34.09
C ARG D 103 44.63 23.72 -34.43
N ILE D 104 43.39 24.18 -34.27
CA ILE D 104 42.21 23.35 -34.57
C ILE D 104 42.24 22.89 -36.04
N GLY D 105 42.46 23.85 -36.93
CA GLY D 105 42.57 23.53 -38.35
C GLY D 105 41.22 23.59 -39.05
N PRO D 106 41.21 23.13 -40.31
CA PRO D 106 39.96 23.24 -41.07
C PRO D 106 38.93 22.17 -40.63
N THR D 107 37.64 22.48 -40.77
CA THR D 107 36.53 21.56 -40.57
C THR D 107 36.63 20.35 -41.52
N PRO D 108 36.65 19.11 -40.98
CA PRO D 108 36.84 17.93 -41.82
C PRO D 108 35.72 17.66 -42.84
N ASP D 109 35.93 16.75 -43.77
CA ASP D 109 34.93 16.47 -44.77
C ASP D 109 34.01 15.38 -44.28
N HIS D 110 34.47 14.63 -43.29
CA HIS D 110 33.73 13.51 -42.77
C HIS D 110 34.41 13.09 -41.48
N TRP D 111 33.65 12.43 -40.61
CA TRP D 111 34.15 12.04 -39.30
C TRP D 111 34.87 10.73 -39.34
N ARG D 112 34.57 9.92 -40.36
CA ARG D 112 35.00 8.51 -40.35
C ARG D 112 36.50 8.39 -40.71
N GLY D 113 37.15 7.37 -40.14
CA GLY D 113 38.60 7.22 -40.27
C GLY D 113 39.17 8.41 -39.56
N ARG D 114 39.91 9.26 -40.30
CA ARG D 114 40.42 10.57 -39.80
C ARG D 114 41.22 10.47 -38.46
N VAL D 115 42.50 10.84 -38.41
CA VAL D 115 43.32 10.46 -37.25
C VAL D 115 42.73 11.02 -35.95
N ARG D 116 42.74 10.22 -34.91
CA ARG D 116 42.02 10.53 -33.69
C ARG D 116 42.88 10.26 -32.45
N PRO D 117 42.95 11.22 -31.51
CA PRO D 117 42.27 12.50 -31.61
C PRO D 117 43.06 13.41 -32.53
N GLY D 118 42.38 14.38 -33.11
CA GLY D 118 43.04 15.40 -33.92
C GLY D 118 43.66 16.57 -33.14
N PRO D 119 43.98 17.65 -33.86
CA PRO D 119 44.60 18.80 -33.15
C PRO D 119 43.61 19.56 -32.23
N GLU D 120 42.31 19.39 -32.47
CA GLU D 120 41.30 19.98 -31.59
C GLU D 120 41.12 19.15 -30.29
N PHE D 121 42.00 18.19 -30.04
CA PHE D 121 41.93 17.35 -28.83
C PHE D 121 41.68 18.15 -27.52
N PRO D 122 42.38 19.30 -27.34
CA PRO D 122 42.21 20.12 -26.14
C PRO D 122 40.78 20.59 -25.90
N GLU D 123 40.06 20.97 -26.95
CA GLU D 123 38.63 21.33 -26.85
C GLU D 123 37.75 20.12 -26.48
N GLU D 124 38.09 18.96 -27.02
CA GLU D 124 37.39 17.73 -26.68
C GLU D 124 37.57 17.48 -25.19
N LEU D 125 38.82 17.53 -24.70
CA LEU D 125 39.09 17.34 -23.25
C LEU D 125 38.31 18.29 -22.37
N LEU D 126 38.15 19.52 -22.85
CA LEU D 126 37.40 20.51 -22.10
C LEU D 126 36.01 19.96 -21.90
N LEU D 127 35.39 19.53 -22.99
CA LEU D 127 34.03 19.01 -22.97
C LEU D 127 33.87 17.80 -22.09
N MET D 128 34.92 16.99 -22.00
CA MET D 128 34.93 15.89 -21.05
C MET D 128 35.05 16.36 -19.58
N LEU D 129 35.82 17.42 -19.38
CA LEU D 129 35.96 18.03 -18.03
C LEU D 129 34.60 18.52 -17.58
N TYR D 130 33.92 19.19 -18.48
CA TYR D 130 32.62 19.71 -18.17
C TYR D 130 31.64 18.58 -17.90
N SER D 131 31.75 17.48 -18.66
CA SER D 131 30.83 16.41 -18.46
C SER D 131 31.03 15.75 -17.12
N ALA D 132 32.27 15.68 -16.61
CA ALA D 132 32.46 15.01 -15.33
C ALA D 132 31.95 15.91 -14.19
N LEU D 133 31.72 17.20 -14.47
CA LEU D 133 31.16 18.10 -13.49
C LEU D 133 29.70 17.88 -13.39
N LEU D 134 29.11 17.46 -14.51
CA LEU D 134 27.69 17.29 -14.54
C LEU D 134 27.28 15.86 -14.33
N GLY D 135 28.16 14.89 -14.56
CA GLY D 135 27.70 13.50 -14.54
C GLY D 135 28.79 12.59 -15.05
N GLU D 136 28.45 11.67 -15.97
CA GLU D 136 29.48 10.91 -16.66
C GLU D 136 29.34 10.99 -18.21
N PRO D 137 30.47 11.15 -18.91
CA PRO D 137 30.29 11.08 -20.38
C PRO D 137 29.98 9.63 -20.80
N PHE D 138 29.09 9.45 -21.77
CA PHE D 138 28.90 8.10 -22.33
C PHE D 138 28.67 8.25 -23.83
N GLY D 139 28.56 7.16 -24.60
CA GLY D 139 28.19 7.27 -25.99
C GLY D 139 27.38 6.07 -26.48
N TRP D 140 27.00 6.10 -27.75
CA TRP D 140 26.31 4.99 -28.44
C TRP D 140 27.21 4.38 -29.46
N ALA D 141 27.24 3.06 -29.45
CA ALA D 141 27.83 2.30 -30.52
C ALA D 141 27.35 2.80 -31.90
N THR D 142 26.05 3.02 -32.08
CA THR D 142 25.49 3.31 -33.42
C THR D 142 25.85 4.74 -33.94
N GLN D 143 26.49 5.56 -33.11
CA GLN D 143 26.75 6.93 -33.47
C GLN D 143 28.24 7.19 -33.60
N GLN D 144 28.67 7.52 -34.83
CA GLN D 144 30.08 7.83 -35.15
C GLN D 144 31.10 6.91 -34.48
N ASP D 145 30.88 5.58 -34.60
CA ASP D 145 31.83 4.58 -34.08
C ASP D 145 32.06 4.62 -32.54
N GLY D 146 31.14 5.22 -31.78
CA GLY D 146 31.28 5.26 -30.34
C GLY D 146 32.29 6.25 -29.81
N HIS D 147 32.63 7.26 -30.60
CA HIS D 147 33.46 8.37 -30.08
C HIS D 147 32.70 9.10 -29.00
N LEU D 148 33.33 9.22 -27.83
CA LEU D 148 32.73 9.87 -26.71
C LEU D 148 32.43 11.35 -27.00
N VAL D 149 33.34 12.08 -27.64
CA VAL D 149 33.03 13.44 -28.06
C VAL D 149 32.80 13.29 -29.53
N HIS D 150 31.66 13.70 -30.03
CA HIS D 150 31.41 13.40 -31.44
C HIS D 150 31.33 14.69 -32.18
N ASP D 151 31.37 14.61 -33.52
CA ASP D 151 31.39 15.81 -34.36
C ASP D 151 30.04 16.25 -34.91
N ILE D 152 29.80 17.54 -34.96
CA ILE D 152 28.70 18.11 -35.68
C ILE D 152 29.20 19.14 -36.72
N PHE D 153 29.10 18.78 -37.99
CA PHE D 153 29.50 19.66 -39.11
C PHE D 153 28.86 19.16 -40.41
N PRO D 154 28.67 20.07 -41.39
CA PRO D 154 28.00 19.65 -42.64
C PRO D 154 28.75 18.63 -43.48
N ILE D 155 28.08 17.53 -43.82
CA ILE D 155 28.65 16.54 -44.76
C ILE D 155 27.76 16.53 -46.00
N ARG D 156 28.39 16.76 -47.17
CA ARG D 156 27.73 16.83 -48.50
C ARG D 156 26.45 15.99 -48.63
N SER D 157 26.58 14.68 -48.43
CA SER D 157 25.49 13.72 -48.57
C SER D 157 24.44 13.59 -47.42
N HIS D 158 24.66 14.25 -46.29
CA HIS D 158 23.60 14.31 -45.25
C HIS D 158 22.77 15.55 -45.38
N GLU D 159 23.11 16.38 -46.37
CA GLU D 159 22.52 17.71 -46.56
C GLU D 159 20.98 17.81 -46.53
N ASN D 160 20.26 16.77 -46.95
CA ASN D 160 18.79 16.82 -46.87
C ASN D 160 18.20 16.09 -45.67
N ASP D 161 19.08 15.52 -44.84
CA ASP D 161 18.71 14.75 -43.64
C ASP D 161 18.38 15.57 -42.40
N GLN D 162 17.56 14.96 -41.57
CA GLN D 162 17.29 15.38 -40.20
C GLN D 162 18.35 14.79 -39.28
N LEU D 163 19.63 15.08 -39.58
CA LEU D 163 20.75 14.62 -38.77
C LEU D 163 21.63 15.75 -38.29
N GLY D 164 22.43 15.47 -37.27
CA GLY D 164 23.49 16.39 -36.85
C GLY D 164 24.34 16.96 -37.98
N MET D 165 24.68 16.12 -38.97
CA MET D 165 25.53 16.52 -40.13
C MET D 165 24.71 17.01 -41.34
N GLY D 166 23.44 17.31 -41.14
CA GLY D 166 22.65 18.00 -42.16
C GLY D 166 22.88 19.52 -42.13
N SER D 167 22.16 20.26 -42.97
CA SER D 167 22.37 21.71 -43.05
C SER D 167 21.14 22.37 -43.60
N LYS D 168 20.72 21.92 -44.78
CA LYS D 168 19.71 22.62 -45.58
C LYS D 168 18.35 22.46 -44.97
N GLN D 169 18.11 21.29 -44.40
CA GLN D 169 16.81 20.98 -43.80
C GLN D 169 16.75 21.41 -42.33
N LEU D 170 15.60 21.93 -41.93
CA LEU D 170 15.40 22.31 -40.55
C LEU D 170 15.56 21.01 -39.74
N LEU D 171 16.47 21.02 -38.78
CA LEU D 171 16.58 19.89 -37.87
C LEU D 171 15.51 20.13 -36.81
N THR D 172 14.43 19.34 -36.85
CA THR D 172 13.25 19.71 -36.09
C THR D 172 13.56 19.43 -34.61
N TRP D 173 12.93 20.19 -33.72
CA TRP D 173 13.34 20.07 -32.36
C TRP D 173 12.95 18.77 -31.72
N HIS D 174 13.76 18.35 -30.76
CA HIS D 174 13.51 17.07 -30.07
C HIS D 174 14.32 16.94 -28.82
N THR D 175 13.84 16.10 -27.91
CA THR D 175 14.62 15.63 -26.79
C THR D 175 15.61 14.63 -27.36
N GLU D 176 16.84 14.57 -26.83
CA GLU D 176 17.83 13.65 -27.42
C GLU D 176 17.45 12.24 -27.03
N ALA D 177 17.59 11.33 -27.98
CA ALA D 177 17.17 9.94 -27.85
C ALA D 177 15.86 9.73 -27.08
N ALA D 178 14.86 10.55 -27.45
CA ALA D 178 13.59 10.63 -26.79
C ALA D 178 12.96 9.26 -26.47
N PHE D 179 13.03 8.32 -27.41
CA PHE D 179 12.42 7.00 -27.22
C PHE D 179 13.10 6.13 -26.16
N HIS D 180 14.31 6.49 -25.73
CA HIS D 180 15.19 5.52 -25.01
C HIS D 180 15.23 5.75 -23.51
N PRO D 181 15.08 4.71 -22.71
CA PRO D 181 15.11 5.00 -21.25
C PRO D 181 16.51 5.47 -20.74
N TYR D 182 17.58 5.17 -21.49
CA TYR D 182 18.92 5.59 -21.12
C TYR D 182 19.50 6.82 -21.83
N ARG D 183 18.61 7.63 -22.41
CA ARG D 183 18.98 8.83 -23.11
C ARG D 183 19.76 9.73 -22.16
N SER D 184 20.45 10.71 -22.73
CA SER D 184 21.25 11.65 -22.00
C SER D 184 20.38 12.37 -20.92
N ASP D 185 21.01 12.62 -19.78
CA ASP D 185 20.54 13.66 -18.86
C ASP D 185 20.83 15.11 -19.29
N TYR D 186 22.05 15.33 -19.76
CA TYR D 186 22.52 16.64 -20.29
C TYR D 186 23.26 16.44 -21.64
N LEU D 187 23.25 17.46 -22.47
CA LEU D 187 24.10 17.43 -23.65
C LEU D 187 25.05 18.59 -23.54
N ILE D 188 26.30 18.36 -23.96
CA ILE D 188 27.30 19.43 -24.08
C ILE D 188 27.72 19.64 -25.54
N LEU D 189 27.43 20.86 -26.00
CA LEU D 189 27.87 21.33 -27.31
C LEU D 189 28.93 22.45 -27.21
N GLY D 190 30.13 22.17 -27.70
CA GLY D 190 31.12 23.20 -27.78
C GLY D 190 31.30 23.68 -29.23
N ALA D 191 31.22 24.99 -29.46
CA ALA D 191 31.28 25.61 -30.83
C ALA D 191 32.70 25.99 -31.21
N LEU D 192 33.36 25.09 -31.92
CA LEU D 192 34.70 25.33 -32.43
C LEU D 192 34.67 26.52 -33.38
N ARG D 193 33.60 26.63 -34.16
CA ARG D 193 33.45 27.78 -35.06
C ARG D 193 32.05 27.79 -35.53
N ASN D 194 31.54 28.99 -35.73
CA ASN D 194 30.23 29.18 -36.26
C ASN D 194 30.21 30.52 -37.03
N PRO D 195 30.95 30.58 -38.18
CA PRO D 195 31.19 31.88 -38.85
C PRO D 195 29.91 32.57 -39.29
N ASP D 196 28.87 31.80 -39.60
CA ASP D 196 27.63 32.38 -40.08
C ASP D 196 26.51 32.50 -39.06
N HIS D 197 26.84 32.22 -37.79
CA HIS D 197 25.91 32.41 -36.62
C HIS D 197 24.63 31.64 -36.68
N VAL D 198 24.71 30.39 -37.15
CA VAL D 198 23.54 29.52 -37.24
C VAL D 198 23.08 29.12 -35.83
N PRO D 199 21.81 29.42 -35.48
CA PRO D 199 21.31 29.14 -34.14
C PRO D 199 21.02 27.64 -33.90
N THR D 200 21.29 27.22 -32.66
CA THR D 200 20.75 26.01 -32.08
C THR D 200 19.40 26.54 -31.65
N THR D 201 18.32 25.76 -31.73
CA THR D 201 17.06 26.19 -31.17
C THR D 201 16.92 25.38 -29.86
N VAL D 202 16.33 25.97 -28.83
CA VAL D 202 16.27 25.37 -27.51
C VAL D 202 14.96 25.82 -26.94
N GLY D 203 14.11 24.90 -26.50
CA GLY D 203 12.81 25.26 -25.90
C GLY D 203 12.53 24.53 -24.60
N GLU D 204 11.92 25.24 -23.67
CA GLU D 204 11.47 24.71 -22.41
C GLU D 204 9.95 24.61 -22.39
N LEU D 205 9.40 24.21 -21.24
CA LEU D 205 7.98 23.95 -21.08
C LEU D 205 7.40 25.03 -20.20
N ASP D 206 6.35 25.68 -20.68
CA ASP D 206 5.69 26.71 -19.89
C ASP D 206 4.50 25.96 -19.32
N LEU D 207 4.64 25.49 -18.08
CA LEU D 207 3.62 24.61 -17.51
C LEU D 207 2.24 25.25 -17.52
N SER D 208 2.19 26.56 -17.30
CA SER D 208 0.96 27.30 -17.05
C SER D 208 0.12 27.57 -18.32
N SER D 209 0.67 27.26 -19.49
CA SER D 209 -0.10 27.33 -20.74
C SER D 209 -1.10 26.17 -20.91
N LEU D 210 -1.11 25.25 -19.95
CA LEU D 210 -1.80 24.00 -20.16
C LEU D 210 -2.86 23.72 -19.12
N SER D 211 -3.97 23.11 -19.54
CA SER D 211 -4.98 22.63 -18.62
C SER D 211 -4.40 21.52 -17.72
N ALA D 212 -4.99 21.30 -16.53
CA ALA D 212 -4.56 20.23 -15.62
C ALA D 212 -4.96 18.84 -16.15
N GLU D 213 -6.03 18.79 -16.93
CA GLU D 213 -6.43 17.52 -17.54
C GLU D 213 -5.49 17.12 -18.71
N ASP D 214 -4.99 18.09 -19.45
CA ASP D 214 -4.00 17.80 -20.51
C ASP D 214 -2.70 17.32 -19.93
N ILE D 215 -2.24 18.03 -18.90
CA ILE D 215 -1.08 17.61 -18.13
C ILE D 215 -1.27 16.20 -17.61
N ASP D 216 -2.43 15.90 -17.02
CA ASP D 216 -2.65 14.56 -16.48
C ASP D 216 -2.63 13.49 -17.55
N VAL D 217 -3.18 13.81 -18.72
CA VAL D 217 -3.16 12.86 -19.84
C VAL D 217 -1.71 12.67 -20.34
N LEU D 218 -0.91 13.76 -20.34
CA LEU D 218 0.50 13.77 -20.77
C LEU D 218 1.38 12.88 -19.91
N PHE D 219 0.94 12.66 -18.66
CA PHE D 219 1.68 11.84 -17.68
C PHE D 219 1.43 10.38 -17.86
N GLU D 220 0.43 10.05 -18.65
CA GLU D 220 0.02 8.65 -18.80
C GLU D 220 0.63 8.01 -20.04
N PRO D 221 0.80 6.68 -20.01
CA PRO D 221 1.55 6.11 -21.14
C PRO D 221 0.70 5.96 -22.41
N ARG D 222 0.69 7.02 -23.22
CA ARG D 222 -0.28 7.07 -24.29
C ARG D 222 0.24 7.47 -25.69
N TYR D 223 1.55 7.62 -25.85
CA TYR D 223 2.10 8.17 -27.06
C TYR D 223 3.24 7.26 -27.46
N HIS D 224 3.44 7.21 -28.78
CA HIS D 224 4.43 6.36 -29.38
C HIS D 224 5.54 7.22 -29.87
N ILE D 225 6.75 6.99 -29.32
CA ILE D 225 7.91 7.64 -29.86
C ILE D 225 8.87 6.58 -30.39
N ALA D 226 9.12 6.65 -31.70
CA ALA D 226 10.01 5.67 -32.36
C ALA D 226 11.47 6.13 -32.28
N PRO D 227 12.45 5.21 -32.29
CA PRO D 227 13.87 5.68 -32.43
C PRO D 227 14.11 6.27 -33.79
N ASP D 228 15.05 7.21 -33.88
CA ASP D 228 15.46 7.71 -35.19
C ASP D 228 16.34 6.70 -35.89
N GLU D 229 16.52 7.03 -37.16
CA GLU D 229 17.40 6.40 -38.12
C GLU D 229 18.86 6.55 -37.68
N SER D 230 19.10 6.78 -36.40
CA SER D 230 20.48 6.87 -35.92
C SER D 230 20.72 6.02 -34.68
N HIS D 231 19.78 5.10 -34.42
CA HIS D 231 19.92 4.09 -33.37
C HIS D 231 19.42 2.78 -33.90
N ARG D 252 13.72 -4.86 -27.30
CA ARG D 252 14.07 -4.89 -28.71
C ARG D 252 13.23 -3.86 -29.49
N MET D 253 13.08 -2.70 -28.86
CA MET D 253 12.80 -1.42 -29.52
C MET D 253 11.58 -1.31 -30.47
N ILE D 254 11.90 -1.53 -31.75
CA ILE D 254 11.06 -1.27 -32.90
C ILE D 254 9.77 -2.09 -32.91
N ASP D 255 9.84 -3.29 -32.32
CA ASP D 255 8.80 -4.33 -32.39
C ASP D 255 7.59 -4.08 -31.51
N GLU D 256 7.81 -4.13 -30.18
CA GLU D 256 6.75 -3.94 -29.20
C GLU D 256 5.88 -2.69 -29.53
N ARG D 257 6.53 -1.66 -30.14
CA ARG D 257 5.93 -0.33 -30.53
C ARG D 257 5.19 0.41 -29.37
N PRO D 258 5.69 0.28 -28.10
CA PRO D 258 4.88 0.53 -26.88
C PRO D 258 4.53 2.01 -26.73
N LEU D 259 3.70 2.26 -25.72
CA LEU D 259 3.28 3.60 -25.41
C LEU D 259 3.98 4.05 -24.16
N GLY D 260 4.24 5.33 -24.12
CA GLY D 260 4.90 5.92 -23.00
C GLY D 260 4.38 7.31 -22.78
N PRO D 261 4.75 7.92 -21.63
CA PRO D 261 4.40 9.30 -21.35
C PRO D 261 5.32 10.36 -22.00
N LEU D 262 4.78 11.56 -22.16
CA LEU D 262 5.55 12.67 -22.61
C LEU D 262 6.04 13.51 -21.46
N LEU D 263 5.27 13.55 -20.36
CA LEU D 263 5.64 14.34 -19.17
C LEU D 263 5.89 13.37 -18.00
N TYR D 264 6.85 13.71 -17.10
CA TYR D 264 7.18 12.83 -15.95
C TYR D 264 7.86 13.57 -14.81
N GLY D 265 8.16 12.83 -13.74
CA GLY D 265 8.72 13.45 -12.53
C GLY D 265 7.56 14.07 -11.78
N SER D 266 7.68 15.35 -11.44
CA SER D 266 6.72 15.96 -10.54
C SER D 266 5.60 16.63 -11.31
N ARG D 267 4.37 16.26 -11.01
CA ARG D 267 3.20 16.85 -11.66
C ARG D 267 3.18 18.34 -11.54
N LEU D 268 3.78 18.83 -10.48
CA LEU D 268 3.92 20.26 -10.28
C LEU D 268 4.93 20.89 -11.23
N ASP D 269 5.99 20.16 -11.56
CA ASP D 269 7.13 20.69 -12.33
C ASP D 269 7.74 19.62 -13.30
N PRO D 270 7.01 19.25 -14.35
CA PRO D 270 7.39 17.99 -15.02
C PRO D 270 8.63 18.07 -15.89
N TYR D 271 9.31 16.97 -15.96
CA TYR D 271 10.26 16.79 -17.03
C TYR D 271 9.51 16.45 -18.31
N MET D 272 10.17 16.49 -19.45
CA MET D 272 9.50 16.09 -20.68
C MET D 272 10.42 15.32 -21.62
N ARG D 273 9.81 14.49 -22.45
CA ARG D 273 10.50 13.81 -23.53
C ARG D 273 9.62 13.94 -24.75
N LEU D 274 10.13 14.57 -25.79
CA LEU D 274 9.34 14.82 -26.99
C LEU D 274 10.24 14.57 -28.18
N ASP D 275 9.63 14.08 -29.28
CA ASP D 275 10.35 14.00 -30.58
C ASP D 275 9.27 13.91 -31.69
N PRO D 276 8.76 15.07 -32.08
CA PRO D 276 7.55 15.12 -32.97
C PRO D 276 7.76 14.43 -34.31
N TYR D 277 8.96 14.45 -34.86
CA TYR D 277 9.23 13.81 -36.14
C TYR D 277 9.01 12.29 -35.99
N PHE D 278 9.22 11.79 -34.77
CA PHE D 278 9.21 10.34 -34.51
C PHE D 278 8.08 9.92 -33.58
N THR D 279 7.05 10.73 -33.61
CA THR D 279 5.95 10.46 -32.76
C THR D 279 4.63 10.16 -33.47
N SER D 280 3.88 9.19 -32.92
CA SER D 280 2.44 9.13 -33.24
C SER D 280 1.55 8.90 -32.00
N VAL D 281 0.27 9.10 -32.20
CA VAL D 281 -0.78 8.90 -31.19
C VAL D 281 -1.91 8.02 -31.78
N PRO D 282 -2.34 6.96 -31.04
CA PRO D 282 -3.43 6.08 -31.54
C PRO D 282 -4.67 6.91 -31.84
N GLN D 283 -5.30 6.61 -32.99
CA GLN D 283 -6.40 7.41 -33.51
C GLN D 283 -7.54 7.48 -32.50
N ASP D 284 -7.84 6.33 -31.92
CA ASP D 284 -8.93 6.21 -30.96
C ASP D 284 -8.77 7.07 -29.70
N ASP D 285 -7.53 7.36 -29.30
CA ASP D 285 -7.30 8.10 -28.04
C ASP D 285 -7.46 9.60 -28.24
N THR D 286 -8.71 10.05 -28.26
CA THR D 286 -8.99 11.47 -28.54
C THR D 286 -8.41 12.38 -27.45
N ASP D 287 -8.37 11.92 -26.19
CA ASP D 287 -7.72 12.76 -25.14
C ASP D 287 -6.23 13.00 -25.40
N ALA D 288 -5.50 11.90 -25.56
CA ALA D 288 -4.06 11.96 -25.95
C ALA D 288 -3.79 12.85 -27.16
N ARG D 289 -4.62 12.77 -28.20
CA ARG D 289 -4.32 13.57 -29.38
C ARG D 289 -4.47 15.00 -29.02
N ARG D 290 -5.54 15.33 -28.27
CA ARG D 290 -5.78 16.74 -27.89
C ARG D 290 -4.66 17.35 -27.07
N ALA D 291 -4.19 16.65 -26.04
CA ALA D 291 -3.11 17.15 -25.13
C ALA D 291 -1.75 17.20 -25.84
N TYR D 292 -1.49 16.19 -26.67
CA TYR D 292 -0.24 16.23 -27.48
C TYR D 292 -0.29 17.45 -28.37
N ASP D 293 -1.42 17.67 -29.06
CA ASP D 293 -1.47 18.86 -29.92
C ASP D 293 -1.22 20.15 -29.14
N ALA D 294 -1.82 20.26 -27.95
CA ALA D 294 -1.63 21.48 -27.17
C ALA D 294 -0.16 21.58 -26.68
N LEU D 295 0.46 20.46 -26.33
CA LEU D 295 1.86 20.46 -25.84
C LEU D 295 2.80 20.82 -26.99
N PHE D 296 2.60 20.26 -28.17
CA PHE D 296 3.47 20.64 -29.27
C PHE D 296 3.39 22.12 -29.51
N LYS D 297 2.17 22.65 -29.52
CA LYS D 297 2.00 24.13 -29.72
C LYS D 297 2.73 25.01 -28.69
N VAL D 298 2.65 24.64 -27.43
CA VAL D 298 3.31 25.40 -26.36
C VAL D 298 4.82 25.34 -26.52
N VAL D 299 5.35 24.13 -26.65
CA VAL D 299 6.80 24.01 -26.78
C VAL D 299 7.27 24.74 -28.04
N ASP D 300 6.62 24.48 -29.17
CA ASP D 300 7.02 25.12 -30.43
C ASP D 300 6.93 26.66 -30.39
N SER D 301 5.84 27.21 -29.83
CA SER D 301 5.78 28.68 -29.75
C SER D 301 6.84 29.24 -28.82
N GLY D 302 7.31 28.41 -27.88
CA GLY D 302 8.30 28.86 -26.89
C GLY D 302 9.76 28.76 -27.28
N MET D 303 10.02 28.15 -28.45
CA MET D 303 11.38 27.93 -28.94
C MET D 303 12.21 29.20 -29.03
N ARG D 304 13.49 29.09 -28.69
CA ARG D 304 14.43 30.19 -28.75
C ARG D 304 15.66 29.81 -29.58
N GLU D 305 16.26 30.81 -30.16
CA GLU D 305 17.47 30.61 -30.91
C GLU D 305 18.58 31.01 -29.96
N VAL D 306 19.55 30.11 -29.80
CA VAL D 306 20.69 30.38 -28.97
C VAL D 306 21.81 30.17 -29.92
N VAL D 307 22.62 31.19 -30.15
CA VAL D 307 23.70 31.08 -31.12
C VAL D 307 24.94 30.63 -30.36
N ALA D 308 25.35 29.39 -30.57
CA ALA D 308 26.65 29.00 -30.03
C ALA D 308 27.75 29.51 -30.97
N ASP D 309 28.32 30.68 -30.66
CA ASP D 309 29.48 31.19 -31.38
C ASP D 309 30.82 30.61 -30.94
N GLN D 310 31.83 30.90 -31.74
CA GLN D 310 33.12 30.29 -31.60
C GLN D 310 33.62 30.50 -30.19
N GLY D 311 33.87 29.43 -29.46
CA GLY D 311 34.28 29.51 -28.04
C GLY D 311 33.13 29.49 -27.04
N ASP D 312 31.91 29.32 -27.53
CA ASP D 312 30.76 29.08 -26.69
C ASP D 312 30.59 27.55 -26.46
N VAL D 313 30.25 27.19 -25.21
CA VAL D 313 29.89 25.83 -24.82
C VAL D 313 28.49 25.89 -24.25
N LEU D 314 27.56 25.21 -24.91
CA LEU D 314 26.18 25.24 -24.56
C LEU D 314 25.84 23.94 -23.83
N PHE D 315 25.17 24.09 -22.70
CA PHE D 315 24.75 22.98 -21.82
C PHE D 315 23.23 22.83 -21.91
N ILE D 316 22.78 21.67 -22.34
CA ILE D 316 21.36 21.39 -22.46
C ILE D 316 20.96 20.35 -21.41
N ASP D 317 19.89 20.66 -20.66
CA ASP D 317 19.27 19.74 -19.73
C ASP D 317 18.26 18.88 -20.54
N ASN D 318 18.56 17.62 -20.82
CA ASN D 318 17.73 16.84 -21.76
C ASN D 318 16.36 16.51 -21.21
N HIS D 319 16.14 16.80 -19.93
CA HIS D 319 14.86 16.62 -19.31
C HIS D 319 13.98 17.82 -19.31
N ARG D 320 14.55 18.99 -19.49
CA ARG D 320 13.76 20.21 -19.38
C ARG D 320 13.83 21.04 -20.65
N ALA D 321 14.60 20.61 -21.66
CA ALA D 321 14.74 21.37 -22.91
C ALA D 321 14.79 20.44 -24.10
N VAL D 322 14.10 20.84 -25.20
CA VAL D 322 14.25 20.18 -26.51
C VAL D 322 15.22 21.02 -27.29
N HIS D 323 15.78 20.49 -28.37
CA HIS D 323 16.73 21.26 -29.14
C HIS D 323 16.72 20.86 -30.60
N GLY D 324 17.09 21.82 -31.45
CA GLY D 324 17.02 21.66 -32.88
C GLY D 324 18.14 22.48 -33.47
N ARG D 325 18.10 22.70 -34.78
CA ARG D 325 19.03 23.55 -35.47
C ARG D 325 18.34 24.13 -36.73
N LEU D 326 18.45 25.45 -36.90
CA LEU D 326 17.85 26.15 -38.08
C LEU D 326 18.51 25.78 -39.42
N PRO D 327 17.79 25.98 -40.54
CA PRO D 327 18.44 25.62 -41.81
C PRO D 327 19.59 26.58 -42.08
N PHE D 328 20.71 26.07 -42.55
CA PHE D 328 21.81 26.89 -43.08
C PHE D 328 22.47 26.29 -44.33
N GLN D 329 23.23 27.13 -45.03
CA GLN D 329 23.87 26.78 -46.29
C GLN D 329 25.36 26.54 -46.02
N ALA D 330 25.85 25.36 -46.41
CA ALA D 330 27.24 24.95 -46.17
C ALA D 330 28.10 25.20 -47.40
N ARG D 331 29.42 25.23 -47.20
CA ARG D 331 30.41 25.67 -48.21
C ARG D 331 31.27 24.50 -48.61
N TYR D 332 31.36 23.52 -47.72
CA TYR D 332 32.09 22.26 -47.94
C TYR D 332 33.55 22.45 -48.29
N ASP D 333 34.20 23.40 -47.61
CA ASP D 333 35.59 23.79 -47.95
C ASP D 333 36.61 23.79 -46.79
N GLY D 334 36.23 23.27 -45.62
CA GLY D 334 37.07 23.35 -44.43
C GLY D 334 36.81 24.61 -43.60
N THR D 335 35.81 25.39 -43.97
CA THR D 335 35.49 26.60 -43.19
C THR D 335 34.12 26.52 -42.48
N ASP D 336 33.47 25.36 -42.50
CA ASP D 336 32.06 25.23 -41.99
C ASP D 336 31.91 25.23 -40.47
N ARG D 337 30.69 25.56 -40.01
CA ARG D 337 30.29 25.47 -38.60
C ARG D 337 30.76 24.13 -38.11
N TRP D 338 31.46 24.13 -37.00
CA TRP D 338 31.94 22.92 -36.41
C TRP D 338 31.70 22.87 -34.92
N LEU D 339 30.85 21.96 -34.43
CA LEU D 339 30.75 21.81 -32.96
C LEU D 339 31.16 20.41 -32.52
N LYS D 340 31.46 20.32 -31.23
CA LYS D 340 31.70 19.06 -30.59
C LYS D 340 30.56 18.74 -29.65
N ARG D 341 30.26 17.46 -29.57
CA ARG D 341 29.20 17.12 -28.72
C ARG D 341 29.56 15.97 -27.79
N VAL D 342 29.15 16.10 -26.53
CA VAL D 342 29.25 14.98 -25.52
C VAL D 342 27.88 14.69 -24.89
N CYS D 343 27.57 13.40 -24.73
CA CYS D 343 26.37 12.96 -24.05
C CYS D 343 26.72 12.70 -22.58
N VAL D 344 25.88 13.15 -21.67
CA VAL D 344 26.17 13.02 -20.22
C VAL D 344 25.08 12.26 -19.52
N THR D 345 25.44 11.23 -18.76
CA THR D 345 24.43 10.53 -17.97
C THR D 345 24.71 10.77 -16.48
N SER D 346 23.64 10.89 -15.71
CA SER D 346 23.78 11.03 -14.21
C SER D 346 24.03 9.66 -13.59
N ASP D 347 23.62 8.58 -14.24
CA ASP D 347 23.85 7.25 -13.62
C ASP D 347 24.23 6.22 -14.68
N LEU D 348 25.51 6.04 -14.88
CA LEU D 348 26.00 5.06 -15.87
C LEU D 348 25.53 3.60 -15.58
N ARG D 349 25.38 3.24 -14.30
CA ARG D 349 24.95 1.89 -13.92
C ARG D 349 23.49 1.57 -14.31
N ARG D 350 22.63 2.57 -14.40
CA ARG D 350 21.30 2.36 -14.92
C ARG D 350 21.26 1.68 -16.34
N SER D 351 22.27 1.88 -17.18
CA SER D 351 22.24 1.36 -18.56
C SER D 351 23.04 0.10 -18.64
N ARG D 352 23.36 -0.47 -17.48
CA ARG D 352 24.30 -1.60 -17.46
C ARG D 352 23.90 -2.77 -18.40
N GLU D 353 22.62 -3.13 -18.40
CA GLU D 353 22.21 -4.17 -19.32
C GLU D 353 22.52 -3.98 -20.86
N MET D 354 22.57 -2.74 -21.34
CA MET D 354 22.90 -2.48 -22.76
C MET D 354 24.35 -2.16 -23.00
N ARG D 355 25.20 -2.51 -22.04
CA ARG D 355 26.59 -2.22 -22.11
C ARG D 355 27.29 -3.54 -22.02
N ALA D 356 28.27 -3.69 -22.88
CA ALA D 356 28.91 -4.99 -23.12
C ALA D 356 29.66 -5.41 -21.90
N THR D 357 30.31 -4.45 -21.24
CA THR D 357 30.91 -4.68 -19.93
C THR D 357 30.59 -3.55 -18.89
N SER D 358 30.98 -3.77 -17.62
CA SER D 358 30.92 -2.74 -16.56
C SER D 358 31.72 -1.51 -16.95
N ALA D 359 32.88 -1.74 -17.54
CA ALA D 359 33.83 -0.67 -17.83
C ALA D 359 33.40 0.22 -18.96
N THR D 360 32.78 -0.36 -19.98
CA THR D 360 32.59 0.46 -21.20
C THR D 360 31.49 1.51 -20.99
N ARG D 361 31.66 2.62 -21.66
CA ARG D 361 30.66 3.69 -21.68
C ARG D 361 29.83 3.76 -22.96
N LEU D 362 29.86 2.73 -23.80
CA LEU D 362 29.05 2.80 -25.01
C LEU D 362 27.82 1.98 -24.77
N LEU D 363 26.67 2.49 -25.21
CA LEU D 363 25.44 1.71 -25.23
C LEU D 363 25.25 1.07 -26.61
N GLY D 364 24.84 -0.18 -26.61
CA GLY D 364 24.49 -0.86 -27.88
C GLY D 364 25.62 -1.79 -28.28
FE FE E . -38.17 4.92 11.00
FE FE F . -16.11 -31.10 10.16
FE FE G . 21.21 -1.11 7.20
C1 SIN H . 26.34 -1.36 11.35
O1 SIN H . 26.16 -0.73 12.41
O2 SIN H . 27.49 -1.79 10.99
C2 SIN H . 25.06 -1.59 10.57
C3 SIN H . 24.91 -0.49 9.56
C4 SIN H . 23.51 -0.18 9.08
O3 SIN H . 22.50 -0.82 9.48
O4 SIN H . 23.43 0.76 8.25
O ZZU I . 19.06 2.31 8.36
C ZZU I . 18.08 1.56 8.52
OXT ZZU I . 17.01 1.77 7.94
CA ZZU I . 18.24 0.35 9.36
N ZZU I . 17.20 0.32 10.43
CB ZZU I . 17.90 -0.64 8.31
OB ZZU I . 18.98 -0.62 7.31
CG ZZU I . 17.56 -1.92 9.04
CD ZZU I . 16.19 -2.41 8.58
NE ZZU I . 16.28 -3.81 8.25
CZ ZZU I . 15.63 -4.44 7.26
NH2 ZZU I . 14.84 -3.86 6.48
NH1 ZZU I . 15.80 -5.74 7.13
FE FE J . 20.02 16.73 -31.33
C1 SIN K . 23.11 21.91 -33.48
O1 SIN K . 23.71 21.73 -34.55
O2 SIN K . 23.12 23.05 -32.91
C2 SIN K . 22.33 20.76 -32.83
C3 SIN K . 22.66 19.38 -33.45
C4 SIN K . 22.06 18.22 -32.63
O3 SIN K . 21.54 17.26 -33.24
O4 SIN K . 22.11 18.23 -31.37
O ZZU L . 21.35 11.42 -32.64
C ZZU L . 21.61 12.51 -33.13
OXT ZZU L . 22.53 13.20 -32.68
CA ZZU L . 20.79 12.99 -34.28
N ZZU L . 20.82 11.90 -35.30
CB ZZU L . 19.40 13.26 -33.74
OB ZZU L . 19.49 14.17 -32.63
CG ZZU L . 18.53 13.86 -34.83
CD ZZU L . 17.33 12.94 -35.00
NE ZZU L . 16.14 13.75 -35.02
CZ ZZU L . 15.06 13.55 -34.25
NH2 ZZU L . 15.02 12.61 -33.42
NH1 ZZU L . 14.02 14.37 -34.38
#